data_8HQ6
#
_entry.id   8HQ6
#
_cell.length_a   104.752
_cell.length_b   104.752
_cell.length_c   302.806
_cell.angle_alpha   90.00
_cell.angle_beta   90.00
_cell.angle_gamma   90.00
#
_symmetry.space_group_name_H-M   'P 43 21 2'
#
loop_
_entity.id
_entity.type
_entity.pdbx_description
1 polymer 'GTP-binding nuclear protein Ran'
2 polymer 'YRB1 isoform 1'
3 polymer 'CRM1 isoform 1'
4 non-polymer 'MAGNESIUM ION'
5 non-polymer 'NITRATE ION'
6 non-polymer GLYCEROL
7 non-polymer "GUANOSINE-5'-TRIPHOSPHATE"
8 non-polymer 'GLUTAMIC ACID'
9 non-polymer 'CHLORIDE ION'
10 non-polymer 'DIMETHYL SULFOXIDE'
11 non-polymer 'methyl (3~{S},5~{R},6~{E},8~{Z},10~{R},12~{E},14~{E},16~{S})-3,16-bis(azanyl)-8,10,12-trimethyl-16-[(2~{S},4~{R},5~{S},6~{S})-5-methyl-4-oxidanyl-6-[(~{E})-prop-1-enyl]oxan-2-yl]-5-oxidanyl-hexadeca-6,8,12,14-tetraenoate'
12 water water
#
loop_
_entity_poly.entity_id
_entity_poly.type
_entity_poly.pdbx_seq_one_letter_code
_entity_poly.pdbx_strand_id
1 'polypeptide(L)'
;MAAQGEPQVQFKLVLVGDGGTGKTTFVKRHLTGEFEKKYVATLGVEVHPLVFHTNRGPIKFNVWDTAGLEKFGGLRDGYY
IQAQCAIIMFDVTSRVTYKNVPNWHRDLVRVCENIPIVLCGNKVDIKDRKVKAKSIVFHRKKNLQYYDISAKSNYNFEKP
FLWLARKLIGDPNLEFVAMPAAAPPEVVMDPALAAQYEHDLEVAQTTALPDEDDDL
;
A
2 'polypeptide(L)'
;DIHFEPVVHLEKVDVKTMEEDEEVLYKVRAKLFRFDADAKEWKERGTGDCKFLKNKKTNKVRILMRRDKTLKICANHIIA
PEYTLKPNVGSDRSWVYACTADIAEGEAEAFTFAIRFGSKENADKFKEEFEKAQEINKKA
;
B
3 'polypeptide(L)'
;GGSMEGILDFSNDLDIALLDQVVSTFYQGEGVQQKQAQEILTKFQDNPDAWEKVDQILQFSTNPQSKFIALSILDKLITR
KWKLLPNDHRIGIRNFVVGMIISMCQDDEVFKTQKNLINKSDLTLVQILKQEWPQNWPEFIPELIGSSSSSVNVCENNMI
VLKLLSEEVFDFSAEQMTQAKALHLKNSMSKEFEQIFKLCFQVLEQGSSSSLIVATLESLLRYLHWIPYRYIYETNILEL
LSTKFMTSPDTRAITLKCLTEVSNLKIPQDNDLIKRQTVLFFQNTLQQIATSVMPVTADLKATYANANGNDQSFLQDLAM
FLTTYLARNRALLESDESLRELLLNAHQYLIQLSKIEERELFKTTLDYWHNLVADLFYEPLKKHIYEEICSQLRLVIIEN
MVRPEEIQLYKSEREVLVYLTHLNVIDTEEIMISKLARQIDGSEWSWHNINTLSWAIGSISGTMSEDTEKRFVVTVIKDL
LGLCEQKRGKDNKAVVARDIMYVVGEYPRFLKAHWNFLRTVILKLFEFMHETHEGVQDMACDTFIKIVQKCKYHFVIQQP
RESEPFIQTIIRDIQKTTADLQPQQVHTFYKACGIIISEERSVAERNRLLSDLMQLPNMAWDTIVEQSTANPTLLLDSET
VKIIANIIKTNVAVCTSMGADFYPQLGHIYYNMLQLYRAVSSMISTQVAAEGLIATKTPKVRGLRTIKKEILKLVETYIS
KARNLDDVVKVLVEPLLNAVLEDYMNNVPDARDAEVLNCMTTVVEKVGHMIPQGVILILQSVFECTLDMINKDFTEYPEH
RVEFYKLLKVINEKSFAAFLELPPAAFKLFVDAICWAFKHNNRDVEVNGLQIALDLVKNIERMGNVPFANEFHKNYFFIF
VSETFFVLTDSDHKSGFSKQALLLMKLISLVYDNKISVPLYQEAEVPQGTSNQVYLSQYLANMLSNAFPHLTSEQIASFL
SALTKQCKDLVVFKGTLRDFLVQIKEVGGDPTDYLFAEDKENA
;
C
#
# COMPACT_ATOMS: atom_id res chain seq x y z
N VAL A 9 14.13 -15.96 -23.63
CA VAL A 9 13.06 -16.76 -22.97
C VAL A 9 11.82 -15.86 -22.77
N GLN A 10 10.62 -16.43 -22.91
CA GLN A 10 9.37 -15.66 -22.64
C GLN A 10 8.53 -16.35 -21.56
N PHE A 11 7.92 -15.57 -20.67
CA PHE A 11 7.11 -16.10 -19.54
C PHE A 11 5.81 -15.33 -19.46
N LYS A 12 4.69 -16.05 -19.40
CA LYS A 12 3.38 -15.44 -19.15
C LYS A 12 3.31 -15.03 -17.67
N LEU A 13 3.07 -13.75 -17.45
CA LEU A 13 2.90 -13.16 -16.10
C LEU A 13 1.48 -12.62 -16.02
N VAL A 14 0.73 -13.04 -15.01
CA VAL A 14 -0.62 -12.48 -14.76
C VAL A 14 -0.55 -11.55 -13.55
N LEU A 15 -1.13 -10.39 -13.72
CA LEU A 15 -1.18 -9.34 -12.70
C LEU A 15 -2.64 -9.26 -12.26
N VAL A 16 -2.87 -9.52 -10.97
CA VAL A 16 -4.26 -9.53 -10.42
C VAL A 16 -4.32 -8.66 -9.18
N GLY A 17 -5.54 -8.28 -8.79
CA GLY A 17 -5.75 -7.47 -7.58
C GLY A 17 -6.83 -6.44 -7.80
N ASP A 18 -7.33 -5.86 -6.71
CA ASP A 18 -8.53 -5.00 -6.72
C ASP A 18 -8.35 -3.86 -7.71
N GLY A 19 -9.48 -3.35 -8.19
CA GLY A 19 -9.52 -2.14 -9.01
C GLY A 19 -8.78 -1.01 -8.30
N GLY A 20 -7.94 -0.29 -9.04
CA GLY A 20 -7.36 0.97 -8.55
C GLY A 20 -6.16 0.74 -7.65
N THR A 21 -5.65 -0.49 -7.55
CA THR A 21 -4.48 -0.83 -6.71
C THR A 21 -3.18 -0.38 -7.41
N GLY A 22 -3.19 -0.19 -8.73
CA GLY A 22 -1.99 0.31 -9.43
C GLY A 22 -1.37 -0.68 -10.40
N LYS A 23 -2.08 -1.74 -10.78
CA LYS A 23 -1.57 -2.79 -11.71
C LYS A 23 -1.14 -2.13 -13.02
N THR A 24 -2.05 -1.42 -13.68
CA THR A 24 -1.79 -0.87 -15.02
C THR A 24 -0.71 0.22 -14.91
N THR A 25 -0.78 1.02 -13.86
CA THR A 25 0.16 2.14 -13.61
C THR A 25 1.55 1.55 -13.51
N PHE A 26 1.67 0.46 -12.74
CA PHE A 26 2.96 -0.23 -12.51
C PHE A 26 3.52 -0.72 -13.85
N VAL A 27 2.69 -1.41 -14.62
CA VAL A 27 3.16 -2.03 -15.90
C VAL A 27 3.55 -0.90 -16.86
N LYS A 28 2.74 0.14 -16.97
CA LYS A 28 3.00 1.29 -17.86
C LYS A 28 4.33 1.95 -17.50
N ARG A 29 4.57 2.15 -16.21
CA ARG A 29 5.84 2.72 -15.75
C ARG A 29 6.96 1.83 -16.29
N HIS A 30 6.81 0.50 -16.18
CA HIS A 30 7.83 -0.46 -16.65
C HIS A 30 7.96 -0.42 -18.18
N LEU A 31 6.85 -0.26 -18.92
CA LEU A 31 6.83 -0.28 -20.42
C LEU A 31 7.44 1.00 -21.01
N THR A 32 7.01 2.17 -20.54
CA THR A 32 7.28 3.47 -21.20
C THR A 32 8.07 4.42 -20.29
N GLY A 33 8.06 4.19 -18.99
CA GLY A 33 8.67 5.10 -17.99
C GLY A 33 7.68 6.11 -17.43
N GLU A 34 6.47 6.18 -17.99
CA GLU A 34 5.45 7.21 -17.66
C GLU A 34 4.78 6.81 -16.35
N PHE A 35 4.32 7.81 -15.60
CA PHE A 35 3.47 7.61 -14.41
C PHE A 35 2.10 8.15 -14.76
N GLU A 36 1.17 7.26 -15.09
CA GLU A 36 -0.23 7.65 -15.39
C GLU A 36 -0.93 8.00 -14.06
N LYS A 37 -1.33 9.27 -13.88
CA LYS A 37 -2.05 9.76 -12.68
C LYS A 37 -3.53 9.39 -12.78
N LYS A 38 -4.06 9.24 -14.00
CA LYS A 38 -5.52 9.03 -14.19
C LYS A 38 -5.83 7.56 -13.93
N TYR A 39 -6.97 7.28 -13.30
CA TYR A 39 -7.51 5.92 -13.13
C TYR A 39 -8.43 5.60 -14.30
N VAL A 40 -7.95 4.85 -15.28
CA VAL A 40 -8.80 4.29 -16.37
C VAL A 40 -8.82 2.78 -16.11
N ALA A 41 -9.94 2.28 -15.61
CA ALA A 41 -10.13 0.86 -15.25
C ALA A 41 -9.79 0.00 -16.47
N THR A 42 -9.05 -1.09 -16.29
CA THR A 42 -8.73 -2.06 -17.36
C THR A 42 -10.04 -2.77 -17.72
N LEU A 43 -10.31 -2.95 -19.00
CA LEU A 43 -11.46 -3.74 -19.49
C LEU A 43 -10.97 -5.16 -19.80
N GLY A 44 -11.25 -6.12 -18.91
CA GLY A 44 -10.84 -7.52 -19.06
C GLY A 44 -9.35 -7.71 -18.79
N VAL A 45 -8.53 -7.54 -19.81
CA VAL A 45 -7.05 -7.71 -19.71
C VAL A 45 -6.44 -6.80 -20.77
N GLU A 46 -5.24 -6.31 -20.51
CA GLU A 46 -4.32 -5.74 -21.52
C GLU A 46 -3.04 -6.56 -21.47
N VAL A 47 -2.57 -6.99 -22.61
CA VAL A 47 -1.36 -7.85 -22.72
C VAL A 47 -0.25 -7.00 -23.31
N HIS A 48 0.88 -6.91 -22.64
CA HIS A 48 2.06 -6.19 -23.17
C HIS A 48 3.29 -7.04 -22.94
N PRO A 49 4.16 -7.18 -23.96
CA PRO A 49 5.50 -7.70 -23.73
C PRO A 49 6.32 -6.69 -22.91
N LEU A 50 7.14 -7.20 -22.01
CA LEU A 50 8.08 -6.42 -21.17
C LEU A 50 9.41 -7.19 -21.11
N VAL A 51 10.50 -6.58 -21.57
CA VAL A 51 11.81 -7.27 -21.65
C VAL A 51 12.69 -6.64 -20.58
N PHE A 52 13.47 -7.45 -19.88
CA PHE A 52 14.59 -6.99 -19.05
C PHE A 52 15.86 -7.62 -19.60
N HIS A 53 16.95 -6.86 -19.59
CA HIS A 53 18.31 -7.36 -19.90
C HIS A 53 18.92 -7.87 -18.60
N THR A 54 19.40 -9.11 -18.61
CA THR A 54 20.01 -9.78 -17.44
C THR A 54 21.43 -10.23 -17.80
N ASN A 55 22.21 -10.56 -16.77
CA ASN A 55 23.55 -11.15 -16.90
C ASN A 55 23.42 -12.53 -17.57
N ARG A 56 22.21 -13.07 -17.72
CA ARG A 56 21.99 -14.36 -18.42
C ARG A 56 21.23 -14.14 -19.74
N GLY A 57 21.25 -12.91 -20.29
CA GLY A 57 20.55 -12.56 -21.55
C GLY A 57 19.16 -12.01 -21.30
N PRO A 58 18.41 -11.65 -22.37
CA PRO A 58 17.13 -10.96 -22.19
C PRO A 58 16.09 -11.92 -21.62
N ILE A 59 15.18 -11.41 -20.79
CA ILE A 59 13.97 -12.16 -20.34
C ILE A 59 12.74 -11.34 -20.74
N LYS A 60 11.78 -11.99 -21.39
CA LYS A 60 10.54 -11.37 -21.87
C LYS A 60 9.40 -11.85 -20.99
N PHE A 61 8.70 -10.94 -20.34
CA PHE A 61 7.42 -11.24 -19.67
C PHE A 61 6.28 -10.86 -20.59
N ASN A 62 5.41 -11.82 -20.87
N ASN A 62 5.41 -11.81 -20.90
CA ASN A 62 4.09 -11.62 -21.52
CA ASN A 62 4.12 -11.50 -21.55
C ASN A 62 3.14 -11.19 -20.39
C ASN A 62 3.17 -11.17 -20.41
N VAL A 63 2.95 -9.87 -20.21
CA VAL A 63 2.21 -9.33 -19.06
C VAL A 63 0.73 -9.26 -19.40
N TRP A 64 -0.05 -10.06 -18.69
CA TRP A 64 -1.52 -10.10 -18.72
C TRP A 64 -1.99 -9.25 -17.55
N ASP A 65 -2.20 -7.95 -17.80
CA ASP A 65 -2.63 -6.95 -16.80
C ASP A 65 -4.16 -7.01 -16.74
N THR A 66 -4.72 -7.70 -15.74
CA THR A 66 -6.18 -8.04 -15.66
C THR A 66 -6.95 -6.96 -14.90
N ALA A 67 -8.25 -6.93 -15.15
CA ALA A 67 -9.23 -5.99 -14.57
C ALA A 67 -9.54 -6.47 -13.15
N GLY A 68 -9.44 -5.56 -12.19
CA GLY A 68 -9.76 -5.86 -10.80
C GLY A 68 -11.19 -5.51 -10.46
N LEU A 69 -11.87 -4.72 -11.28
CA LEU A 69 -13.27 -4.36 -10.99
C LEU A 69 -14.17 -5.48 -11.52
N GLU A 70 -15.11 -5.92 -10.68
CA GLU A 70 -15.94 -7.10 -10.98
C GLU A 70 -16.65 -6.84 -12.30
N LYS A 71 -17.17 -5.63 -12.53
CA LYS A 71 -18.00 -5.32 -13.72
C LYS A 71 -17.13 -5.29 -14.99
N PHE A 72 -15.81 -5.17 -14.88
CA PHE A 72 -14.90 -5.18 -16.06
C PHE A 72 -14.05 -6.46 -16.06
N GLY A 73 -14.49 -7.48 -15.33
CA GLY A 73 -13.66 -8.68 -15.06
C GLY A 73 -13.34 -9.50 -16.29
N GLY A 74 -14.18 -9.42 -17.33
CA GLY A 74 -14.05 -10.20 -18.57
C GLY A 74 -13.97 -11.69 -18.27
N LEU A 75 -12.90 -12.35 -18.69
CA LEU A 75 -12.75 -13.82 -18.62
C LEU A 75 -12.30 -14.22 -17.23
N ARG A 76 -11.92 -13.27 -16.38
CA ARG A 76 -11.54 -13.55 -14.98
C ARG A 76 -10.42 -14.60 -15.03
N ASP A 77 -10.63 -15.75 -14.40
CA ASP A 77 -9.59 -16.81 -14.25
C ASP A 77 -9.21 -17.37 -15.63
N GLY A 78 -10.06 -17.25 -16.65
CA GLY A 78 -9.71 -17.50 -18.07
C GLY A 78 -8.38 -16.88 -18.45
N TYR A 79 -8.03 -15.71 -17.89
CA TYR A 79 -6.75 -15.02 -18.14
C TYR A 79 -5.57 -15.78 -17.52
N TYR A 80 -5.82 -16.66 -16.54
CA TYR A 80 -4.70 -17.21 -15.74
C TYR A 80 -4.08 -18.42 -16.44
N ILE A 81 -4.77 -19.00 -17.41
CA ILE A 81 -4.37 -20.28 -18.07
C ILE A 81 -2.95 -20.13 -18.61
N GLN A 82 -2.11 -21.11 -18.27
CA GLN A 82 -0.68 -21.28 -18.67
C GLN A 82 0.15 -20.08 -18.22
N ALA A 83 -0.30 -19.33 -17.20
CA ALA A 83 0.57 -18.34 -16.54
C ALA A 83 1.75 -19.10 -15.94
N GLN A 84 2.94 -18.52 -16.01
CA GLN A 84 4.18 -19.12 -15.47
C GLN A 84 4.57 -18.37 -14.21
N CYS A 85 3.96 -17.23 -13.98
CA CYS A 85 4.24 -16.42 -12.78
C CYS A 85 3.11 -15.38 -12.61
N ALA A 86 3.07 -14.73 -11.47
CA ALA A 86 1.99 -13.81 -11.13
C ALA A 86 2.46 -12.78 -10.12
N ILE A 87 1.88 -11.61 -10.23
CA ILE A 87 1.89 -10.55 -9.20
C ILE A 87 0.46 -10.40 -8.71
N ILE A 88 0.29 -10.42 -7.39
CA ILE A 88 -0.97 -10.03 -6.71
C ILE A 88 -0.71 -8.66 -6.12
N MET A 89 -1.51 -7.70 -6.54
CA MET A 89 -1.35 -6.29 -6.13
C MET A 89 -2.45 -5.92 -5.13
N PHE A 90 -2.08 -5.20 -4.10
CA PHE A 90 -3.05 -4.43 -3.29
C PHE A 90 -2.46 -3.03 -3.06
N ASP A 91 -3.23 -2.22 -2.39
CA ASP A 91 -2.93 -0.80 -2.13
C ASP A 91 -2.82 -0.65 -0.63
N VAL A 92 -1.64 -0.29 -0.13
CA VAL A 92 -1.45 -0.18 1.35
C VAL A 92 -2.29 0.98 1.90
N THR A 93 -2.89 1.84 1.06
CA THR A 93 -3.81 2.91 1.55
C THR A 93 -5.27 2.42 1.58
N SER A 94 -5.57 1.19 1.13
CA SER A 94 -6.96 0.68 1.06
C SER A 94 -7.04 -0.72 1.66
N ARG A 95 -7.52 -0.81 2.90
CA ARG A 95 -7.58 -2.07 3.66
C ARG A 95 -8.37 -3.12 2.89
N VAL A 96 -9.47 -2.76 2.25
CA VAL A 96 -10.32 -3.76 1.54
C VAL A 96 -9.43 -4.48 0.51
N THR A 97 -8.44 -3.78 -0.07
CA THR A 97 -7.65 -4.37 -1.19
C THR A 97 -6.79 -5.48 -0.61
N TYR A 98 -6.35 -5.34 0.65
CA TYR A 98 -5.56 -6.39 1.31
C TYR A 98 -6.49 -7.53 1.73
N LYS A 99 -7.66 -7.19 2.24
CA LYS A 99 -8.69 -8.19 2.64
C LYS A 99 -9.03 -9.07 1.43
N ASN A 100 -8.96 -8.53 0.21
CA ASN A 100 -9.31 -9.30 -1.01
C ASN A 100 -8.15 -10.13 -1.53
N VAL A 101 -6.93 -9.94 -1.02
CA VAL A 101 -5.72 -10.67 -1.49
C VAL A 101 -5.96 -12.20 -1.43
N PRO A 102 -6.52 -12.79 -0.35
CA PRO A 102 -6.79 -14.22 -0.34
C PRO A 102 -7.74 -14.67 -1.44
N ASN A 103 -8.64 -13.79 -1.88
CA ASN A 103 -9.67 -14.14 -2.92
C ASN A 103 -8.93 -14.20 -4.27
N TRP A 104 -8.06 -13.23 -4.54
CA TRP A 104 -7.26 -13.21 -5.79
C TRP A 104 -6.34 -14.44 -5.78
N HIS A 105 -5.65 -14.68 -4.66
CA HIS A 105 -4.72 -15.82 -4.53
C HIS A 105 -5.49 -17.10 -4.82
N ARG A 106 -6.65 -17.27 -4.18
CA ARG A 106 -7.49 -18.47 -4.34
C ARG A 106 -7.74 -18.72 -5.83
N ASP A 107 -8.23 -17.71 -6.55
CA ASP A 107 -8.69 -17.82 -7.95
C ASP A 107 -7.47 -18.13 -8.82
N LEU A 108 -6.35 -17.52 -8.51
CA LEU A 108 -5.09 -17.69 -9.28
C LEU A 108 -4.54 -19.11 -9.14
N VAL A 109 -4.35 -19.63 -7.91
CA VAL A 109 -3.63 -20.91 -7.69
C VAL A 109 -4.53 -22.08 -8.05
N ARG A 110 -5.83 -21.88 -8.11
CA ARG A 110 -6.73 -22.93 -8.62
C ARG A 110 -6.42 -23.20 -10.08
N VAL A 111 -6.00 -22.19 -10.83
CA VAL A 111 -5.65 -22.34 -12.27
C VAL A 111 -4.15 -22.59 -12.43
N CYS A 112 -3.31 -21.97 -11.59
CA CYS A 112 -1.81 -21.99 -11.69
C CYS A 112 -1.24 -22.54 -10.39
N GLU A 113 -1.06 -23.86 -10.36
CA GLU A 113 -0.86 -24.60 -9.09
C GLU A 113 0.56 -24.42 -8.55
N ASN A 114 1.54 -24.22 -9.42
CA ASN A 114 2.95 -24.31 -8.97
C ASN A 114 3.76 -23.20 -9.64
N ILE A 115 3.37 -21.94 -9.42
CA ILE A 115 4.05 -20.81 -10.10
C ILE A 115 4.60 -19.86 -9.05
N PRO A 116 5.75 -19.23 -9.32
CA PRO A 116 6.24 -18.18 -8.45
C PRO A 116 5.27 -16.98 -8.50
N ILE A 117 4.92 -16.48 -7.32
CA ILE A 117 3.96 -15.38 -7.15
C ILE A 117 4.55 -14.35 -6.19
N VAL A 118 4.48 -13.09 -6.58
CA VAL A 118 4.87 -11.94 -5.72
C VAL A 118 3.61 -11.21 -5.31
N LEU A 119 3.46 -11.02 -4.01
CA LEU A 119 2.48 -10.09 -3.42
C LEU A 119 3.12 -8.71 -3.32
N CYS A 120 2.44 -7.71 -3.86
CA CYS A 120 2.91 -6.32 -3.91
C CYS A 120 1.94 -5.41 -3.20
N GLY A 121 2.41 -4.75 -2.13
CA GLY A 121 1.66 -3.68 -1.50
C GLY A 121 2.07 -2.38 -2.12
N ASN A 122 1.20 -1.79 -2.93
CA ASN A 122 1.53 -0.60 -3.74
C ASN A 122 1.13 0.64 -2.97
N LYS A 123 1.69 1.77 -3.41
CA LYS A 123 1.39 3.14 -2.95
C LYS A 123 1.99 3.39 -1.56
N VAL A 124 3.17 2.83 -1.29
CA VAL A 124 3.86 3.10 0.01
C VAL A 124 4.37 4.54 0.01
N ASP A 125 4.29 5.28 -1.11
CA ASP A 125 4.71 6.70 -1.16
C ASP A 125 3.74 7.57 -0.35
N ILE A 126 2.51 7.10 -0.14
CA ILE A 126 1.43 7.88 0.52
C ILE A 126 1.65 7.79 2.03
N LYS A 127 1.69 8.96 2.68
CA LYS A 127 2.04 9.14 4.11
C LYS A 127 1.04 8.35 4.97
N ASP A 128 -0.26 8.46 4.67
CA ASP A 128 -1.34 7.87 5.50
C ASP A 128 -1.56 6.42 5.09
N ARG A 129 -0.63 5.54 5.45
CA ARG A 129 -0.70 4.09 5.10
C ARG A 129 -1.76 3.44 5.97
N LYS A 130 -2.67 2.63 5.42
CA LYS A 130 -3.78 2.01 6.18
C LYS A 130 -3.48 0.52 6.40
N VAL A 131 -2.78 -0.13 5.49
CA VAL A 131 -2.41 -1.56 5.70
C VAL A 131 -0.98 -1.59 6.23
N LYS A 132 -0.84 -1.68 7.55
CA LYS A 132 0.47 -1.58 8.21
C LYS A 132 1.25 -2.88 8.02
N ALA A 133 2.57 -2.74 8.03
CA ALA A 133 3.57 -3.82 7.86
C ALA A 133 3.14 -5.05 8.67
N LYS A 134 2.86 -4.88 9.95
CA LYS A 134 2.53 -5.98 10.87
C LYS A 134 1.28 -6.76 10.39
N SER A 135 0.36 -6.12 9.69
CA SER A 135 -0.87 -6.80 9.18
C SER A 135 -0.54 -7.74 8.02
N ILE A 136 0.54 -7.49 7.29
CA ILE A 136 0.77 -8.16 5.97
C ILE A 136 1.54 -9.46 6.24
N VAL A 137 0.80 -10.55 6.35
CA VAL A 137 1.35 -11.89 6.71
C VAL A 137 0.81 -12.95 5.76
N PHE A 138 -0.10 -12.60 4.86
CA PHE A 138 -0.81 -13.61 4.03
C PHE A 138 0.21 -14.41 3.20
N HIS A 139 1.28 -13.76 2.76
CA HIS A 139 2.28 -14.38 1.85
C HIS A 139 2.99 -15.57 2.54
N ARG A 140 3.09 -15.60 3.87
CA ARG A 140 4.05 -16.49 4.56
C ARG A 140 3.62 -17.96 4.33
N LYS A 141 2.39 -18.31 4.69
CA LYS A 141 1.92 -19.71 4.52
C LYS A 141 1.70 -20.01 3.03
N LYS A 142 1.64 -19.00 2.17
CA LYS A 142 1.35 -19.24 0.74
C LYS A 142 2.64 -19.23 -0.07
N ASN A 143 3.79 -19.04 0.59
CA ASN A 143 5.12 -19.02 -0.06
C ASN A 143 5.14 -17.94 -1.14
N LEU A 144 4.50 -16.82 -0.91
CA LEU A 144 4.61 -15.68 -1.87
C LEU A 144 5.77 -14.81 -1.44
N GLN A 145 6.51 -14.27 -2.40
CA GLN A 145 7.43 -13.17 -2.08
C GLN A 145 6.55 -11.95 -1.82
N TYR A 146 6.97 -11.06 -0.94
CA TYR A 146 6.26 -9.81 -0.67
C TYR A 146 7.22 -8.64 -0.91
N TYR A 147 6.73 -7.57 -1.55
CA TYR A 147 7.44 -6.28 -1.57
C TYR A 147 6.44 -5.17 -1.35
N ASP A 148 6.80 -4.23 -0.49
CA ASP A 148 6.28 -2.84 -0.52
C ASP A 148 6.76 -2.22 -1.83
N ILE A 149 5.87 -1.68 -2.64
CA ILE A 149 6.29 -0.98 -3.89
C ILE A 149 5.58 0.37 -3.98
N SER A 150 6.14 1.26 -4.79
CA SER A 150 5.43 2.47 -5.28
C SER A 150 5.73 2.64 -6.76
N ALA A 151 4.70 2.45 -7.59
CA ALA A 151 4.74 2.80 -9.01
C ALA A 151 5.05 4.30 -9.11
N LYS A 152 4.77 5.09 -8.08
CA LYS A 152 4.92 6.57 -8.16
C LYS A 152 6.33 7.00 -7.82
N SER A 153 6.90 6.49 -6.74
CA SER A 153 8.25 6.87 -6.26
C SER A 153 9.31 5.92 -6.85
N ASN A 154 8.88 4.80 -7.45
CA ASN A 154 9.73 3.71 -8.01
C ASN A 154 10.32 2.87 -6.86
N TYR A 155 9.81 3.02 -5.65
CA TYR A 155 10.28 2.24 -4.48
C TYR A 155 10.15 0.74 -4.81
N ASN A 156 11.26 0.00 -4.78
CA ASN A 156 11.31 -1.47 -5.06
C ASN A 156 10.66 -1.81 -6.40
N PHE A 157 10.58 -0.89 -7.36
CA PHE A 157 9.66 -1.15 -8.49
C PHE A 157 10.21 -2.23 -9.42
N GLU A 158 11.51 -2.50 -9.37
CA GLU A 158 12.12 -3.57 -10.19
C GLU A 158 12.07 -4.92 -9.46
N LYS A 159 11.81 -4.95 -8.15
CA LYS A 159 12.02 -6.15 -7.31
C LYS A 159 11.09 -7.27 -7.75
N PRO A 160 9.79 -7.03 -8.03
CA PRO A 160 8.91 -8.15 -8.39
C PRO A 160 9.46 -8.91 -9.60
N PHE A 161 9.89 -8.19 -10.63
CA PHE A 161 10.38 -8.81 -11.88
C PHE A 161 11.73 -9.50 -11.66
N LEU A 162 12.62 -8.89 -10.87
CA LEU A 162 13.92 -9.48 -10.59
C LEU A 162 13.71 -10.82 -9.88
N TRP A 163 12.79 -10.84 -8.91
CA TRP A 163 12.56 -12.06 -8.11
C TRP A 163 11.97 -13.13 -9.02
N LEU A 164 10.97 -12.77 -9.80
CA LEU A 164 10.34 -13.74 -10.73
C LEU A 164 11.38 -14.21 -11.76
N ALA A 165 12.22 -13.32 -12.28
CA ALA A 165 13.26 -13.69 -13.28
C ALA A 165 14.17 -14.78 -12.66
N ARG A 166 14.58 -14.56 -11.42
CA ARG A 166 15.48 -15.48 -10.71
C ARG A 166 14.78 -16.82 -10.52
N LYS A 167 13.50 -16.78 -10.18
CA LYS A 167 12.70 -18.01 -9.99
C LYS A 167 12.53 -18.74 -11.33
N LEU A 168 12.11 -18.06 -12.39
CA LEU A 168 11.83 -18.69 -13.71
C LEU A 168 13.10 -19.19 -14.38
N ILE A 169 14.21 -18.45 -14.32
CA ILE A 169 15.50 -18.85 -14.96
C ILE A 169 16.17 -19.90 -14.07
N GLY A 170 15.84 -19.95 -12.78
CA GLY A 170 16.43 -20.90 -11.82
C GLY A 170 17.85 -20.51 -11.48
N ASP A 171 18.13 -19.21 -11.40
CA ASP A 171 19.49 -18.66 -11.10
C ASP A 171 19.31 -17.53 -10.08
N PRO A 172 19.69 -17.76 -8.81
CA PRO A 172 19.42 -16.79 -7.75
C PRO A 172 20.38 -15.58 -7.82
N ASN A 173 21.41 -15.65 -8.66
CA ASN A 173 22.43 -14.58 -8.87
C ASN A 173 22.14 -13.76 -10.12
N LEU A 174 21.05 -14.05 -10.83
CA LEU A 174 20.64 -13.28 -12.02
C LEU A 174 20.54 -11.81 -11.58
N GLU A 175 21.15 -10.90 -12.34
CA GLU A 175 21.03 -9.43 -12.09
C GLU A 175 20.44 -8.82 -13.35
N PHE A 176 19.70 -7.72 -13.22
CA PHE A 176 19.43 -6.79 -14.33
C PHE A 176 20.73 -6.09 -14.66
N VAL A 177 21.03 -5.95 -15.94
CA VAL A 177 22.28 -5.32 -16.41
C VAL A 177 21.89 -4.14 -17.32
N ALA A 178 22.78 -3.18 -17.47
CA ALA A 178 22.57 -2.02 -18.35
C ALA A 178 22.38 -2.53 -19.79
N MET A 179 21.21 -2.32 -20.38
CA MET A 179 20.97 -2.69 -21.81
C MET A 179 21.99 -1.96 -22.67
N PRO A 180 22.69 -2.65 -23.61
CA PRO A 180 23.70 -1.99 -24.44
C PRO A 180 23.18 -0.74 -25.17
N ALA A 181 24.06 0.22 -25.43
CA ALA A 181 23.71 1.61 -25.84
C ALA A 181 24.39 1.92 -27.16
N ALA A 182 23.73 1.58 -28.27
CA ALA A 182 24.30 1.79 -29.63
C ALA A 182 24.55 3.30 -29.82
N ALA A 183 25.61 3.63 -30.55
CA ALA A 183 25.95 4.99 -31.04
C ALA A 183 24.74 5.54 -31.78
N PRO A 184 24.18 6.70 -31.38
CA PRO A 184 22.99 7.24 -32.04
C PRO A 184 23.35 7.89 -33.36
N PRO A 185 22.44 7.92 -34.36
CA PRO A 185 22.74 8.52 -35.66
C PRO A 185 22.82 10.06 -35.64
N GLU A 186 23.69 10.59 -36.50
CA GLU A 186 23.89 12.04 -36.76
C GLU A 186 22.62 12.57 -37.42
N VAL A 187 22.26 13.82 -37.14
CA VAL A 187 20.91 14.34 -37.49
C VAL A 187 21.07 15.22 -38.73
N VAL A 188 20.16 15.06 -39.69
CA VAL A 188 19.96 16.03 -40.81
C VAL A 188 18.65 16.78 -40.53
N MET A 189 18.74 18.07 -40.19
CA MET A 189 17.53 18.94 -40.03
C MET A 189 16.87 19.08 -41.41
N ASP A 190 15.58 18.71 -41.49
CA ASP A 190 14.75 18.80 -42.72
C ASP A 190 14.20 20.22 -42.84
N PRO A 191 14.62 21.01 -43.86
CA PRO A 191 14.21 22.41 -43.95
C PRO A 191 12.69 22.56 -44.09
N ALA A 192 12.04 21.58 -44.72
CA ALA A 192 10.57 21.54 -44.94
C ALA A 192 9.83 21.44 -43.59
N LEU A 193 10.37 20.74 -42.59
CA LEU A 193 9.71 20.54 -41.25
C LEU A 193 10.09 21.65 -40.25
N ALA A 194 10.89 22.64 -40.65
CA ALA A 194 11.37 23.78 -39.82
C ALA A 194 10.20 24.42 -39.07
N ALA A 195 9.24 24.97 -39.82
CA ALA A 195 8.01 25.63 -39.31
C ALA A 195 7.19 24.62 -38.51
N GLN A 196 7.15 23.35 -38.94
CA GLN A 196 6.49 22.23 -38.21
C GLN A 196 7.01 22.20 -36.76
N TYR A 197 8.33 22.17 -36.57
CA TYR A 197 8.94 21.98 -35.22
C TYR A 197 8.66 23.21 -34.36
N GLU A 198 8.84 24.42 -34.90
CA GLU A 198 8.56 25.69 -34.17
C GLU A 198 7.20 25.55 -33.47
N HIS A 199 6.15 25.12 -34.20
CA HIS A 199 4.78 24.91 -33.67
C HIS A 199 4.86 23.99 -32.45
N ASP A 200 5.29 22.76 -32.72
CA ASP A 200 5.27 21.65 -31.75
C ASP A 200 6.05 22.04 -30.50
N LEU A 201 7.19 22.73 -30.67
CA LEU A 201 8.05 23.17 -29.56
C LEU A 201 7.32 24.24 -28.73
N GLU A 202 6.66 25.17 -29.41
CA GLU A 202 5.79 26.24 -28.84
C GLU A 202 4.79 25.63 -27.86
N VAL A 203 3.99 24.67 -28.32
CA VAL A 203 2.95 23.97 -27.51
C VAL A 203 3.60 23.30 -26.29
N ALA A 204 4.70 22.59 -26.50
CA ALA A 204 5.41 21.84 -25.45
C ALA A 204 5.96 22.79 -24.36
N GLN A 205 6.58 23.90 -24.75
CA GLN A 205 7.13 24.93 -23.83
C GLN A 205 6.03 25.54 -22.94
N THR A 206 4.80 25.66 -23.45
CA THR A 206 3.67 26.36 -22.79
C THR A 206 2.74 25.33 -22.14
N THR A 207 3.05 24.04 -22.23
CA THR A 207 2.42 23.03 -21.37
C THR A 207 3.35 22.78 -20.19
N ALA A 208 2.83 22.97 -18.98
CA ALA A 208 3.60 22.82 -17.73
C ALA A 208 4.02 21.37 -17.58
N LEU A 209 5.25 21.16 -17.15
CA LEU A 209 5.73 19.85 -16.69
C LEU A 209 4.96 19.50 -15.41
N PRO A 210 4.53 18.24 -15.22
CA PRO A 210 3.82 17.84 -14.02
C PRO A 210 4.76 17.76 -12.80
N ASP A 211 4.17 17.89 -11.59
CA ASP A 211 4.81 17.56 -10.29
C ASP A 211 6.05 18.42 -10.09
N GLU A 212 5.93 19.73 -10.32
CA GLU A 212 7.06 20.69 -10.26
C GLU A 212 7.57 20.81 -8.81
N ASP A 213 6.89 20.20 -7.83
CA ASP A 213 7.33 20.19 -6.40
C ASP A 213 8.08 18.89 -6.06
N ASP A 214 8.19 17.93 -6.98
CA ASP A 214 9.00 16.69 -6.74
C ASP A 214 10.51 16.99 -6.79
N ASP A 215 11.29 16.09 -6.18
CA ASP A 215 12.76 16.17 -6.10
C ASP A 215 13.35 16.26 -7.50
N LEU A 216 12.91 15.40 -8.44
CA LEU A 216 13.10 15.57 -9.90
C LEU A 216 11.73 15.53 -10.60
N PHE B 4 51.65 -26.06 -8.21
CA PHE B 4 50.24 -26.46 -7.89
C PHE B 4 49.25 -25.71 -8.78
N GLU B 5 48.56 -26.44 -9.68
CA GLU B 5 47.55 -25.88 -10.63
C GLU B 5 46.46 -25.18 -9.82
N PRO B 6 46.12 -23.91 -10.11
CA PRO B 6 45.07 -23.21 -9.35
C PRO B 6 43.64 -23.65 -9.74
N VAL B 7 42.65 -23.29 -8.92
CA VAL B 7 41.19 -23.49 -9.17
C VAL B 7 40.82 -22.70 -10.44
N VAL B 8 40.00 -23.29 -11.33
CA VAL B 8 39.67 -22.72 -12.67
C VAL B 8 39.06 -21.32 -12.52
N THR B 17 27.43 -2.84 -22.31
CA THR B 17 26.81 -1.49 -22.15
C THR B 17 27.07 -0.63 -23.41
N MET B 18 28.22 -0.81 -24.07
CA MET B 18 28.68 0.00 -25.24
C MET B 18 29.01 1.46 -24.80
N GLU B 19 29.62 1.63 -23.62
CA GLU B 19 30.04 2.95 -23.06
C GLU B 19 31.54 2.94 -22.71
N GLU B 20 32.23 1.84 -23.01
CA GLU B 20 33.66 1.61 -22.67
C GLU B 20 34.55 2.49 -23.57
N ASP B 21 34.07 2.87 -24.76
CA ASP B 21 34.80 3.67 -25.77
C ASP B 21 34.59 5.17 -25.52
N GLU B 22 33.98 5.54 -24.38
CA GLU B 22 33.46 6.93 -24.18
C GLU B 22 34.00 7.51 -22.88
N GLU B 23 34.33 8.79 -22.88
CA GLU B 23 34.71 9.59 -21.68
C GLU B 23 33.41 10.24 -21.17
N VAL B 24 33.17 10.21 -19.86
CA VAL B 24 32.02 10.91 -19.20
C VAL B 24 32.42 12.38 -18.97
N LEU B 25 31.88 13.30 -19.79
CA LEU B 25 32.18 14.75 -19.72
C LEU B 25 31.38 15.40 -18.58
N TYR B 26 30.15 14.94 -18.39
CA TYR B 26 29.21 15.54 -17.42
C TYR B 26 28.24 14.43 -17.00
N LYS B 27 27.85 14.47 -15.74
CA LYS B 27 26.88 13.52 -15.14
C LYS B 27 25.96 14.35 -14.24
N VAL B 28 24.65 14.15 -14.34
CA VAL B 28 23.67 14.86 -13.46
C VAL B 28 22.37 14.04 -13.37
N ARG B 29 21.83 13.95 -12.16
CA ARG B 29 20.50 13.36 -11.89
C ARG B 29 19.45 14.22 -12.60
N ALA B 30 18.51 13.57 -13.28
CA ALA B 30 17.47 14.27 -14.06
C ALA B 30 16.25 13.38 -14.20
N LYS B 31 15.14 14.03 -14.55
CA LYS B 31 13.88 13.39 -14.95
C LYS B 31 13.60 13.87 -16.37
N LEU B 32 13.41 12.93 -17.28
CA LEU B 32 13.18 13.17 -18.72
C LEU B 32 11.73 12.88 -19.05
N PHE B 33 11.15 13.81 -19.79
CA PHE B 33 9.76 13.76 -20.29
C PHE B 33 9.80 13.82 -21.82
N ARG B 34 8.81 13.24 -22.44
CA ARG B 34 8.56 13.40 -23.89
C ARG B 34 7.16 13.98 -24.04
N PHE B 35 6.99 14.89 -24.99
CA PHE B 35 5.67 15.52 -25.22
C PHE B 35 4.88 14.60 -26.15
N ASP B 36 3.63 14.33 -25.72
CA ASP B 36 2.70 13.52 -26.55
C ASP B 36 1.66 14.50 -27.09
N ALA B 37 1.84 14.97 -28.33
CA ALA B 37 0.92 15.98 -28.90
C ALA B 37 -0.51 15.45 -28.88
N ASP B 38 -0.69 14.15 -29.11
CA ASP B 38 -2.05 13.57 -29.18
C ASP B 38 -2.80 13.92 -27.88
N ALA B 39 -2.16 13.69 -26.73
CA ALA B 39 -2.78 14.00 -25.42
C ALA B 39 -2.38 15.43 -25.02
N LYS B 40 -1.55 16.07 -25.83
CA LYS B 40 -1.07 17.43 -25.50
C LYS B 40 -0.60 17.43 -24.04
N GLU B 41 0.23 16.44 -23.67
CA GLU B 41 0.67 16.33 -22.27
C GLU B 41 2.08 15.76 -22.18
N TRP B 42 2.86 16.22 -21.20
CA TRP B 42 4.20 15.65 -20.95
C TRP B 42 4.08 14.27 -20.31
N LYS B 43 4.84 13.30 -20.78
CA LYS B 43 4.89 11.96 -20.15
C LYS B 43 6.33 11.65 -19.75
N GLU B 44 6.52 11.25 -18.50
CA GLU B 44 7.85 10.81 -18.03
C GLU B 44 8.37 9.71 -18.94
N ARG B 45 9.66 9.77 -19.23
CA ARG B 45 10.35 8.66 -19.94
C ARG B 45 11.34 8.00 -18.99
N GLY B 46 11.85 8.71 -18.00
CA GLY B 46 12.74 8.06 -17.04
C GLY B 46 13.34 9.05 -16.10
N THR B 47 13.88 8.52 -15.01
CA THR B 47 14.62 9.28 -13.98
C THR B 47 15.95 8.56 -13.76
N GLY B 48 17.05 9.31 -13.70
CA GLY B 48 18.36 8.71 -13.38
C GLY B 48 19.49 9.59 -13.86
N ASP B 49 20.68 9.02 -14.01
CA ASP B 49 21.90 9.76 -14.37
C ASP B 49 21.80 10.09 -15.86
N CYS B 50 21.72 11.37 -16.17
CA CYS B 50 21.93 11.89 -17.53
C CYS B 50 23.44 12.13 -17.69
N LYS B 51 24.04 11.51 -18.70
CA LYS B 51 25.49 11.54 -18.94
C LYS B 51 25.75 12.11 -20.33
N PHE B 52 26.76 12.96 -20.45
CA PHE B 52 27.30 13.42 -21.75
C PHE B 52 28.54 12.57 -22.02
N LEU B 53 28.47 11.73 -23.03
CA LEU B 53 29.55 10.76 -23.35
C LEU B 53 30.25 11.18 -24.63
N LYS B 54 31.55 11.43 -24.52
CA LYS B 54 32.44 11.76 -25.66
C LYS B 54 33.07 10.45 -26.13
N ASN B 55 32.73 10.06 -27.36
CA ASN B 55 33.26 8.85 -28.04
C ASN B 55 34.74 9.11 -28.36
N LYS B 56 35.65 8.27 -27.86
CA LYS B 56 37.11 8.54 -27.93
C LYS B 56 37.60 8.34 -29.36
N LYS B 57 36.78 7.78 -30.26
CA LYS B 57 37.14 7.52 -31.68
C LYS B 57 36.75 8.71 -32.55
N THR B 58 35.49 9.17 -32.44
CA THR B 58 34.85 10.19 -33.32
C THR B 58 34.86 11.57 -32.65
N ASN B 59 35.17 11.64 -31.35
CA ASN B 59 35.08 12.88 -30.51
C ASN B 59 33.64 13.41 -30.48
N LYS B 60 32.64 12.58 -30.83
CA LYS B 60 31.21 12.96 -30.84
C LYS B 60 30.64 12.81 -29.43
N VAL B 61 29.91 13.81 -28.96
CA VAL B 61 29.25 13.80 -27.61
C VAL B 61 27.76 13.49 -27.77
N ARG B 62 27.28 12.49 -27.03
CA ARG B 62 25.85 12.11 -26.98
C ARG B 62 25.33 12.32 -25.56
N ILE B 63 24.03 12.48 -25.45
CA ILE B 63 23.31 12.29 -24.16
C ILE B 63 22.99 10.80 -24.03
N LEU B 64 23.43 10.20 -22.94
CA LEU B 64 22.97 8.83 -22.60
C LEU B 64 22.34 8.86 -21.20
N MET B 65 21.07 8.54 -21.15
CA MET B 65 20.33 8.58 -19.86
C MET B 65 19.71 7.19 -19.62
N ARG B 66 19.91 6.69 -18.40
CA ARG B 66 19.44 5.36 -17.97
C ARG B 66 18.57 5.52 -16.73
N ARG B 67 17.50 4.73 -16.67
CA ARG B 67 16.53 4.75 -15.54
C ARG B 67 17.18 4.10 -14.30
N ASP B 68 16.98 4.70 -13.14
CA ASP B 68 17.21 4.04 -11.84
C ASP B 68 16.64 2.60 -11.86
N LYS B 69 17.33 1.69 -11.17
CA LYS B 69 16.92 0.30 -10.83
C LYS B 69 17.02 -0.60 -12.06
N THR B 70 16.34 -0.25 -13.17
CA THR B 70 16.26 -1.12 -14.38
C THR B 70 17.46 -0.87 -15.31
N LEU B 71 18.02 0.36 -15.27
CA LEU B 71 19.16 0.83 -16.10
C LEU B 71 18.78 0.83 -17.59
N LYS B 72 17.49 0.80 -17.91
CA LYS B 72 17.00 0.90 -19.29
C LYS B 72 17.23 2.33 -19.80
N ILE B 73 17.61 2.42 -21.07
CA ILE B 73 17.99 3.70 -21.73
C ILE B 73 16.71 4.51 -21.91
N CYS B 74 16.68 5.78 -21.49
CA CYS B 74 15.50 6.65 -21.74
C CYS B 74 15.88 7.79 -22.68
N ALA B 75 17.18 8.00 -22.92
CA ALA B 75 17.66 8.92 -23.95
C ALA B 75 18.98 8.39 -24.48
N ASN B 76 19.13 8.49 -25.80
CA ASN B 76 20.36 8.13 -26.52
C ASN B 76 20.33 8.89 -27.85
N HIS B 77 21.03 10.03 -27.89
CA HIS B 77 21.05 10.94 -29.06
C HIS B 77 22.28 11.84 -29.00
N ILE B 78 22.75 12.20 -30.19
CA ILE B 78 23.84 13.18 -30.36
C ILE B 78 23.31 14.53 -29.88
N ILE B 79 24.14 15.27 -29.14
CA ILE B 79 23.84 16.69 -28.80
C ILE B 79 24.09 17.52 -30.06
N ALA B 80 23.14 17.48 -31.00
CA ALA B 80 23.25 18.13 -32.33
C ALA B 80 23.46 19.63 -32.12
N PRO B 81 24.44 20.22 -32.84
CA PRO B 81 24.68 21.66 -32.81
C PRO B 81 23.43 22.51 -33.06
N GLU B 82 22.47 21.99 -33.83
CA GLU B 82 21.23 22.70 -34.24
C GLU B 82 20.18 22.67 -33.13
N TYR B 83 20.39 21.92 -32.05
CA TYR B 83 19.39 21.90 -30.94
C TYR B 83 19.48 23.19 -30.14
N THR B 84 18.35 23.59 -29.55
CA THR B 84 18.22 24.78 -28.68
C THR B 84 17.41 24.40 -27.46
N LEU B 85 18.01 24.57 -26.28
CA LEU B 85 17.37 24.42 -24.94
C LEU B 85 16.49 25.64 -24.68
N LYS B 86 15.21 25.40 -24.42
CA LYS B 86 14.18 26.44 -24.25
C LYS B 86 13.57 26.25 -22.88
N PRO B 87 13.20 27.32 -22.15
CA PRO B 87 12.60 27.16 -20.83
C PRO B 87 11.22 26.54 -21.03
N ASN B 88 10.74 25.85 -19.99
CA ASN B 88 9.33 25.43 -19.86
C ASN B 88 8.63 26.46 -18.97
N VAL B 89 7.40 26.85 -19.35
CA VAL B 89 6.54 27.83 -18.64
C VAL B 89 6.45 27.47 -17.14
N GLY B 90 6.50 26.18 -16.77
CA GLY B 90 6.20 25.73 -15.40
C GLY B 90 7.41 25.70 -14.49
N SER B 91 8.61 25.83 -15.02
CA SER B 91 9.84 25.41 -14.30
C SER B 91 10.96 26.41 -14.50
N ASP B 92 11.77 26.61 -13.47
CA ASP B 92 13.05 27.36 -13.55
C ASP B 92 14.23 26.38 -13.52
N ARG B 93 13.99 25.07 -13.69
CA ARG B 93 15.02 24.01 -13.52
C ARG B 93 14.85 22.92 -14.58
N SER B 94 14.38 23.29 -15.77
CA SER B 94 14.05 22.36 -16.88
C SER B 94 14.44 22.99 -18.22
N TRP B 95 14.76 22.17 -19.20
CA TRP B 95 14.94 22.58 -20.61
C TRP B 95 14.02 21.74 -21.47
N VAL B 96 13.40 22.35 -22.48
CA VAL B 96 12.74 21.58 -23.55
C VAL B 96 13.54 21.81 -24.84
N TYR B 97 13.71 20.74 -25.60
CA TYR B 97 14.33 20.83 -26.94
C TYR B 97 13.71 19.75 -27.84
N ALA B 98 13.73 20.01 -29.14
CA ALA B 98 13.44 19.03 -30.20
C ALA B 98 14.67 18.14 -30.33
N CYS B 99 14.45 16.84 -30.35
CA CYS B 99 15.46 15.85 -30.76
C CYS B 99 14.98 15.18 -32.05
N THR B 100 15.76 15.17 -33.11
CA THR B 100 15.28 14.61 -34.40
C THR B 100 15.54 13.09 -34.46
N ALA B 101 16.42 12.54 -33.62
CA ALA B 101 16.85 11.12 -33.77
C ALA B 101 17.34 10.57 -32.43
N ASP B 102 16.41 10.07 -31.63
CA ASP B 102 16.73 9.40 -30.36
C ASP B 102 16.51 7.90 -30.57
N ILE B 103 17.43 7.07 -30.07
CA ILE B 103 17.38 5.59 -30.27
C ILE B 103 17.23 4.85 -28.93
N ALA B 104 16.74 5.50 -27.87
CA ALA B 104 16.45 4.82 -26.58
C ALA B 104 15.63 3.55 -26.83
N GLU B 105 14.54 3.64 -27.62
CA GLU B 105 13.60 2.52 -27.93
C GLU B 105 13.91 1.95 -29.31
N GLY B 106 15.17 1.93 -29.74
CA GLY B 106 15.61 1.22 -30.96
C GLY B 106 15.60 2.12 -32.18
N GLU B 107 14.46 2.23 -32.86
CA GLU B 107 14.33 2.94 -34.15
C GLU B 107 14.41 4.47 -33.94
N ALA B 108 15.35 5.16 -34.59
CA ALA B 108 15.54 6.62 -34.44
C ALA B 108 14.19 7.31 -34.59
N GLU B 109 13.79 8.11 -33.61
CA GLU B 109 12.50 8.84 -33.62
C GLU B 109 12.78 10.27 -33.21
N ALA B 110 11.94 11.18 -33.71
CA ALA B 110 11.89 12.60 -33.30
C ALA B 110 11.05 12.68 -32.03
N PHE B 111 11.49 13.49 -31.07
CA PHE B 111 10.75 13.76 -29.82
C PHE B 111 10.91 15.22 -29.47
N THR B 112 9.92 15.78 -28.78
CA THR B 112 10.08 16.99 -27.96
C THR B 112 10.37 16.51 -26.55
N PHE B 113 11.62 16.69 -26.11
CA PHE B 113 12.05 16.31 -24.76
C PHE B 113 11.91 17.49 -23.81
N ALA B 114 11.68 17.17 -22.54
CA ALA B 114 11.90 18.08 -21.41
C ALA B 114 12.75 17.32 -20.42
N ILE B 115 13.77 17.97 -19.89
CA ILE B 115 14.60 17.33 -18.85
C ILE B 115 14.61 18.28 -17.66
N ARG B 116 14.27 17.78 -16.49
CA ARG B 116 14.20 18.59 -15.26
C ARG B 116 15.25 18.06 -14.29
N PHE B 117 15.88 18.98 -13.55
CA PHE B 117 16.98 18.70 -12.60
C PHE B 117 16.53 19.02 -11.17
N GLY B 118 17.39 18.72 -10.20
CA GLY B 118 17.14 18.98 -8.77
C GLY B 118 17.06 20.46 -8.46
N SER B 119 17.63 21.31 -9.29
CA SER B 119 17.82 22.75 -8.97
C SER B 119 18.04 23.57 -10.24
N LYS B 120 17.83 24.87 -10.15
CA LYS B 120 18.15 25.84 -11.23
C LYS B 120 19.64 25.75 -11.54
N GLU B 121 20.48 25.70 -10.50
CA GLU B 121 21.96 25.57 -10.61
C GLU B 121 22.26 24.38 -11.55
N ASN B 122 21.66 23.22 -11.27
CA ASN B 122 21.91 21.98 -12.06
C ASN B 122 21.48 22.23 -13.50
N ALA B 123 20.34 22.89 -13.70
CA ALA B 123 19.79 23.13 -15.05
C ALA B 123 20.68 24.12 -15.80
N ASP B 124 21.19 25.15 -15.12
CA ASP B 124 22.07 26.16 -15.76
C ASP B 124 23.38 25.46 -16.15
N LYS B 125 23.92 24.65 -15.26
CA LYS B 125 25.17 23.88 -15.50
C LYS B 125 24.93 22.95 -16.70
N PHE B 126 23.82 22.20 -16.73
CA PHE B 126 23.44 21.33 -17.88
C PHE B 126 23.53 22.10 -19.20
N LYS B 127 22.93 23.29 -19.26
CA LYS B 127 22.88 24.17 -20.46
C LYS B 127 24.30 24.53 -20.91
N GLU B 128 25.12 24.96 -19.94
CA GLU B 128 26.56 25.26 -20.12
C GLU B 128 27.26 24.06 -20.78
N GLU B 129 27.13 22.86 -20.18
CA GLU B 129 27.76 21.61 -20.68
C GLU B 129 27.18 21.24 -22.04
N PHE B 130 25.88 21.40 -22.24
CA PHE B 130 25.17 21.01 -23.48
C PHE B 130 25.73 21.86 -24.63
N GLU B 131 25.99 23.13 -24.34
CA GLU B 131 26.59 24.08 -25.32
C GLU B 131 28.06 23.69 -25.59
N LYS B 132 28.86 23.42 -24.56
CA LYS B 132 30.25 22.89 -24.73
C LYS B 132 30.22 21.63 -25.61
N ALA B 133 29.25 20.75 -25.43
CA ALA B 133 29.12 19.50 -26.23
C ALA B 133 28.77 19.85 -27.67
N GLN B 134 27.89 20.84 -27.88
CA GLN B 134 27.47 21.27 -29.24
C GLN B 134 28.72 21.76 -30.00
N GLU B 135 29.59 22.52 -29.33
CA GLU B 135 30.82 23.02 -29.98
C GLU B 135 31.71 21.84 -30.37
N ILE B 136 31.94 20.92 -29.43
CA ILE B 136 32.77 19.72 -29.73
C ILE B 136 32.20 19.02 -30.96
N ASN B 137 30.88 18.83 -30.99
CA ASN B 137 30.23 18.12 -32.13
C ASN B 137 30.37 18.98 -33.39
N LYS B 138 30.42 20.30 -33.24
CA LYS B 138 30.59 21.22 -34.40
C LYS B 138 31.97 20.99 -35.02
N LYS B 139 33.01 20.96 -34.20
CA LYS B 139 34.40 20.75 -34.70
C LYS B 139 34.49 19.38 -35.36
N ALA B 140 33.96 18.34 -34.69
CA ALA B 140 34.00 16.96 -35.25
C ALA B 140 33.02 16.86 -36.43
N SER C 3 -14.36 -12.77 -39.48
CA SER C 3 -15.37 -13.85 -39.35
C SER C 3 -15.45 -14.31 -37.89
N MET C 4 -14.47 -13.91 -37.06
CA MET C 4 -14.45 -14.34 -35.64
C MET C 4 -15.71 -13.87 -34.94
N GLU C 5 -16.31 -12.77 -35.42
CA GLU C 5 -17.53 -12.20 -34.77
C GLU C 5 -18.73 -13.10 -35.07
N GLY C 6 -18.53 -14.16 -35.84
CA GLY C 6 -19.63 -15.10 -36.16
C GLY C 6 -20.19 -15.75 -34.90
N ILE C 7 -19.32 -16.08 -33.94
CA ILE C 7 -19.77 -16.76 -32.69
C ILE C 7 -20.72 -15.83 -31.94
N LEU C 8 -20.66 -14.53 -32.21
CA LEU C 8 -21.52 -13.55 -31.50
C LEU C 8 -22.92 -13.55 -32.13
N ASP C 9 -23.08 -14.18 -33.30
CA ASP C 9 -24.42 -14.30 -33.92
C ASP C 9 -25.13 -15.52 -33.34
N PHE C 10 -26.08 -15.31 -32.44
CA PHE C 10 -26.77 -16.44 -31.76
C PHE C 10 -28.01 -16.85 -32.58
N SER C 11 -28.36 -16.06 -33.59
CA SER C 11 -29.50 -16.43 -34.48
C SER C 11 -29.16 -17.75 -35.18
N ASN C 12 -27.91 -17.90 -35.60
CA ASN C 12 -27.46 -19.17 -36.25
C ASN C 12 -26.94 -20.13 -35.19
N ASP C 13 -26.54 -21.34 -35.60
CA ASP C 13 -25.94 -22.30 -34.65
C ASP C 13 -24.50 -21.87 -34.33
N LEU C 14 -23.86 -22.51 -33.36
CA LEU C 14 -22.50 -22.08 -32.94
C LEU C 14 -21.43 -22.86 -33.70
N ASP C 15 -20.54 -22.15 -34.41
CA ASP C 15 -19.42 -22.80 -35.12
C ASP C 15 -18.28 -23.03 -34.11
N ILE C 16 -18.09 -24.29 -33.69
CA ILE C 16 -17.07 -24.71 -32.68
C ILE C 16 -15.65 -24.48 -33.23
N ALA C 17 -15.36 -24.81 -34.49
CA ALA C 17 -14.02 -24.59 -35.09
C ALA C 17 -13.68 -23.11 -35.04
N LEU C 18 -14.68 -22.24 -35.23
CA LEU C 18 -14.52 -20.76 -35.19
C LEU C 18 -14.24 -20.34 -33.73
N LEU C 19 -15.01 -20.83 -32.76
CA LEU C 19 -14.76 -20.55 -31.33
C LEU C 19 -13.33 -20.98 -31.00
N ASP C 20 -12.91 -22.17 -31.44
CA ASP C 20 -11.53 -22.70 -31.17
C ASP C 20 -10.49 -21.77 -31.80
N GLN C 21 -10.84 -21.12 -32.91
CA GLN C 21 -9.90 -20.20 -33.62
C GLN C 21 -9.75 -18.94 -32.77
N VAL C 22 -10.88 -18.31 -32.45
CA VAL C 22 -10.98 -17.09 -31.58
C VAL C 22 -10.20 -17.35 -30.28
N VAL C 23 -10.43 -18.50 -29.66
CA VAL C 23 -9.78 -18.86 -28.38
C VAL C 23 -8.28 -18.99 -28.63
N SER C 24 -7.86 -19.73 -29.66
CA SER C 24 -6.41 -19.91 -29.97
C SER C 24 -5.73 -18.56 -30.17
N THR C 25 -6.37 -17.68 -30.94
CA THR C 25 -5.90 -16.32 -31.30
C THR C 25 -5.71 -15.49 -30.04
N PHE C 26 -6.67 -15.56 -29.11
CA PHE C 26 -6.54 -14.87 -27.82
C PHE C 26 -5.31 -15.38 -27.05
N TYR C 27 -5.17 -16.69 -26.84
CA TYR C 27 -4.19 -17.22 -25.87
C TYR C 27 -2.77 -17.25 -26.44
N GLN C 28 -2.65 -17.60 -27.73
CA GLN C 28 -1.37 -17.84 -28.46
C GLN C 28 -1.06 -16.68 -29.42
N GLY C 29 -2.07 -16.00 -29.96
CA GLY C 29 -1.89 -14.86 -30.89
C GLY C 29 -1.21 -13.66 -30.24
N GLU C 30 -1.06 -12.57 -31.00
CA GLU C 30 -0.28 -11.36 -30.60
C GLU C 30 -0.95 -10.06 -31.07
N GLY C 31 -0.55 -8.96 -30.43
CA GLY C 31 -1.01 -7.57 -30.67
C GLY C 31 -2.46 -7.50 -31.11
N VAL C 32 -2.68 -7.07 -32.36
CA VAL C 32 -3.99 -6.70 -32.98
C VAL C 32 -4.93 -7.89 -32.93
N GLN C 33 -4.47 -9.05 -33.40
CA GLN C 33 -5.27 -10.29 -33.54
C GLN C 33 -5.77 -10.72 -32.15
N GLN C 34 -4.86 -10.83 -31.19
CA GLN C 34 -5.16 -11.21 -29.77
C GLN C 34 -6.24 -10.28 -29.22
N LYS C 35 -6.12 -8.95 -29.44
CA LYS C 35 -7.05 -7.92 -28.91
C LYS C 35 -8.45 -8.12 -29.49
N GLN C 36 -8.57 -8.35 -30.80
CA GLN C 36 -9.89 -8.54 -31.47
C GLN C 36 -10.57 -9.80 -30.89
N ALA C 37 -9.83 -10.91 -30.82
CA ALA C 37 -10.30 -12.21 -30.31
C ALA C 37 -10.81 -12.03 -28.87
N GLN C 38 -10.03 -11.29 -28.07
CA GLN C 38 -10.29 -10.91 -26.67
C GLN C 38 -11.71 -10.38 -26.53
N GLU C 39 -12.04 -9.36 -27.32
CA GLU C 39 -13.29 -8.57 -27.21
C GLU C 39 -14.43 -9.49 -27.63
N ILE C 40 -14.19 -10.31 -28.65
CA ILE C 40 -15.21 -11.24 -29.18
C ILE C 40 -15.50 -12.28 -28.09
N LEU C 41 -14.46 -12.90 -27.51
CA LEU C 41 -14.60 -13.94 -26.45
C LEU C 41 -15.35 -13.38 -25.25
N THR C 42 -15.01 -12.16 -24.83
CA THR C 42 -15.59 -11.47 -23.65
C THR C 42 -17.09 -11.28 -23.91
N LYS C 43 -17.44 -10.82 -25.12
CA LYS C 43 -18.86 -10.59 -25.52
C LYS C 43 -19.59 -11.92 -25.58
N PHE C 44 -18.93 -12.96 -26.07
CA PHE C 44 -19.53 -14.32 -26.17
C PHE C 44 -19.86 -14.77 -24.75
N GLN C 45 -18.86 -14.70 -23.87
CA GLN C 45 -18.97 -15.21 -22.49
C GLN C 45 -20.08 -14.47 -21.74
N ASP C 46 -20.30 -13.17 -22.00
CA ASP C 46 -21.24 -12.28 -21.26
C ASP C 46 -22.61 -12.31 -21.91
N ASN C 47 -22.75 -12.95 -23.06
CA ASN C 47 -24.09 -13.15 -23.67
C ASN C 47 -24.88 -14.04 -22.71
N PRO C 48 -26.03 -13.57 -22.19
CA PRO C 48 -26.81 -14.32 -21.21
C PRO C 48 -27.35 -15.66 -21.71
N ASP C 49 -27.33 -15.93 -23.02
CA ASP C 49 -27.78 -17.23 -23.59
C ASP C 49 -26.57 -18.13 -23.89
N ALA C 50 -25.35 -17.63 -23.70
CA ALA C 50 -24.09 -18.38 -24.00
C ALA C 50 -24.09 -19.73 -23.29
N TRP C 51 -24.67 -19.82 -22.09
CA TRP C 51 -24.62 -21.06 -21.26
C TRP C 51 -25.29 -22.20 -22.03
N GLU C 52 -26.31 -21.88 -22.83
CA GLU C 52 -27.02 -22.91 -23.62
C GLU C 52 -26.03 -23.60 -24.58
N LYS C 53 -24.90 -22.96 -24.89
CA LYS C 53 -23.93 -23.45 -25.90
C LYS C 53 -22.88 -24.36 -25.23
N VAL C 54 -22.86 -24.42 -23.90
CA VAL C 54 -21.78 -25.09 -23.13
C VAL C 54 -21.76 -26.59 -23.44
N ASP C 55 -22.92 -27.25 -23.43
N ASP C 55 -22.94 -27.24 -23.45
CA ASP C 55 -23.03 -28.70 -23.75
CA ASP C 55 -23.09 -28.69 -23.77
C ASP C 55 -22.29 -28.96 -25.07
C ASP C 55 -22.31 -28.96 -25.06
N GLN C 56 -22.66 -28.21 -26.11
CA GLN C 56 -22.12 -28.34 -27.48
C GLN C 56 -20.60 -28.11 -27.44
N ILE C 57 -20.14 -27.07 -26.75
CA ILE C 57 -18.68 -26.74 -26.66
C ILE C 57 -17.95 -27.91 -26.00
N LEU C 58 -18.44 -28.37 -24.85
CA LEU C 58 -17.76 -29.41 -24.03
C LEU C 58 -17.66 -30.73 -24.83
N GLN C 59 -18.65 -31.04 -25.66
CA GLN C 59 -18.70 -32.32 -26.42
C GLN C 59 -17.78 -32.22 -27.65
N PHE C 60 -17.79 -31.09 -28.35
CA PHE C 60 -17.35 -31.03 -29.76
C PHE C 60 -16.09 -30.17 -29.92
N SER C 61 -15.70 -29.34 -28.94
CA SER C 61 -14.42 -28.59 -29.02
C SER C 61 -13.25 -29.57 -28.86
N THR C 62 -12.15 -29.32 -29.57
CA THR C 62 -10.86 -30.04 -29.38
C THR C 62 -9.90 -29.18 -28.55
N ASN C 63 -10.30 -27.94 -28.21
CA ASN C 63 -9.45 -26.91 -27.58
C ASN C 63 -9.83 -26.83 -26.09
N PRO C 64 -8.92 -27.29 -25.20
CA PRO C 64 -9.17 -27.27 -23.76
C PRO C 64 -9.44 -25.86 -23.22
N GLN C 65 -8.89 -24.84 -23.87
CA GLN C 65 -9.16 -23.41 -23.52
C GLN C 65 -10.62 -23.06 -23.82
N SER C 66 -11.18 -23.53 -24.93
CA SER C 66 -12.62 -23.32 -25.26
C SER C 66 -13.47 -23.92 -24.14
N LYS C 67 -13.11 -25.12 -23.69
CA LYS C 67 -13.89 -25.90 -22.71
C LYS C 67 -13.77 -25.23 -21.36
N PHE C 68 -12.59 -24.69 -21.08
CA PHE C 68 -12.35 -23.88 -19.86
C PHE C 68 -13.32 -22.70 -19.86
N ILE C 69 -13.35 -21.93 -20.95
CA ILE C 69 -14.23 -20.74 -21.05
C ILE C 69 -15.69 -21.19 -21.00
N ALA C 70 -16.02 -22.32 -21.62
CA ALA C 70 -17.39 -22.90 -21.56
C ALA C 70 -17.81 -23.06 -20.08
N LEU C 71 -16.91 -23.59 -19.23
CA LEU C 71 -17.19 -23.84 -17.80
C LEU C 71 -17.33 -22.52 -17.06
N SER C 72 -16.54 -21.51 -17.37
CA SER C 72 -16.71 -20.12 -16.86
C SER C 72 -18.14 -19.65 -17.16
N ILE C 73 -18.60 -19.87 -18.36
CA ILE C 73 -19.99 -19.49 -18.75
C ILE C 73 -20.98 -20.27 -17.87
N LEU C 74 -20.79 -21.57 -17.71
CA LEU C 74 -21.69 -22.45 -16.89
C LEU C 74 -21.67 -21.93 -15.45
N ASP C 75 -20.49 -21.60 -14.92
CA ASP C 75 -20.32 -21.10 -13.53
C ASP C 75 -21.17 -19.84 -13.29
N LYS C 76 -21.18 -18.90 -14.23
CA LYS C 76 -22.04 -17.68 -14.18
C LYS C 76 -23.51 -18.11 -14.03
N LEU C 77 -23.94 -19.06 -14.84
CA LEU C 77 -25.34 -19.58 -14.76
C LEU C 77 -25.56 -20.20 -13.38
N ILE C 78 -24.71 -21.16 -12.97
CA ILE C 78 -24.90 -21.95 -11.74
C ILE C 78 -24.97 -21.01 -10.53
N THR C 79 -24.06 -20.04 -10.47
CA THR C 79 -23.91 -19.18 -9.27
C THR C 79 -24.96 -18.06 -9.24
N ARG C 80 -25.64 -17.72 -10.34
CA ARG C 80 -26.51 -16.52 -10.41
C ARG C 80 -27.98 -16.86 -10.72
N LYS C 81 -28.26 -17.83 -11.58
CA LYS C 81 -29.61 -18.02 -12.21
C LYS C 81 -30.06 -19.48 -12.14
N TRP C 82 -29.23 -20.34 -11.59
CA TRP C 82 -29.50 -21.79 -11.42
C TRP C 82 -30.95 -22.08 -11.02
N LYS C 83 -31.49 -21.38 -10.02
CA LYS C 83 -32.80 -21.73 -9.43
C LYS C 83 -33.97 -21.46 -10.40
N LEU C 84 -33.74 -20.69 -11.46
CA LEU C 84 -34.68 -20.47 -12.59
C LEU C 84 -34.83 -21.76 -13.42
N LEU C 85 -33.81 -22.63 -13.46
CA LEU C 85 -33.85 -23.80 -14.37
C LEU C 85 -34.86 -24.82 -13.82
N PRO C 86 -35.63 -25.50 -14.68
CA PRO C 86 -36.42 -26.65 -14.25
C PRO C 86 -35.51 -27.69 -13.59
N ASN C 87 -36.06 -28.47 -12.66
CA ASN C 87 -35.29 -29.52 -11.94
C ASN C 87 -34.62 -30.44 -12.98
N ASP C 88 -35.34 -30.80 -14.03
CA ASP C 88 -34.87 -31.77 -15.04
C ASP C 88 -33.58 -31.24 -15.67
N HIS C 89 -33.54 -29.96 -15.98
CA HIS C 89 -32.39 -29.34 -16.68
C HIS C 89 -31.21 -29.28 -15.68
N ARG C 90 -31.48 -28.97 -14.41
CA ARG C 90 -30.46 -28.92 -13.34
C ARG C 90 -29.80 -30.29 -13.18
N ILE C 91 -30.59 -31.37 -13.18
CA ILE C 91 -30.08 -32.77 -13.11
C ILE C 91 -29.33 -33.07 -14.42
N GLY C 92 -29.86 -32.64 -15.57
CA GLY C 92 -29.19 -32.81 -16.87
C GLY C 92 -27.76 -32.25 -16.78
N ILE C 93 -27.65 -31.00 -16.39
CA ILE C 93 -26.34 -30.28 -16.31
C ILE C 93 -25.42 -30.97 -15.30
N ARG C 94 -25.91 -31.21 -14.09
CA ARG C 94 -25.18 -31.93 -13.02
C ARG C 94 -24.61 -33.26 -13.55
N ASN C 95 -25.43 -34.05 -14.25
CA ASN C 95 -25.03 -35.38 -14.81
C ASN C 95 -23.98 -35.19 -15.91
N PHE C 96 -24.11 -34.16 -16.74
CA PHE C 96 -23.14 -33.87 -17.83
C PHE C 96 -21.77 -33.51 -17.20
N VAL C 97 -21.79 -32.67 -16.18
CA VAL C 97 -20.52 -32.24 -15.51
C VAL C 97 -19.84 -33.47 -14.87
N VAL C 98 -20.55 -34.22 -14.02
CA VAL C 98 -20.05 -35.47 -13.38
C VAL C 98 -19.54 -36.44 -14.47
N GLY C 99 -20.32 -36.68 -15.52
CA GLY C 99 -19.95 -37.55 -16.66
C GLY C 99 -18.65 -37.12 -17.34
N MET C 100 -18.49 -35.83 -17.61
CA MET C 100 -17.27 -35.24 -18.21
C MET C 100 -16.06 -35.42 -17.27
N ILE C 101 -16.23 -35.21 -15.97
CA ILE C 101 -15.12 -35.35 -14.98
C ILE C 101 -14.64 -36.80 -15.00
N ILE C 102 -15.57 -37.76 -14.94
CA ILE C 102 -15.24 -39.22 -14.84
C ILE C 102 -14.54 -39.66 -16.13
N SER C 103 -15.08 -39.26 -17.26
CA SER C 103 -14.50 -39.51 -18.60
C SER C 103 -13.04 -38.99 -18.65
N MET C 104 -12.78 -37.76 -18.23
CA MET C 104 -11.40 -37.18 -18.29
C MET C 104 -10.45 -37.93 -17.33
N CYS C 105 -10.96 -38.41 -16.20
CA CYS C 105 -10.17 -39.14 -15.17
C CYS C 105 -9.91 -40.58 -15.63
N GLN C 106 -10.76 -41.13 -16.48
CA GLN C 106 -10.69 -42.56 -16.91
C GLN C 106 -9.72 -42.68 -18.09
N ASP C 107 -9.48 -41.60 -18.81
CA ASP C 107 -8.44 -41.49 -19.87
C ASP C 107 -7.13 -40.99 -19.21
N ASP C 108 -6.13 -41.87 -19.06
CA ASP C 108 -4.85 -41.58 -18.36
C ASP C 108 -4.13 -40.40 -19.00
N GLU C 109 -4.16 -40.32 -20.33
CA GLU C 109 -3.48 -39.27 -21.14
C GLU C 109 -4.10 -37.91 -20.82
N VAL C 110 -5.44 -37.83 -20.86
CA VAL C 110 -6.23 -36.61 -20.55
C VAL C 110 -6.00 -36.24 -19.08
N PHE C 111 -6.11 -37.20 -18.16
CA PHE C 111 -5.90 -36.99 -16.70
C PHE C 111 -4.52 -36.38 -16.43
N LYS C 112 -3.49 -36.85 -17.14
CA LYS C 112 -2.09 -36.36 -16.98
C LYS C 112 -1.97 -34.92 -17.49
N THR C 113 -2.50 -34.64 -18.69
CA THR C 113 -2.15 -33.47 -19.54
C THR C 113 -3.20 -32.35 -19.46
N GLN C 114 -4.41 -32.60 -18.93
CA GLN C 114 -5.51 -31.61 -18.88
C GLN C 114 -5.90 -31.27 -17.43
N LYS C 115 -4.91 -31.10 -16.53
CA LYS C 115 -5.17 -30.75 -15.10
C LYS C 115 -5.97 -29.46 -14.99
N ASN C 116 -5.69 -28.46 -15.84
CA ASN C 116 -6.41 -27.16 -15.81
C ASN C 116 -7.91 -27.40 -16.03
N LEU C 117 -8.24 -28.15 -17.07
CA LEU C 117 -9.65 -28.37 -17.44
C LEU C 117 -10.32 -29.23 -16.35
N ILE C 118 -9.65 -30.25 -15.84
CA ILE C 118 -10.26 -31.14 -14.80
C ILE C 118 -10.52 -30.30 -13.54
N ASN C 119 -9.52 -29.58 -13.05
CA ASN C 119 -9.63 -28.73 -11.85
C ASN C 119 -10.79 -27.74 -12.03
N LYS C 120 -10.89 -27.10 -13.18
CA LYS C 120 -11.98 -26.13 -13.45
C LYS C 120 -13.31 -26.88 -13.45
N SER C 121 -13.33 -28.09 -14.00
CA SER C 121 -14.54 -28.98 -14.01
C SER C 121 -14.93 -29.25 -12.56
N ASP C 122 -13.96 -29.55 -11.71
CA ASP C 122 -14.21 -29.90 -10.28
C ASP C 122 -14.81 -28.69 -9.57
N LEU C 123 -14.30 -27.49 -9.86
CA LEU C 123 -14.81 -26.25 -9.24
C LEU C 123 -16.25 -26.05 -9.72
N THR C 124 -16.54 -26.30 -10.99
CA THR C 124 -17.92 -26.20 -11.55
C THR C 124 -18.84 -27.16 -10.78
N LEU C 125 -18.41 -28.39 -10.57
CA LEU C 125 -19.16 -29.39 -9.77
C LEU C 125 -19.44 -28.79 -8.39
N VAL C 126 -18.44 -28.21 -7.75
CA VAL C 126 -18.57 -27.68 -6.37
C VAL C 126 -19.59 -26.54 -6.38
N GLN C 127 -19.59 -25.68 -7.41
CA GLN C 127 -20.62 -24.61 -7.55
C GLN C 127 -22.01 -25.28 -7.62
N ILE C 128 -22.14 -26.44 -8.28
CA ILE C 128 -23.44 -27.17 -8.34
C ILE C 128 -23.80 -27.75 -6.97
N LEU C 129 -22.84 -28.33 -6.25
CA LEU C 129 -23.05 -28.84 -4.85
C LEU C 129 -23.52 -27.69 -3.97
N LYS C 130 -23.01 -26.48 -4.17
CA LYS C 130 -23.39 -25.32 -3.33
C LYS C 130 -24.88 -25.03 -3.52
N GLN C 131 -25.42 -25.32 -4.71
CA GLN C 131 -26.84 -25.05 -5.04
C GLN C 131 -27.69 -26.26 -4.69
N GLU C 132 -27.24 -27.48 -5.01
CA GLU C 132 -28.10 -28.68 -4.88
C GLU C 132 -27.80 -29.56 -3.66
N TRP C 133 -26.56 -29.56 -3.17
CA TRP C 133 -26.18 -30.51 -2.08
C TRP C 133 -26.47 -29.91 -0.70
N PRO C 134 -26.95 -30.70 0.29
CA PRO C 134 -27.38 -32.09 0.04
C PRO C 134 -28.88 -32.28 -0.20
N GLN C 135 -29.69 -31.23 0.02
CA GLN C 135 -31.18 -31.34 -0.09
C GLN C 135 -31.62 -31.98 -1.40
N ASN C 136 -30.89 -31.77 -2.50
CA ASN C 136 -31.28 -32.26 -3.83
C ASN C 136 -30.30 -33.31 -4.34
N TRP C 137 -29.40 -33.80 -3.50
CA TRP C 137 -28.34 -34.71 -3.96
C TRP C 137 -27.80 -35.47 -2.77
N PRO C 138 -28.70 -36.15 -2.01
CA PRO C 138 -28.31 -36.80 -0.75
C PRO C 138 -27.24 -37.88 -0.96
N GLU C 139 -27.15 -38.45 -2.17
CA GLU C 139 -26.25 -39.61 -2.45
C GLU C 139 -24.87 -39.09 -2.86
N PHE C 140 -24.65 -37.77 -2.96
CA PHE C 140 -23.41 -37.25 -3.59
C PHE C 140 -22.19 -37.87 -2.92
N ILE C 141 -22.13 -37.82 -1.59
CA ILE C 141 -20.93 -38.24 -0.83
C ILE C 141 -20.78 -39.76 -0.86
N PRO C 142 -21.82 -40.59 -0.53
CA PRO C 142 -21.72 -42.05 -0.71
C PRO C 142 -21.25 -42.46 -2.12
N GLU C 143 -21.79 -41.85 -3.17
CA GLU C 143 -21.40 -42.11 -4.58
C GLU C 143 -19.94 -41.69 -4.81
N LEU C 144 -19.52 -40.52 -4.35
CA LEU C 144 -18.11 -40.06 -4.48
C LEU C 144 -17.20 -41.08 -3.80
N ILE C 145 -17.55 -41.46 -2.57
CA ILE C 145 -16.77 -42.43 -1.76
C ILE C 145 -16.74 -43.77 -2.49
N GLY C 146 -17.90 -44.24 -3.01
CA GLY C 146 -17.98 -45.46 -3.81
C GLY C 146 -17.15 -45.37 -5.08
N SER C 147 -17.27 -44.28 -5.83
CA SER C 147 -16.55 -44.07 -7.12
C SER C 147 -15.03 -44.03 -6.87
N SER C 148 -14.61 -43.72 -5.64
CA SER C 148 -13.16 -43.55 -5.32
C SER C 148 -12.45 -44.90 -5.45
N SER C 149 -13.10 -46.01 -5.14
CA SER C 149 -12.49 -47.37 -5.17
C SER C 149 -12.40 -47.89 -6.61
N SER C 150 -13.16 -47.32 -7.55
CA SER C 150 -13.23 -47.79 -8.97
C SER C 150 -11.89 -47.54 -9.69
N SER C 151 -11.13 -46.52 -9.29
CA SER C 151 -10.01 -45.95 -10.08
C SER C 151 -9.16 -45.02 -9.21
N VAL C 152 -7.83 -45.05 -9.39
CA VAL C 152 -6.84 -44.18 -8.69
C VAL C 152 -7.04 -42.74 -9.17
N ASN C 153 -7.30 -42.55 -10.47
CA ASN C 153 -7.41 -41.20 -11.05
C ASN C 153 -8.67 -40.53 -10.49
N VAL C 154 -9.77 -41.28 -10.43
CA VAL C 154 -11.08 -40.81 -9.90
C VAL C 154 -10.92 -40.54 -8.41
N CYS C 155 -10.27 -41.45 -7.68
CA CYS C 155 -10.01 -41.28 -6.23
C CYS C 155 -9.23 -39.98 -5.99
N GLU C 156 -8.15 -39.75 -6.76
CA GLU C 156 -7.32 -38.52 -6.64
C GLU C 156 -8.19 -37.29 -6.98
N ASN C 157 -8.98 -37.39 -8.04
CA ASN C 157 -9.78 -36.23 -8.49
C ASN C 157 -10.85 -35.96 -7.42
N ASN C 158 -11.41 -37.01 -6.80
CA ASN C 158 -12.42 -36.84 -5.72
C ASN C 158 -11.79 -36.13 -4.53
N MET C 159 -10.48 -36.30 -4.30
CA MET C 159 -9.78 -35.54 -3.23
C MET C 159 -9.75 -34.06 -3.62
N ILE C 160 -9.55 -33.74 -4.89
CA ILE C 160 -9.56 -32.33 -5.36
C ILE C 160 -10.96 -31.74 -5.17
N VAL C 161 -12.01 -32.49 -5.52
CA VAL C 161 -13.41 -32.02 -5.36
C VAL C 161 -13.68 -31.74 -3.88
N LEU C 162 -13.32 -32.65 -2.99
CA LEU C 162 -13.58 -32.51 -1.53
C LEU C 162 -12.81 -31.34 -0.94
N LYS C 163 -11.58 -31.14 -1.41
CA LYS C 163 -10.75 -29.97 -1.04
C LYS C 163 -11.47 -28.66 -1.42
N LEU C 164 -11.91 -28.55 -2.68
CA LEU C 164 -12.58 -27.34 -3.16
C LEU C 164 -13.88 -27.17 -2.35
N LEU C 165 -14.57 -28.27 -2.06
CA LEU C 165 -15.87 -28.18 -1.32
C LEU C 165 -15.58 -27.61 0.06
N SER C 166 -14.59 -28.16 0.76
CA SER C 166 -14.19 -27.68 2.11
C SER C 166 -13.85 -26.18 2.05
N GLU C 167 -13.07 -25.75 1.06
CA GLU C 167 -12.70 -24.33 0.88
C GLU C 167 -13.95 -23.49 0.69
N GLU C 168 -14.86 -23.91 -0.19
CA GLU C 168 -16.02 -23.07 -0.55
C GLU C 168 -16.95 -22.97 0.67
N VAL C 169 -17.03 -24.01 1.50
CA VAL C 169 -17.99 -24.06 2.64
C VAL C 169 -17.39 -23.39 3.89
N PHE C 170 -16.12 -23.64 4.18
CA PHE C 170 -15.50 -23.19 5.44
C PHE C 170 -14.58 -21.99 5.24
N ASP C 171 -13.85 -21.89 4.11
CA ASP C 171 -12.75 -20.89 4.02
C ASP C 171 -13.27 -19.62 3.33
N PHE C 172 -14.22 -19.73 2.40
CA PHE C 172 -14.59 -18.59 1.53
C PHE C 172 -16.09 -18.35 1.56
N SER C 173 -16.83 -18.99 2.48
CA SER C 173 -18.31 -18.89 2.53
C SER C 173 -18.71 -17.51 3.08
N ALA C 174 -17.85 -16.91 3.92
CA ALA C 174 -18.23 -15.80 4.82
C ALA C 174 -18.71 -14.62 3.96
N GLU C 175 -18.08 -14.35 2.83
CA GLU C 175 -18.47 -13.15 2.05
C GLU C 175 -19.39 -13.59 0.90
N GLN C 176 -19.56 -14.89 0.66
CA GLN C 176 -20.14 -15.38 -0.63
C GLN C 176 -21.51 -16.01 -0.44
N MET C 177 -21.94 -16.29 0.79
CA MET C 177 -23.22 -17.01 1.05
C MET C 177 -23.93 -16.28 2.17
N THR C 178 -25.22 -16.45 2.30
CA THR C 178 -25.94 -15.98 3.50
C THR C 178 -25.39 -16.75 4.71
N GLN C 179 -25.53 -16.16 5.89
CA GLN C 179 -25.23 -16.85 7.18
C GLN C 179 -25.96 -18.19 7.21
N ALA C 180 -27.26 -18.21 6.87
CA ALA C 180 -28.10 -19.43 6.89
C ALA C 180 -27.51 -20.47 5.92
N LYS C 181 -27.14 -20.06 4.70
CA LYS C 181 -26.69 -21.08 3.71
C LYS C 181 -25.32 -21.63 4.14
N ALA C 182 -24.42 -20.78 4.62
CA ALA C 182 -23.09 -21.16 5.14
C ALA C 182 -23.27 -22.19 6.26
N LEU C 183 -24.14 -21.90 7.23
CA LEU C 183 -24.39 -22.83 8.36
C LEU C 183 -24.93 -24.16 7.82
N HIS C 184 -25.92 -24.11 6.92
CA HIS C 184 -26.45 -25.32 6.27
C HIS C 184 -25.33 -26.15 5.63
N LEU C 185 -24.46 -25.56 4.79
CA LEU C 185 -23.44 -26.39 4.11
C LEU C 185 -22.41 -26.88 5.14
N LYS C 186 -22.07 -26.06 6.12
CA LYS C 186 -21.10 -26.48 7.17
C LYS C 186 -21.64 -27.70 7.93
N ASN C 187 -22.90 -27.65 8.37
CA ASN C 187 -23.57 -28.76 9.09
C ASN C 187 -23.65 -29.96 8.16
N SER C 188 -23.94 -29.74 6.88
CA SER C 188 -24.03 -30.85 5.92
C SER C 188 -22.66 -31.54 5.86
N MET C 189 -21.58 -30.78 5.65
CA MET C 189 -20.25 -31.41 5.50
C MET C 189 -19.88 -32.13 6.80
N SER C 190 -20.12 -31.47 7.94
CA SER C 190 -19.83 -31.97 9.30
C SER C 190 -20.56 -33.31 9.52
N LYS C 191 -21.82 -33.40 9.08
CA LYS C 191 -22.65 -34.63 9.21
C LYS C 191 -22.03 -35.78 8.44
N GLU C 192 -21.45 -35.53 7.26
CA GLU C 192 -20.93 -36.64 6.43
C GLU C 192 -19.41 -36.77 6.57
N PHE C 193 -18.76 -36.03 7.47
CA PHE C 193 -17.26 -36.00 7.49
C PHE C 193 -16.71 -37.37 7.93
N GLU C 194 -17.39 -38.04 8.85
CA GLU C 194 -17.00 -39.36 9.36
C GLU C 194 -16.67 -40.25 8.16
N GLN C 195 -17.55 -40.30 7.17
CA GLN C 195 -17.37 -41.18 5.99
C GLN C 195 -16.22 -40.63 5.14
N ILE C 196 -16.12 -39.30 4.97
CA ILE C 196 -15.05 -38.68 4.14
C ILE C 196 -13.70 -38.99 4.80
N PHE C 197 -13.62 -38.91 6.13
CA PHE C 197 -12.35 -39.10 6.84
C PHE C 197 -11.90 -40.55 6.70
N LYS C 198 -12.83 -41.49 6.81
CA LYS C 198 -12.57 -42.94 6.60
C LYS C 198 -11.93 -43.15 5.22
N LEU C 199 -12.45 -42.54 4.15
CA LEU C 199 -11.82 -42.62 2.79
C LEU C 199 -10.39 -42.03 2.82
N CYS C 200 -10.23 -40.81 3.32
N CYS C 200 -10.25 -40.78 3.31
CA CYS C 200 -8.91 -40.12 3.35
CA CYS C 200 -8.98 -40.02 3.45
C CYS C 200 -7.91 -40.96 4.14
C CYS C 200 -7.93 -40.89 4.16
N PHE C 201 -8.26 -41.40 5.35
CA PHE C 201 -7.40 -42.25 6.19
C PHE C 201 -7.05 -43.56 5.48
N GLN C 202 -8.01 -44.24 4.86
CA GLN C 202 -7.73 -45.51 4.12
C GLN C 202 -6.75 -45.23 2.99
N VAL C 203 -6.90 -44.12 2.24
CA VAL C 203 -5.98 -43.78 1.12
C VAL C 203 -4.58 -43.56 1.72
N LEU C 204 -4.48 -42.80 2.81
CA LEU C 204 -3.17 -42.48 3.44
C LEU C 204 -2.51 -43.76 3.96
N GLU C 205 -3.29 -44.72 4.47
CA GLU C 205 -2.74 -46.02 4.96
C GLU C 205 -2.34 -46.91 3.77
N GLN C 206 -3.23 -47.09 2.78
CA GLN C 206 -3.10 -48.09 1.68
C GLN C 206 -2.05 -47.63 0.66
N GLY C 207 -1.86 -46.32 0.52
CA GLY C 207 -0.62 -45.71 0.00
C GLY C 207 -0.44 -45.92 -1.48
N SER C 208 0.82 -45.84 -1.93
CA SER C 208 1.30 -46.22 -3.29
C SER C 208 1.47 -44.96 -4.16
N SER C 209 0.38 -44.44 -4.74
CA SER C 209 0.45 -43.33 -5.73
C SER C 209 0.75 -42.00 -5.00
N SER C 210 1.88 -41.37 -5.32
CA SER C 210 2.30 -40.12 -4.65
C SER C 210 1.29 -39.03 -5.00
N SER C 211 0.88 -38.93 -6.27
CA SER C 211 -0.07 -37.89 -6.75
C SER C 211 -1.41 -38.04 -5.99
N LEU C 212 -1.86 -39.28 -5.74
CA LEU C 212 -3.08 -39.57 -4.94
C LEU C 212 -2.86 -39.17 -3.48
N ILE C 213 -1.72 -39.58 -2.90
CA ILE C 213 -1.37 -39.28 -1.49
C ILE C 213 -1.31 -37.76 -1.32
N VAL C 214 -0.64 -37.04 -2.24
CA VAL C 214 -0.50 -35.56 -2.15
C VAL C 214 -1.90 -34.94 -2.17
N ALA C 215 -2.76 -35.34 -3.11
CA ALA C 215 -4.13 -34.77 -3.26
C ALA C 215 -4.90 -34.99 -1.95
N THR C 216 -4.79 -36.18 -1.37
CA THR C 216 -5.45 -36.51 -0.08
C THR C 216 -4.92 -35.61 1.03
N LEU C 217 -3.62 -35.38 1.08
CA LEU C 217 -3.02 -34.51 2.12
C LEU C 217 -3.45 -33.06 1.85
N GLU C 218 -3.61 -32.64 0.59
CA GLU C 218 -4.07 -31.25 0.31
C GLU C 218 -5.48 -31.09 0.88
N SER C 219 -6.34 -32.10 0.73
CA SER C 219 -7.73 -32.04 1.25
C SER C 219 -7.68 -32.00 2.79
N LEU C 220 -6.84 -32.82 3.41
CA LEU C 220 -6.64 -32.82 4.88
C LEU C 220 -6.28 -31.44 5.42
N LEU C 221 -5.37 -30.73 4.75
CA LEU C 221 -4.94 -29.37 5.17
C LEU C 221 -6.19 -28.51 5.32
N ARG C 222 -7.12 -28.62 4.38
CA ARG C 222 -8.37 -27.83 4.41
C ARG C 222 -9.25 -28.34 5.55
N TYR C 223 -9.36 -29.66 5.72
CA TYR C 223 -10.22 -30.24 6.80
C TYR C 223 -9.74 -29.72 8.15
N LEU C 224 -8.42 -29.58 8.29
CA LEU C 224 -7.81 -29.17 9.58
C LEU C 224 -8.31 -27.78 10.01
N HIS C 225 -8.80 -26.96 9.09
CA HIS C 225 -9.36 -25.64 9.45
C HIS C 225 -10.60 -25.81 10.33
N TRP C 226 -11.33 -26.93 10.26
CA TRP C 226 -12.64 -26.99 10.95
C TRP C 226 -12.89 -28.31 11.70
N ILE C 227 -12.23 -29.41 11.39
CA ILE C 227 -12.64 -30.73 11.96
C ILE C 227 -12.22 -30.82 13.43
N PRO C 228 -12.99 -31.58 14.23
CA PRO C 228 -12.67 -31.82 15.64
C PRO C 228 -11.31 -32.55 15.77
N TYR C 229 -10.56 -32.23 16.82
CA TYR C 229 -9.18 -32.74 17.02
C TYR C 229 -9.17 -34.29 17.06
N ARG C 230 -10.26 -34.93 17.48
CA ARG C 230 -10.27 -36.41 17.66
C ARG C 230 -9.93 -37.14 16.35
N TYR C 231 -10.25 -36.60 15.17
CA TYR C 231 -9.87 -37.25 13.89
C TYR C 231 -8.34 -37.32 13.76
N ILE C 232 -7.62 -36.41 14.39
CA ILE C 232 -6.14 -36.37 14.30
C ILE C 232 -5.53 -37.15 15.45
N TYR C 233 -6.02 -36.94 16.69
CA TYR C 233 -5.42 -37.49 17.93
C TYR C 233 -5.92 -38.91 18.26
N GLU C 234 -7.12 -39.31 17.83
CA GLU C 234 -7.66 -40.63 18.24
C GLU C 234 -7.61 -41.60 17.06
N THR C 235 -6.85 -41.29 16.02
CA THR C 235 -6.55 -42.20 14.89
C THR C 235 -5.02 -42.26 14.73
N ASN C 236 -4.53 -43.04 13.79
CA ASN C 236 -3.07 -43.24 13.59
C ASN C 236 -2.51 -42.06 12.77
N ILE C 237 -3.36 -41.12 12.32
CA ILE C 237 -2.94 -40.10 11.32
C ILE C 237 -1.79 -39.23 11.83
N LEU C 238 -1.74 -38.84 13.10
CA LEU C 238 -0.57 -38.04 13.59
C LEU C 238 0.72 -38.81 13.32
N GLU C 239 0.74 -40.11 13.64
CA GLU C 239 1.95 -40.95 13.46
C GLU C 239 2.32 -40.93 11.97
N LEU C 240 1.35 -41.13 11.08
CA LEU C 240 1.61 -41.19 9.61
C LEU C 240 2.19 -39.88 9.10
N LEU C 241 1.58 -38.75 9.44
CA LEU C 241 2.03 -37.42 8.96
C LEU C 241 3.49 -37.16 9.44
N SER C 242 3.77 -37.46 10.70
CA SER C 242 5.04 -37.07 11.37
C SER C 242 6.17 -38.10 11.14
N THR C 243 5.90 -39.21 10.45
CA THR C 243 6.92 -40.24 10.12
C THR C 243 6.93 -40.45 8.61
N LYS C 244 6.10 -41.37 8.13
CA LYS C 244 6.03 -41.78 6.71
C LYS C 244 6.00 -40.55 5.79
N PHE C 245 5.05 -39.64 5.96
CA PHE C 245 4.84 -38.56 4.96
C PHE C 245 5.94 -37.50 5.04
N MET C 246 6.70 -37.44 6.13
CA MET C 246 7.84 -36.50 6.21
C MET C 246 9.08 -37.07 5.51
N THR C 247 9.19 -38.40 5.37
CA THR C 247 10.37 -39.06 4.76
C THR C 247 10.42 -38.87 3.24
N SER C 248 9.29 -38.97 2.52
CA SER C 248 9.27 -38.78 1.04
C SER C 248 9.12 -37.30 0.73
N PRO C 249 9.88 -36.73 -0.25
CA PRO C 249 9.80 -35.31 -0.54
C PRO C 249 8.51 -34.90 -1.29
N ASP C 250 7.89 -35.84 -2.02
CA ASP C 250 6.60 -35.58 -2.71
C ASP C 250 5.56 -35.14 -1.67
N THR C 251 5.49 -35.80 -0.50
CA THR C 251 4.45 -35.56 0.54
C THR C 251 4.93 -34.59 1.63
N ARG C 252 6.21 -34.26 1.66
CA ARG C 252 6.84 -33.57 2.82
C ARG C 252 6.31 -32.15 2.95
N ALA C 253 6.28 -31.42 1.84
CA ALA C 253 5.80 -30.03 1.79
C ALA C 253 4.36 -29.93 2.37
N ILE C 254 3.43 -30.71 1.84
CA ILE C 254 2.01 -30.64 2.28
C ILE C 254 1.87 -31.14 3.72
N THR C 255 2.61 -32.17 4.10
CA THR C 255 2.57 -32.77 5.45
C THR C 255 2.99 -31.74 6.48
N LEU C 256 4.07 -31.03 6.21
CA LEU C 256 4.54 -29.99 7.13
C LEU C 256 3.46 -28.91 7.29
N LYS C 257 2.80 -28.55 6.20
CA LYS C 257 1.70 -27.55 6.29
C LYS C 257 0.55 -28.14 7.12
N CYS C 258 0.29 -29.45 7.00
CA CYS C 258 -0.79 -30.14 7.75
C CYS C 258 -0.45 -30.10 9.23
N LEU C 259 0.82 -30.36 9.57
CA LEU C 259 1.28 -30.43 10.97
C LEU C 259 1.28 -29.04 11.60
N THR C 260 1.55 -28.02 10.81
CA THR C 260 1.40 -26.62 11.26
C THR C 260 -0.04 -26.42 11.69
N GLU C 261 -0.99 -26.83 10.86
CA GLU C 261 -2.43 -26.64 11.19
C GLU C 261 -2.80 -27.57 12.36
N VAL C 262 -2.24 -28.77 12.42
CA VAL C 262 -2.50 -29.70 13.56
C VAL C 262 -2.12 -28.96 14.84
N SER C 263 -1.01 -28.24 14.80
CA SER C 263 -0.47 -27.49 15.94
C SER C 263 -1.49 -26.40 16.31
N ASN C 264 -2.39 -25.99 15.40
CA ASN C 264 -3.40 -24.93 15.70
C ASN C 264 -4.78 -25.52 16.11
N LEU C 265 -4.95 -26.83 16.23
CA LEU C 265 -6.26 -27.44 16.53
C LEU C 265 -6.67 -27.01 17.95
N LYS C 266 -7.98 -26.84 18.18
CA LYS C 266 -8.55 -26.66 19.54
C LYS C 266 -8.48 -28.05 20.18
N ILE C 267 -7.72 -28.17 21.26
CA ILE C 267 -7.28 -29.44 21.88
C ILE C 267 -7.52 -29.34 23.40
N PRO C 268 -7.97 -30.42 24.08
CA PRO C 268 -8.10 -30.39 25.55
C PRO C 268 -6.75 -30.05 26.21
N GLN C 269 -6.78 -29.30 27.32
CA GLN C 269 -5.59 -28.64 27.92
C GLN C 269 -5.07 -29.39 29.15
N ASP C 270 -5.84 -30.38 29.61
CA ASP C 270 -5.72 -30.94 30.97
C ASP C 270 -5.45 -32.43 30.88
N ASN C 271 -5.01 -32.90 29.70
CA ASN C 271 -4.99 -34.34 29.34
C ASN C 271 -3.57 -34.77 28.99
N ASP C 272 -3.01 -35.72 29.75
CA ASP C 272 -1.59 -36.12 29.65
C ASP C 272 -1.35 -36.95 28.38
N LEU C 273 -2.31 -37.79 27.99
CA LEU C 273 -2.19 -38.57 26.72
C LEU C 273 -2.02 -37.58 25.56
N ILE C 274 -2.87 -36.56 25.48
CA ILE C 274 -2.82 -35.59 24.35
C ILE C 274 -1.49 -34.83 24.38
N LYS C 275 -1.04 -34.42 25.54
CA LYS C 275 0.26 -33.73 25.69
C LYS C 275 1.38 -34.63 25.15
N ARG C 276 1.38 -35.91 25.53
CA ARG C 276 2.41 -36.86 25.06
C ARG C 276 2.34 -36.95 23.53
N GLN C 277 1.14 -37.06 22.98
CA GLN C 277 0.96 -37.14 21.51
C GLN C 277 1.48 -35.87 20.82
N THR C 278 1.21 -34.70 21.39
CA THR C 278 1.63 -33.38 20.84
C THR C 278 3.15 -33.35 20.83
N VAL C 279 3.77 -33.80 21.92
CA VAL C 279 5.25 -33.94 22.02
C VAL C 279 5.75 -34.92 20.94
N LEU C 280 5.11 -36.09 20.81
CA LEU C 280 5.57 -37.22 19.96
C LEU C 280 5.59 -36.81 18.49
N PHE C 281 4.56 -36.14 17.99
CA PHE C 281 4.52 -35.80 16.54
C PHE C 281 5.63 -34.79 16.25
N PHE C 282 5.93 -33.91 17.20
CA PHE C 282 7.00 -32.90 17.04
C PHE C 282 8.35 -33.62 16.95
N GLN C 283 8.58 -34.49 17.92
CA GLN C 283 9.81 -35.33 17.99
C GLN C 283 9.97 -36.09 16.67
N ASN C 284 8.90 -36.73 16.22
CA ASN C 284 8.90 -37.55 14.99
C ASN C 284 9.25 -36.64 13.82
N THR C 285 8.63 -35.47 13.74
CA THR C 285 8.82 -34.56 12.59
C THR C 285 10.29 -34.14 12.50
N LEU C 286 10.84 -33.63 13.59
CA LEU C 286 12.22 -33.12 13.72
C LEU C 286 13.19 -34.27 13.46
N GLN C 287 12.85 -35.46 13.92
CA GLN C 287 13.68 -36.68 13.70
C GLN C 287 13.76 -36.92 12.20
N GLN C 288 12.63 -36.86 11.49
CA GLN C 288 12.62 -37.09 10.03
C GLN C 288 13.43 -36.01 9.34
N ILE C 289 13.28 -34.75 9.73
CA ILE C 289 14.03 -33.65 9.08
C ILE C 289 15.54 -33.91 9.28
N ALA C 290 15.96 -34.20 10.50
CA ALA C 290 17.40 -34.37 10.83
C ALA C 290 18.02 -35.57 10.07
N THR C 291 17.23 -36.58 9.69
CA THR C 291 17.74 -37.82 9.08
C THR C 291 17.54 -37.80 7.55
N SER C 292 16.45 -37.20 7.05
CA SER C 292 16.05 -37.28 5.62
C SER C 292 16.35 -35.98 4.90
N VAL C 293 16.48 -34.86 5.61
CA VAL C 293 16.59 -33.55 4.93
C VAL C 293 17.93 -32.88 5.26
N MET C 294 18.14 -32.44 6.49
CA MET C 294 19.44 -31.82 6.85
C MET C 294 19.60 -31.89 8.34
N PRO C 295 20.84 -32.07 8.83
CA PRO C 295 21.11 -31.99 10.26
C PRO C 295 21.00 -30.56 10.82
N VAL C 296 20.91 -30.51 12.14
CA VAL C 296 20.74 -29.27 12.92
C VAL C 296 21.86 -28.29 12.57
N THR C 297 23.02 -28.78 12.18
CA THR C 297 24.20 -27.91 11.94
C THR C 297 24.17 -27.34 10.52
N ALA C 298 23.27 -27.80 9.64
CA ALA C 298 23.31 -27.47 8.20
C ALA C 298 23.20 -25.95 8.00
N ASP C 299 23.96 -25.45 7.02
CA ASP C 299 23.99 -24.02 6.68
C ASP C 299 22.76 -23.71 5.81
N LEU C 300 21.63 -23.40 6.43
CA LEU C 300 20.37 -23.14 5.70
C LEU C 300 20.47 -21.82 4.94
N LYS C 301 21.27 -20.89 5.40
CA LYS C 301 21.51 -19.62 4.66
C LYS C 301 22.03 -19.99 3.28
N ALA C 302 23.02 -20.89 3.22
CA ALA C 302 23.63 -21.36 1.95
C ALA C 302 22.56 -22.09 1.11
N THR C 303 21.89 -23.08 1.70
CA THR C 303 20.85 -23.89 1.00
C THR C 303 19.81 -22.95 0.39
N TYR C 304 19.28 -22.06 1.18
CA TYR C 304 18.19 -21.18 0.74
C TYR C 304 18.70 -20.35 -0.44
N ALA C 305 19.86 -19.70 -0.28
CA ALA C 305 20.52 -18.88 -1.33
C ALA C 305 20.58 -19.65 -2.64
N ASN C 306 20.93 -20.95 -2.58
CA ASN C 306 21.18 -21.81 -3.76
C ASN C 306 19.87 -22.10 -4.48
N ALA C 307 18.75 -22.10 -3.77
CA ALA C 307 17.38 -22.09 -4.35
C ALA C 307 17.13 -23.33 -5.22
N ASN C 308 17.72 -24.47 -4.86
CA ASN C 308 17.51 -25.75 -5.56
C ASN C 308 16.07 -26.24 -5.33
N GLY C 309 15.45 -26.81 -6.37
CA GLY C 309 14.10 -27.38 -6.28
C GLY C 309 13.21 -26.55 -5.37
N ASN C 310 12.48 -27.19 -4.46
CA ASN C 310 11.46 -26.56 -3.59
C ASN C 310 12.07 -26.21 -2.22
N ASP C 311 13.39 -26.08 -2.15
CA ASP C 311 14.12 -25.89 -0.87
C ASP C 311 13.60 -24.62 -0.18
N GLN C 312 13.39 -23.53 -0.93
CA GLN C 312 13.05 -22.23 -0.33
C GLN C 312 11.69 -22.41 0.37
N SER C 313 10.70 -22.99 -0.31
CA SER C 313 9.34 -23.18 0.24
C SER C 313 9.39 -24.12 1.42
N PHE C 314 10.17 -25.18 1.31
CA PHE C 314 10.31 -26.16 2.41
C PHE C 314 10.85 -25.45 3.67
N LEU C 315 11.90 -24.66 3.52
CA LEU C 315 12.53 -23.96 4.67
C LEU C 315 11.56 -22.89 5.20
N GLN C 316 10.83 -22.19 4.34
CA GLN C 316 9.74 -21.28 4.78
C GLN C 316 8.73 -22.09 5.61
N ASP C 317 8.31 -23.22 5.08
CA ASP C 317 7.28 -24.06 5.76
C ASP C 317 7.84 -24.58 7.10
N LEU C 318 9.12 -24.91 7.15
CA LEU C 318 9.74 -25.43 8.40
C LEU C 318 9.74 -24.32 9.46
N ALA C 319 10.05 -23.09 9.04
CA ALA C 319 10.01 -21.90 9.90
C ALA C 319 8.59 -21.74 10.42
N MET C 320 7.59 -21.87 9.57
CA MET C 320 6.18 -21.71 9.97
C MET C 320 5.82 -22.81 10.97
N PHE C 321 6.22 -24.04 10.67
CA PHE C 321 5.93 -25.17 11.58
C PHE C 321 6.57 -24.95 12.96
N LEU C 322 7.88 -24.77 12.99
CA LEU C 322 8.59 -24.63 14.27
C LEU C 322 7.99 -23.47 15.07
N THR C 323 7.81 -22.29 14.48
CA THR C 323 7.37 -21.10 15.22
C THR C 323 5.95 -21.35 15.74
N THR C 324 5.05 -21.91 14.92
CA THR C 324 3.66 -22.18 15.31
C THR C 324 3.68 -23.15 16.47
N TYR C 325 4.39 -24.27 16.30
CA TYR C 325 4.35 -25.33 17.33
C TYR C 325 4.94 -24.79 18.62
N LEU C 326 6.09 -24.16 18.51
CA LEU C 326 6.85 -23.76 19.72
C LEU C 326 6.11 -22.63 20.44
N ALA C 327 5.48 -21.69 19.72
CA ALA C 327 4.74 -20.59 20.35
C ALA C 327 3.61 -21.17 21.20
N ARG C 328 3.03 -22.31 20.82
CA ARG C 328 1.96 -22.92 21.60
C ARG C 328 2.50 -23.93 22.61
N ASN C 329 3.54 -24.71 22.28
CA ASN C 329 3.83 -25.98 23.00
C ASN C 329 5.21 -25.99 23.67
N ARG C 330 5.98 -24.91 23.59
CA ARG C 330 7.37 -25.08 24.10
C ARG C 330 7.35 -25.40 25.61
N ALA C 331 6.37 -24.95 26.38
CA ALA C 331 6.26 -25.32 27.82
C ALA C 331 6.14 -26.85 27.97
N LEU C 332 5.50 -27.57 27.04
CA LEU C 332 5.47 -29.05 27.08
C LEU C 332 6.90 -29.60 27.09
N LEU C 333 7.82 -28.95 26.39
CA LEU C 333 9.18 -29.51 26.19
C LEU C 333 10.14 -29.04 27.28
N GLU C 334 9.72 -28.07 28.11
CA GLU C 334 10.67 -27.34 28.99
C GLU C 334 10.93 -28.04 30.34
N SER C 335 9.99 -28.81 30.88
CA SER C 335 10.10 -29.39 32.25
C SER C 335 10.86 -30.73 32.21
N ASP C 336 10.49 -31.59 31.27
CA ASP C 336 11.02 -32.97 31.14
C ASP C 336 12.44 -32.88 30.54
N GLU C 337 13.46 -33.28 31.29
CA GLU C 337 14.88 -33.14 30.89
C GLU C 337 15.17 -34.08 29.71
N SER C 338 14.32 -35.07 29.47
CA SER C 338 14.45 -36.01 28.32
C SER C 338 13.98 -35.31 27.03
N LEU C 339 13.28 -34.17 27.12
CA LEU C 339 12.83 -33.38 25.93
C LEU C 339 13.71 -32.15 25.71
N ARG C 340 14.75 -31.97 26.52
CA ARG C 340 15.61 -30.78 26.44
C ARG C 340 16.33 -30.75 25.09
N GLU C 341 16.88 -31.87 24.65
CA GLU C 341 17.60 -31.95 23.35
C GLU C 341 16.63 -31.58 22.21
N LEU C 342 15.41 -32.10 22.21
CA LEU C 342 14.40 -31.80 21.18
C LEU C 342 14.10 -30.29 21.19
N LEU C 343 13.87 -29.73 22.39
CA LEU C 343 13.56 -28.29 22.55
C LEU C 343 14.69 -27.46 21.94
N LEU C 344 15.93 -27.79 22.27
CA LEU C 344 17.05 -26.93 21.87
C LEU C 344 17.38 -27.17 20.40
N ASN C 345 17.24 -28.39 19.90
CA ASN C 345 17.46 -28.69 18.45
C ASN C 345 16.44 -27.92 17.61
N ALA C 346 15.18 -27.91 18.03
CA ALA C 346 14.10 -27.16 17.34
C ALA C 346 14.46 -25.66 17.29
N HIS C 347 14.92 -25.12 18.41
CA HIS C 347 15.38 -23.71 18.46
C HIS C 347 16.63 -23.51 17.59
N GLN C 348 17.50 -24.52 17.53
CA GLN C 348 18.76 -24.40 16.75
C GLN C 348 18.39 -24.39 15.27
N TYR C 349 17.42 -25.18 14.83
CA TYR C 349 16.90 -25.09 13.45
C TYR C 349 16.43 -23.64 13.21
N LEU C 350 15.73 -23.05 14.17
CA LEU C 350 15.20 -21.68 14.03
C LEU C 350 16.33 -20.68 13.95
N ILE C 351 17.38 -20.85 14.77
CA ILE C 351 18.57 -19.99 14.66
C ILE C 351 19.12 -20.10 13.22
N GLN C 352 19.25 -21.30 12.69
CA GLN C 352 19.82 -21.46 11.33
C GLN C 352 18.88 -20.80 10.29
N LEU C 353 17.56 -20.95 10.48
CA LEU C 353 16.56 -20.36 9.56
C LEU C 353 16.62 -18.82 9.63
N SER C 354 16.92 -18.27 10.81
CA SER C 354 17.00 -16.82 11.07
C SER C 354 18.21 -16.25 10.33
N LYS C 355 19.11 -17.10 9.85
CA LYS C 355 20.34 -16.56 9.21
C LYS C 355 20.09 -16.45 7.70
N ILE C 356 18.99 -16.97 7.22
CA ILE C 356 18.67 -16.92 5.78
C ILE C 356 18.50 -15.44 5.40
N GLU C 357 19.11 -15.05 4.29
CA GLU C 357 18.92 -13.70 3.71
C GLU C 357 17.61 -13.69 2.91
N GLU C 358 16.51 -13.52 3.60
CA GLU C 358 15.15 -13.45 3.04
C GLU C 358 14.34 -12.66 4.04
N ARG C 359 14.12 -11.40 3.72
CA ARG C 359 13.46 -10.41 4.60
C ARG C 359 12.22 -11.00 5.26
N GLU C 360 11.32 -11.57 4.47
CA GLU C 360 9.97 -11.94 4.97
C GLU C 360 10.10 -13.20 5.83
N LEU C 361 11.04 -14.08 5.52
CA LEU C 361 11.27 -15.28 6.37
C LEU C 361 11.88 -14.81 7.69
N PHE C 362 12.82 -13.86 7.63
CA PHE C 362 13.42 -13.27 8.85
C PHE C 362 12.33 -12.71 9.78
N LYS C 363 11.37 -11.96 9.20
CA LYS C 363 10.27 -11.39 10.00
C LYS C 363 9.46 -12.49 10.67
N THR C 364 9.25 -13.60 9.99
CA THR C 364 8.52 -14.76 10.55
C THR C 364 9.27 -15.29 11.77
N THR C 365 10.56 -15.53 11.62
CA THR C 365 11.36 -16.04 12.77
C THR C 365 11.43 -14.98 13.86
N LEU C 366 11.54 -13.70 13.50
CA LEU C 366 11.67 -12.60 14.48
C LEU C 366 10.42 -12.51 15.36
N ASP C 367 9.23 -12.72 14.78
CA ASP C 367 7.97 -12.69 15.54
C ASP C 367 8.06 -13.77 16.61
N TYR C 368 8.58 -14.95 16.24
CA TYR C 368 8.73 -16.05 17.20
C TYR C 368 9.76 -15.64 18.26
N TRP C 369 10.93 -15.15 17.86
CA TRP C 369 11.96 -14.77 18.85
C TRP C 369 11.41 -13.74 19.84
N HIS C 370 10.57 -12.82 19.36
CA HIS C 370 9.97 -11.78 20.21
C HIS C 370 9.14 -12.46 21.31
N ASN C 371 8.30 -13.41 20.91
CA ASN C 371 7.50 -14.25 21.80
C ASN C 371 8.42 -14.91 22.82
N LEU C 372 9.50 -15.53 22.37
CA LEU C 372 10.36 -16.34 23.27
C LEU C 372 11.04 -15.38 24.26
N VAL C 373 11.67 -14.31 23.80
CA VAL C 373 12.56 -13.56 24.72
C VAL C 373 11.67 -12.73 25.66
N ALA C 374 10.49 -12.29 25.21
CA ALA C 374 9.47 -11.65 26.08
C ALA C 374 9.10 -12.61 27.22
N ASP C 375 8.85 -13.89 26.90
CA ASP C 375 8.58 -14.97 27.89
C ASP C 375 9.76 -15.16 28.85
N LEU C 376 11.01 -15.18 28.36
CA LEU C 376 12.20 -15.38 29.22
C LEU C 376 12.43 -14.18 30.13
N PHE C 377 12.05 -13.00 29.70
CA PHE C 377 12.17 -11.77 30.51
C PHE C 377 11.22 -11.85 31.73
N TYR C 378 10.06 -12.49 31.62
CA TYR C 378 8.97 -12.49 32.65
C TYR C 378 8.84 -13.82 33.39
N GLU C 379 8.91 -14.94 32.67
CA GLU C 379 8.63 -16.28 33.27
C GLU C 379 9.78 -16.76 34.17
N PRO C 380 9.47 -17.16 35.42
CA PRO C 380 10.49 -17.63 36.35
C PRO C 380 11.14 -18.96 35.92
N LEU C 381 12.46 -19.09 36.14
CA LEU C 381 13.16 -20.37 35.88
C LEU C 381 12.96 -20.83 34.43
N LYS C 382 13.40 -20.03 33.45
CA LYS C 382 13.27 -20.43 32.03
C LYS C 382 14.45 -19.91 31.20
N LYS C 383 14.96 -18.71 31.53
CA LYS C 383 16.01 -18.10 30.66
C LYS C 383 17.22 -19.05 30.57
N HIS C 384 17.61 -19.72 31.66
CA HIS C 384 18.84 -20.58 31.70
C HIS C 384 18.78 -21.71 30.65
N ILE C 385 17.59 -22.19 30.31
CA ILE C 385 17.35 -23.25 29.28
C ILE C 385 17.92 -22.75 27.95
N TYR C 386 17.74 -21.47 27.65
CA TYR C 386 17.93 -20.93 26.30
C TYR C 386 19.23 -20.14 26.17
N GLU C 387 20.14 -20.21 27.14
CA GLU C 387 21.30 -19.28 27.19
C GLU C 387 22.08 -19.29 25.86
N GLU C 388 22.33 -20.47 25.30
CA GLU C 388 23.16 -20.63 24.08
C GLU C 388 22.33 -20.21 22.85
N ILE C 389 21.03 -20.49 22.85
CA ILE C 389 20.11 -20.03 21.77
C ILE C 389 20.12 -18.49 21.78
N CYS C 390 20.02 -17.87 22.95
CA CYS C 390 19.94 -16.41 23.11
C CYS C 390 21.25 -15.77 22.69
N SER C 391 22.38 -16.41 22.95
CA SER C 391 23.70 -15.86 22.63
C SER C 391 23.87 -15.82 21.11
N GLN C 392 23.45 -16.89 20.45
CA GLN C 392 23.45 -16.92 18.98
C GLN C 392 22.51 -15.84 18.45
N LEU C 393 21.33 -15.72 19.05
CA LEU C 393 20.29 -14.81 18.54
C LEU C 393 20.80 -13.38 18.64
N ARG C 394 21.53 -13.01 19.70
CA ARG C 394 22.11 -11.67 19.84
C ARG C 394 22.91 -11.39 18.56
N LEU C 395 23.76 -12.33 18.15
CA LEU C 395 24.60 -12.06 16.95
C LEU C 395 23.68 -11.90 15.73
N VAL C 396 22.70 -12.77 15.58
CA VAL C 396 21.81 -12.76 14.41
C VAL C 396 21.13 -11.39 14.35
N ILE C 397 20.59 -10.90 15.47
CA ILE C 397 19.78 -9.65 15.46
C ILE C 397 20.69 -8.48 15.15
N ILE C 398 21.85 -8.42 15.80
CA ILE C 398 22.82 -7.32 15.63
C ILE C 398 23.25 -7.29 14.16
N GLU C 399 23.57 -8.44 13.56
CA GLU C 399 24.06 -8.47 12.16
C GLU C 399 22.92 -8.12 11.20
N ASN C 400 21.67 -8.20 11.65
CA ASN C 400 20.51 -7.92 10.77
C ASN C 400 19.84 -6.60 11.14
N MET C 401 20.40 -5.75 12.00
CA MET C 401 19.66 -4.55 12.44
C MET C 401 19.44 -3.68 11.21
N VAL C 402 18.24 -3.16 11.07
CA VAL C 402 17.86 -2.25 9.96
C VAL C 402 17.79 -0.86 10.57
N ARG C 403 17.83 0.15 9.69
CA ARG C 403 17.69 1.57 10.05
C ARG C 403 16.35 1.79 10.72
N PRO C 404 16.26 2.75 11.68
CA PRO C 404 14.99 3.06 12.34
C PRO C 404 13.90 3.53 11.35
N GLU C 405 14.29 3.92 10.14
CA GLU C 405 13.30 4.33 9.11
C GLU C 405 12.38 3.13 8.83
N GLU C 406 12.93 1.91 8.84
CA GLU C 406 12.07 0.71 8.73
C GLU C 406 11.37 0.58 10.07
N ILE C 407 10.34 1.40 10.33
CA ILE C 407 9.68 1.47 11.67
C ILE C 407 9.36 0.10 12.26
N GLN C 408 8.49 -0.68 11.63
CA GLN C 408 8.04 -1.95 12.25
C GLN C 408 9.21 -2.93 12.43
N LEU C 409 10.03 -3.12 11.41
CA LEU C 409 11.09 -4.13 11.50
C LEU C 409 12.12 -3.65 12.53
N TYR C 410 12.46 -2.35 12.55
CA TYR C 410 13.40 -1.79 13.54
C TYR C 410 12.80 -1.96 14.94
N LYS C 411 11.51 -1.66 15.08
CA LYS C 411 10.81 -1.80 16.38
C LYS C 411 10.91 -3.27 16.87
N SER C 412 10.56 -4.23 16.02
CA SER C 412 10.59 -5.67 16.40
C SER C 412 12.01 -6.05 16.81
N GLU C 413 13.00 -5.70 15.97
CA GLU C 413 14.41 -6.05 16.20
C GLU C 413 14.88 -5.41 17.52
N ARG C 414 14.57 -4.13 17.72
CA ARG C 414 15.04 -3.42 18.94
C ARG C 414 14.43 -4.11 20.17
N GLU C 415 13.15 -4.44 20.09
CA GLU C 415 12.45 -5.04 21.26
C GLU C 415 13.10 -6.39 21.57
N VAL C 416 13.47 -7.15 20.55
CA VAL C 416 14.09 -8.47 20.78
C VAL C 416 15.48 -8.23 21.37
N LEU C 417 16.21 -7.24 20.87
CA LEU C 417 17.60 -7.01 21.31
C LEU C 417 17.60 -6.41 22.73
N VAL C 418 16.62 -5.57 23.04
CA VAL C 418 16.43 -5.04 24.43
C VAL C 418 16.23 -6.21 25.38
N TYR C 419 15.25 -7.05 25.13
CA TYR C 419 15.00 -8.24 25.95
C TYR C 419 16.28 -9.06 26.12
N LEU C 420 17.00 -9.29 25.02
CA LEU C 420 18.24 -10.13 25.05
C LEU C 420 19.34 -9.45 25.83
N THR C 421 19.40 -8.13 25.76
CA THR C 421 20.41 -7.35 26.48
C THR C 421 20.14 -7.49 27.98
N HIS C 422 18.87 -7.33 28.36
CA HIS C 422 18.43 -7.53 29.77
C HIS C 422 18.86 -8.92 30.22
N LEU C 423 18.60 -9.96 29.42
CA LEU C 423 18.91 -11.35 29.80
C LEU C 423 20.39 -11.58 29.99
N ASN C 424 21.26 -10.92 29.23
CA ASN C 424 22.71 -11.09 29.42
C ASN C 424 23.44 -9.87 28.87
N VAL C 425 23.63 -8.87 29.73
CA VAL C 425 24.14 -7.55 29.26
C VAL C 425 25.61 -7.72 28.86
N ILE C 426 26.34 -8.57 29.58
CA ILE C 426 27.78 -8.81 29.30
C ILE C 426 27.91 -9.43 27.90
N ASP C 427 27.09 -10.42 27.58
CA ASP C 427 27.17 -11.13 26.27
C ASP C 427 26.88 -10.10 25.17
N THR C 428 25.85 -9.27 25.31
CA THR C 428 25.50 -8.24 24.30
C THR C 428 26.67 -7.28 24.10
N GLU C 429 27.18 -6.72 25.18
CA GLU C 429 28.31 -5.77 25.16
C GLU C 429 29.49 -6.42 24.41
N GLU C 430 29.87 -7.66 24.79
CA GLU C 430 31.03 -8.37 24.20
C GLU C 430 30.82 -8.49 22.69
N ILE C 431 29.64 -8.92 22.27
CA ILE C 431 29.34 -9.08 20.82
C ILE C 431 29.51 -7.73 20.12
N MET C 432 28.97 -6.65 20.68
CA MET C 432 29.02 -5.32 20.01
C MET C 432 30.45 -4.77 19.97
N ILE C 433 31.19 -4.88 21.07
CA ILE C 433 32.61 -4.46 21.11
C ILE C 433 33.40 -5.30 20.10
N SER C 434 33.24 -6.62 20.05
CA SER C 434 34.06 -7.43 19.11
C SER C 434 33.60 -7.14 17.66
N LYS C 435 32.32 -6.90 17.39
CA LYS C 435 31.90 -6.46 16.02
C LYS C 435 32.60 -5.14 15.66
N LEU C 436 32.73 -4.24 16.63
CA LEU C 436 33.39 -2.92 16.47
C LEU C 436 34.87 -3.12 16.15
N ALA C 437 35.51 -4.07 16.84
CA ALA C 437 36.94 -4.44 16.63
C ALA C 437 37.14 -4.94 15.19
N ARG C 438 36.16 -5.64 14.61
CA ARG C 438 36.22 -6.18 13.21
C ARG C 438 35.99 -5.06 12.19
N GLN C 439 35.33 -3.96 12.58
CA GLN C 439 35.28 -2.72 11.77
C GLN C 439 36.67 -2.07 11.78
N ILE C 440 37.26 -1.93 12.97
CA ILE C 440 38.57 -1.24 13.19
C ILE C 440 39.73 -2.03 12.54
N ASP C 441 39.70 -3.36 12.53
CA ASP C 441 40.79 -4.18 11.94
C ASP C 441 40.54 -4.38 10.43
N GLY C 442 39.44 -3.89 9.85
CA GLY C 442 39.19 -3.96 8.41
C GLY C 442 38.54 -5.25 7.97
N SER C 443 38.57 -6.32 8.78
CA SER C 443 38.10 -7.66 8.38
C SER C 443 36.61 -7.61 7.94
N GLU C 444 35.78 -6.79 8.61
CA GLU C 444 34.32 -6.70 8.36
C GLU C 444 33.91 -5.27 7.95
N TRP C 445 34.88 -4.38 7.75
CA TRP C 445 34.62 -2.97 7.40
C TRP C 445 33.79 -2.85 6.13
N SER C 446 32.71 -2.08 6.20
CA SER C 446 31.94 -1.55 5.05
C SER C 446 30.96 -0.53 5.61
N TRP C 447 30.43 0.33 4.74
CA TRP C 447 29.47 1.36 5.17
C TRP C 447 28.26 0.63 5.73
N HIS C 448 27.77 -0.35 5.01
CA HIS C 448 26.61 -1.15 5.47
C HIS C 448 26.90 -1.71 6.87
N ASN C 449 28.08 -2.29 7.08
CA ASN C 449 28.38 -3.06 8.32
C ASN C 449 28.56 -2.07 9.48
N ILE C 450 29.24 -0.93 9.28
CA ILE C 450 29.38 0.06 10.38
C ILE C 450 28.02 0.67 10.68
N ASN C 451 27.19 0.90 9.65
CA ASN C 451 25.81 1.45 9.79
C ASN C 451 24.97 0.49 10.62
N THR C 452 24.92 -0.78 10.25
CA THR C 452 24.03 -1.76 10.92
C THR C 452 24.49 -1.87 12.37
N LEU C 453 25.80 -1.92 12.61
CA LEU C 453 26.32 -2.02 13.99
C LEU C 453 25.91 -0.79 14.80
N SER C 454 25.97 0.39 14.21
CA SER C 454 25.62 1.65 14.92
C SER C 454 24.13 1.62 15.27
N TRP C 455 23.28 1.21 14.32
CA TRP C 455 21.83 1.04 14.59
C TRP C 455 21.62 0.06 15.75
N ALA C 456 22.32 -1.07 15.77
CA ALA C 456 22.17 -2.08 16.83
C ALA C 456 22.61 -1.48 18.17
N ILE C 457 23.75 -0.79 18.19
CA ILE C 457 24.29 -0.20 19.45
C ILE C 457 23.31 0.85 19.96
N GLY C 458 22.76 1.67 19.05
CA GLY C 458 21.80 2.71 19.40
C GLY C 458 20.55 2.11 19.99
N SER C 459 20.15 0.92 19.49
CA SER C 459 18.84 0.34 19.79
C SER C 459 18.72 -0.10 21.25
N ILE C 460 19.82 -0.34 21.97
CA ILE C 460 19.77 -0.92 23.34
C ILE C 460 19.98 0.17 24.39
N SER C 461 19.95 1.44 23.99
CA SER C 461 20.00 2.60 24.90
C SER C 461 18.93 2.40 25.98
N GLY C 462 19.27 2.56 27.25
CA GLY C 462 18.26 2.47 28.33
C GLY C 462 18.19 1.09 28.95
N THR C 463 18.94 0.10 28.48
CA THR C 463 18.81 -1.30 28.98
C THR C 463 19.86 -1.57 30.04
N MET C 464 21.04 -0.98 29.94
CA MET C 464 22.13 -1.17 30.91
C MET C 464 21.88 -0.27 32.12
N SER C 465 22.47 -0.60 33.25
CA SER C 465 22.61 0.34 34.39
C SER C 465 23.31 1.62 33.88
N GLU C 466 23.05 2.75 34.52
CA GLU C 466 23.68 4.02 34.09
C GLU C 466 25.21 3.88 34.11
N ASP C 467 25.77 3.20 35.12
CA ASP C 467 27.24 2.97 35.18
C ASP C 467 27.69 2.13 33.98
N THR C 468 27.06 0.97 33.77
CA THR C 468 27.48 0.06 32.68
C THR C 468 27.36 0.79 31.35
N GLU C 469 26.26 1.48 31.15
CA GLU C 469 26.06 2.30 29.93
C GLU C 469 27.21 3.30 29.79
N LYS C 470 27.56 3.99 30.87
CA LYS C 470 28.59 5.04 30.81
C LYS C 470 29.86 4.42 30.24
N ARG C 471 30.29 3.29 30.80
CA ARG C 471 31.54 2.62 30.39
C ARG C 471 31.38 2.16 28.94
N PHE C 472 30.24 1.61 28.60
CA PHE C 472 29.98 1.08 27.24
C PHE C 472 30.02 2.21 26.22
N VAL C 473 29.30 3.31 26.45
CA VAL C 473 29.21 4.45 25.49
C VAL C 473 30.61 5.02 25.29
N VAL C 474 31.35 5.28 26.36
CA VAL C 474 32.71 5.84 26.23
C VAL C 474 33.54 4.93 25.34
N THR C 475 33.52 3.62 25.63
CA THR C 475 34.26 2.61 24.85
C THR C 475 33.87 2.73 23.37
N VAL C 476 32.57 2.69 23.07
CA VAL C 476 32.05 2.74 21.68
C VAL C 476 32.49 4.06 21.02
N ILE C 477 32.38 5.20 21.70
CA ILE C 477 32.68 6.52 21.07
C ILE C 477 34.21 6.58 20.82
N LYS C 478 35.04 6.18 21.78
CA LYS C 478 36.51 6.13 21.56
C LYS C 478 36.81 5.25 20.35
N ASP C 479 36.14 4.09 20.25
CA ASP C 479 36.46 3.12 19.17
C ASP C 479 36.02 3.73 17.84
N LEU C 480 34.85 4.36 17.78
CA LEU C 480 34.32 4.96 16.53
C LEU C 480 35.20 6.15 16.11
N LEU C 481 35.69 6.93 17.08
CA LEU C 481 36.60 8.07 16.86
C LEU C 481 37.92 7.57 16.26
N GLY C 482 38.52 6.53 16.85
CA GLY C 482 39.69 5.82 16.30
C GLY C 482 39.40 5.37 14.87
N LEU C 483 38.25 4.76 14.65
CA LEU C 483 37.81 4.30 13.30
C LEU C 483 37.83 5.50 12.33
N CYS C 484 37.26 6.63 12.74
CA CYS C 484 37.16 7.87 11.92
C CYS C 484 38.55 8.39 11.54
N GLU C 485 39.47 8.48 12.51
CA GLU C 485 40.90 8.88 12.32
C GLU C 485 41.52 7.99 11.24
N GLN C 486 41.60 6.68 11.52
CA GLN C 486 42.05 5.60 10.60
C GLN C 486 41.66 5.87 9.15
N LYS C 487 40.37 6.17 8.93
CA LYS C 487 39.79 6.16 7.57
C LYS C 487 40.33 7.33 6.75
N ARG C 488 40.47 7.08 5.45
CA ARG C 488 41.03 8.00 4.43
C ARG C 488 39.88 8.53 3.59
N GLY C 489 39.81 9.83 3.33
CA GLY C 489 38.86 10.42 2.37
C GLY C 489 37.52 10.67 3.02
N LYS C 490 36.86 11.79 2.67
CA LYS C 490 35.72 12.24 3.50
C LYS C 490 34.52 11.32 3.28
N ASP C 491 34.44 10.54 2.20
CA ASP C 491 33.34 9.55 2.03
C ASP C 491 33.33 8.65 3.28
N ASN C 492 34.47 8.01 3.55
CA ASN C 492 34.67 7.09 4.70
C ASN C 492 34.48 7.85 6.01
N LYS C 493 35.13 8.99 6.16
CA LYS C 493 35.09 9.77 7.43
C LYS C 493 33.67 10.21 7.69
N ALA C 494 32.90 10.52 6.64
CA ALA C 494 31.53 11.06 6.76
C ALA C 494 30.59 9.95 7.22
N VAL C 495 30.81 8.73 6.72
CA VAL C 495 30.00 7.55 7.12
C VAL C 495 30.22 7.31 8.62
N VAL C 496 31.46 7.34 9.08
CA VAL C 496 31.75 7.05 10.51
C VAL C 496 31.27 8.22 11.37
N ALA C 497 31.44 9.46 10.92
CA ALA C 497 30.95 10.64 11.67
C ALA C 497 29.42 10.60 11.82
N ARG C 498 28.69 10.30 10.74
CA ARG C 498 27.23 10.02 10.77
C ARG C 498 26.92 9.04 11.91
N ASP C 499 27.64 7.91 11.93
CA ASP C 499 27.36 6.81 12.88
C ASP C 499 27.67 7.28 14.30
N ILE C 500 28.75 8.03 14.49
CA ILE C 500 29.07 8.57 15.83
C ILE C 500 27.90 9.44 16.26
N MET C 501 27.52 10.39 15.39
N MET C 501 27.48 10.37 15.42
CA MET C 501 26.36 11.31 15.59
CA MET C 501 26.38 11.29 15.81
C MET C 501 25.13 10.47 15.95
C MET C 501 25.08 10.48 15.96
N TYR C 502 24.88 9.42 15.17
CA TYR C 502 23.70 8.55 15.41
C TYR C 502 23.76 7.97 16.84
N VAL C 503 24.90 7.40 17.22
CA VAL C 503 24.99 6.67 18.51
C VAL C 503 24.81 7.66 19.66
N VAL C 504 25.45 8.81 19.55
CA VAL C 504 25.41 9.85 20.61
C VAL C 504 23.95 10.28 20.81
N GLY C 505 23.21 10.50 19.71
CA GLY C 505 21.81 10.93 19.74
C GLY C 505 20.91 9.92 20.39
N GLU C 506 21.29 8.65 20.43
CA GLU C 506 20.45 7.59 21.02
C GLU C 506 20.81 7.38 22.49
N TYR C 507 21.78 8.11 23.05
CA TYR C 507 22.16 7.94 24.48
C TYR C 507 21.97 9.23 25.29
N PRO C 508 20.74 9.78 25.40
CA PRO C 508 20.53 11.05 26.08
C PRO C 508 20.83 10.95 27.59
N ARG C 509 20.65 9.78 28.18
CA ARG C 509 20.91 9.63 29.63
C ARG C 509 22.38 9.96 29.88
N PHE C 510 23.27 9.47 29.02
CA PHE C 510 24.72 9.77 29.03
C PHE C 510 24.94 11.27 28.79
N LEU C 511 24.28 11.87 27.80
CA LEU C 511 24.47 13.32 27.48
C LEU C 511 24.05 14.18 28.68
N LYS C 512 22.91 13.85 29.30
CA LYS C 512 22.33 14.57 30.47
C LYS C 512 23.27 14.55 31.66
N ALA C 513 24.07 13.49 31.83
CA ALA C 513 24.98 13.28 32.97
C ALA C 513 26.29 14.02 32.73
N HIS C 514 26.61 14.36 31.49
CA HIS C 514 27.95 14.82 31.06
C HIS C 514 27.82 16.11 30.24
N TRP C 515 27.51 17.21 30.90
CA TRP C 515 27.25 18.53 30.23
C TRP C 515 28.41 18.89 29.30
N ASN C 516 29.65 18.77 29.76
CA ASN C 516 30.84 19.14 28.95
C ASN C 516 30.84 18.39 27.63
N PHE C 517 30.53 17.09 27.66
CA PHE C 517 30.46 16.22 26.45
C PHE C 517 29.29 16.67 25.57
N LEU C 518 28.12 16.88 26.16
CA LEU C 518 26.92 17.33 25.40
C LEU C 518 27.25 18.64 24.66
N ARG C 519 27.87 19.60 25.36
CA ARG C 519 28.23 20.94 24.81
C ARG C 519 29.15 20.73 23.61
N THR C 520 30.16 19.88 23.76
CA THR C 520 31.17 19.54 22.72
C THR C 520 30.45 18.93 21.52
N VAL C 521 29.52 18.01 21.78
CA VAL C 521 28.77 17.32 20.70
C VAL C 521 28.04 18.37 19.88
N ILE C 522 27.37 19.28 20.56
CA ILE C 522 26.55 20.34 19.91
C ILE C 522 27.50 21.22 19.07
N LEU C 523 28.63 21.64 19.65
CA LEU C 523 29.60 22.51 18.92
C LEU C 523 30.16 21.77 17.71
N LYS C 524 30.41 20.48 17.84
CA LYS C 524 30.87 19.64 16.70
C LYS C 524 29.77 19.59 15.63
N LEU C 525 28.50 19.40 16.02
CA LEU C 525 27.38 19.42 15.04
C LEU C 525 27.36 20.76 14.34
N PHE C 526 27.60 21.85 15.07
CA PHE C 526 27.63 23.21 14.49
C PHE C 526 28.76 23.25 13.45
N GLU C 527 29.90 22.64 13.73
CA GLU C 527 31.02 22.63 12.75
C GLU C 527 30.58 21.89 11.49
N PHE C 528 29.96 20.73 11.70
CA PHE C 528 29.42 19.88 10.60
C PHE C 528 28.38 20.63 9.78
N MET C 529 27.75 21.67 10.35
CA MET C 529 26.73 22.44 9.59
C MET C 529 27.41 23.32 8.52
N HIS C 530 28.74 23.32 8.46
CA HIS C 530 29.54 24.02 7.42
C HIS C 530 30.09 23.02 6.38
N GLU C 531 30.09 21.72 6.66
CA GLU C 531 30.54 20.65 5.72
C GLU C 531 29.55 20.52 4.55
N THR C 532 29.98 20.79 3.32
CA THR C 532 29.15 20.70 2.08
C THR C 532 29.07 19.25 1.60
N HIS C 533 29.94 18.36 2.10
CA HIS C 533 29.92 16.91 1.77
C HIS C 533 28.50 16.36 1.95
N GLU C 534 27.97 15.69 0.93
CA GLU C 534 26.54 15.29 0.85
C GLU C 534 26.16 14.50 2.12
N GLY C 535 25.03 14.87 2.71
CA GLY C 535 24.39 14.18 3.86
C GLY C 535 24.87 14.69 5.20
N VAL C 536 26.01 15.39 5.26
CA VAL C 536 26.66 15.76 6.55
C VAL C 536 25.82 16.84 7.26
N GLN C 537 25.41 17.88 6.51
CA GLN C 537 24.61 18.99 7.05
C GLN C 537 23.27 18.45 7.55
N ASP C 538 22.62 17.55 6.78
CA ASP C 538 21.32 16.94 7.20
C ASP C 538 21.52 16.12 8.47
N MET C 539 22.56 15.30 8.57
N MET C 539 22.58 15.31 8.51
CA MET C 539 22.69 14.47 9.79
CA MET C 539 22.93 14.47 9.68
C MET C 539 23.07 15.39 10.98
C MET C 539 23.08 15.38 10.91
N ALA C 540 23.87 16.45 10.77
CA ALA C 540 24.12 17.44 11.84
C ALA C 540 22.81 18.08 12.29
N CYS C 541 21.92 18.49 11.38
CA CYS C 541 20.65 19.15 11.78
C CYS C 541 19.72 18.13 12.40
N ASP C 542 19.62 16.95 11.81
CA ASP C 542 18.78 15.84 12.34
C ASP C 542 19.26 15.47 13.76
N THR C 543 20.56 15.37 13.97
CA THR C 543 21.11 14.97 15.29
C THR C 543 20.85 16.09 16.28
N PHE C 544 21.04 17.32 15.83
CA PHE C 544 20.81 18.51 16.69
C PHE C 544 19.40 18.44 17.24
N ILE C 545 18.39 18.36 16.37
CA ILE C 545 16.98 18.41 16.88
C ILE C 545 16.70 17.18 17.73
N LYS C 546 17.18 16.01 17.35
CA LYS C 546 16.97 14.80 18.17
C LYS C 546 17.57 14.99 19.57
N ILE C 547 18.80 15.50 19.67
CA ILE C 547 19.43 15.68 21.00
C ILE C 547 18.58 16.67 21.78
N VAL C 548 18.17 17.76 21.13
CA VAL C 548 17.39 18.83 21.80
C VAL C 548 16.05 18.25 22.29
N GLN C 549 15.36 17.47 21.47
CA GLN C 549 14.07 16.86 21.90
C GLN C 549 14.29 16.08 23.21
N LYS C 550 15.43 15.40 23.35
CA LYS C 550 15.68 14.51 24.52
C LYS C 550 16.32 15.28 25.69
N CYS C 551 17.12 16.31 25.44
CA CYS C 551 17.97 16.93 26.49
C CYS C 551 17.68 18.42 26.65
N LYS C 552 16.55 18.90 26.10
CA LYS C 552 16.17 20.35 26.03
C LYS C 552 16.38 21.05 27.36
N TYR C 553 16.06 20.42 28.49
CA TYR C 553 16.18 21.03 29.83
C TYR C 553 17.63 21.47 30.08
N HIS C 554 18.61 20.73 29.58
CA HIS C 554 20.06 21.02 29.79
C HIS C 554 20.51 22.26 28.99
N PHE C 555 19.69 22.75 28.06
CA PHE C 555 19.99 23.92 27.21
C PHE C 555 19.34 25.19 27.78
N VAL C 556 18.40 25.04 28.71
CA VAL C 556 17.56 26.16 29.18
C VAL C 556 17.99 26.59 30.60
N ILE C 557 18.58 25.68 31.38
CA ILE C 557 19.17 26.01 32.71
C ILE C 557 20.57 26.58 32.48
N GLN C 558 21.06 27.32 33.45
CA GLN C 558 22.50 27.68 33.56
C GLN C 558 23.21 26.47 34.15
N GLN C 559 24.02 25.78 33.35
CA GLN C 559 24.86 24.64 33.81
C GLN C 559 25.89 25.23 34.76
N PRO C 560 26.29 24.53 35.85
CA PRO C 560 27.40 25.01 36.68
C PRO C 560 28.62 25.30 35.80
N ARG C 561 29.25 26.47 35.98
CA ARG C 561 30.51 26.89 35.31
C ARG C 561 30.24 27.39 33.89
N GLU C 562 28.97 27.65 33.53
CA GLU C 562 28.61 28.41 32.32
C GLU C 562 28.17 29.82 32.75
N SER C 563 28.41 30.84 31.92
CA SER C 563 27.96 32.22 32.20
C SER C 563 26.47 32.37 31.88
N GLU C 564 25.91 31.49 31.04
CA GLU C 564 24.49 31.61 30.64
C GLU C 564 23.91 30.26 30.24
N PRO C 565 22.57 30.12 30.23
CA PRO C 565 21.92 29.00 29.56
C PRO C 565 22.48 28.86 28.15
N PHE C 566 22.74 27.63 27.71
CA PHE C 566 23.36 27.38 26.39
C PHE C 566 22.45 27.83 25.25
N ILE C 567 21.12 27.84 25.42
CA ILE C 567 20.18 28.38 24.39
C ILE C 567 20.59 29.82 24.06
N GLN C 568 21.09 30.62 25.02
CA GLN C 568 21.48 32.02 24.73
C GLN C 568 22.69 31.95 23.79
N THR C 569 23.62 31.03 24.06
CA THR C 569 24.89 30.88 23.30
C THR C 569 24.58 30.46 21.85
N ILE C 570 23.65 29.53 21.69
CA ILE C 570 23.18 29.09 20.34
C ILE C 570 22.59 30.32 19.63
N ILE C 571 21.69 31.04 20.27
CA ILE C 571 20.95 32.16 19.61
C ILE C 571 21.97 33.23 19.23
N ARG C 572 22.92 33.56 20.12
CA ARG C 572 23.90 34.64 19.86
C ARG C 572 24.63 34.34 18.55
N ASP C 573 24.97 33.08 18.28
CA ASP C 573 25.83 32.74 17.13
C ASP C 573 25.02 32.17 15.96
N ILE C 574 23.70 32.27 16.00
CA ILE C 574 22.82 31.51 15.05
C ILE C 574 23.17 31.87 13.59
N GLN C 575 23.41 33.14 13.29
CA GLN C 575 23.71 33.58 11.90
C GLN C 575 24.90 32.78 11.36
N LYS C 576 25.99 32.76 12.12
CA LYS C 576 27.24 32.06 11.78
C LYS C 576 26.96 30.54 11.73
N THR C 577 26.25 29.98 12.72
CA THR C 577 25.98 28.53 12.77
C THR C 577 25.22 28.07 11.52
N THR C 578 24.22 28.83 11.07
CA THR C 578 23.27 28.41 10.02
C THR C 578 23.67 28.95 8.64
N ALA C 579 24.79 29.69 8.54
CA ALA C 579 25.17 30.46 7.34
C ALA C 579 25.25 29.57 6.09
N ASP C 580 25.64 28.29 6.21
CA ASP C 580 25.89 27.41 5.04
C ASP C 580 24.74 26.44 4.84
N LEU C 581 23.72 26.50 5.69
CA LEU C 581 22.63 25.50 5.63
C LEU C 581 21.69 25.84 4.46
N GLN C 582 21.07 24.82 3.89
CA GLN C 582 19.91 24.96 2.98
C GLN C 582 18.70 25.44 3.80
N PRO C 583 17.71 26.12 3.17
CA PRO C 583 16.56 26.65 3.90
C PRO C 583 15.89 25.63 4.82
N GLN C 584 15.65 24.40 4.34
CA GLN C 584 14.98 23.31 5.11
C GLN C 584 15.80 22.98 6.36
N GLN C 585 17.12 22.98 6.26
CA GLN C 585 18.04 22.77 7.42
C GLN C 585 17.89 23.93 8.41
N VAL C 586 17.79 25.17 7.90
CA VAL C 586 17.68 26.38 8.75
C VAL C 586 16.39 26.21 9.53
N HIS C 587 15.31 25.79 8.87
CA HIS C 587 13.98 25.65 9.50
C HIS C 587 14.08 24.64 10.64
N THR C 588 14.77 23.52 10.41
CA THR C 588 14.96 22.47 11.43
C THR C 588 15.70 23.07 12.62
N PHE C 589 16.75 23.81 12.33
CA PHE C 589 17.57 24.44 13.39
C PHE C 589 16.69 25.32 14.29
N TYR C 590 15.92 26.22 13.66
CA TYR C 590 15.07 27.20 14.38
C TYR C 590 14.00 26.40 15.14
N LYS C 591 13.45 25.36 14.53
CA LYS C 591 12.46 24.48 15.21
C LYS C 591 13.09 23.92 16.48
N ALA C 592 14.31 23.40 16.37
CA ALA C 592 15.02 22.81 17.53
C ALA C 592 15.16 23.91 18.59
N CYS C 593 15.53 25.13 18.20
CA CYS C 593 15.69 26.24 19.19
C CYS C 593 14.34 26.48 19.87
N GLY C 594 13.23 26.41 19.13
CA GLY C 594 11.88 26.59 19.69
C GLY C 594 11.55 25.55 20.74
N ILE C 595 11.93 24.28 20.51
CA ILE C 595 11.78 23.20 21.53
C ILE C 595 12.45 23.64 22.83
N ILE C 596 13.70 24.11 22.75
CA ILE C 596 14.45 24.55 23.96
C ILE C 596 13.69 25.68 24.62
N ILE C 597 13.29 26.71 23.84
CA ILE C 597 12.72 27.96 24.42
C ILE C 597 11.39 27.67 25.12
N SER C 598 10.61 26.74 24.59
CA SER C 598 9.35 26.30 25.23
C SER C 598 9.62 25.64 26.60
N GLU C 599 10.83 25.19 26.91
CA GLU C 599 11.18 24.68 28.25
C GLU C 599 11.24 25.80 29.30
N GLU C 600 11.46 27.04 28.87
CA GLU C 600 11.60 28.19 29.78
C GLU C 600 10.21 28.62 30.24
N ARG C 601 9.89 28.47 31.52
CA ARG C 601 8.49 28.66 31.99
C ARG C 601 8.32 30.06 32.57
N SER C 602 9.40 30.78 32.81
CA SER C 602 9.33 32.25 33.06
C SER C 602 8.92 32.97 31.75
N VAL C 603 7.82 33.70 31.75
CA VAL C 603 7.24 34.30 30.51
C VAL C 603 8.22 35.37 29.97
N ALA C 604 8.73 36.25 30.81
CA ALA C 604 9.59 37.38 30.40
C ALA C 604 10.82 36.80 29.70
N GLU C 605 11.38 35.74 30.26
CA GLU C 605 12.60 35.10 29.72
C GLU C 605 12.23 34.34 28.44
N ARG C 606 11.11 33.65 28.44
CA ARG C 606 10.73 32.88 27.25
C ARG C 606 10.53 33.86 26.08
N ASN C 607 9.78 34.93 26.31
CA ASN C 607 9.44 35.91 25.27
C ASN C 607 10.73 36.57 24.75
N ARG C 608 11.66 36.87 25.64
CA ARG C 608 12.96 37.45 25.21
C ARG C 608 13.74 36.47 24.34
N LEU C 609 13.90 35.21 24.77
CA LEU C 609 14.53 34.16 23.93
C LEU C 609 13.81 34.07 22.57
N LEU C 610 12.48 34.08 22.55
CA LEU C 610 11.73 33.95 21.29
C LEU C 610 12.03 35.18 20.41
N SER C 611 12.04 36.37 20.99
CA SER C 611 12.38 37.62 20.28
C SER C 611 13.79 37.50 19.70
N ASP C 612 14.74 37.01 20.50
CA ASP C 612 16.16 36.89 20.11
C ASP C 612 16.29 35.85 18.99
N LEU C 613 15.60 34.71 19.11
CA LEU C 613 15.70 33.61 18.13
C LEU C 613 15.21 34.15 16.78
N MET C 614 14.15 34.94 16.80
CA MET C 614 13.43 35.42 15.58
C MET C 614 14.05 36.72 15.07
N GLN C 615 15.18 37.14 15.64
CA GLN C 615 15.84 38.40 15.25
C GLN C 615 16.07 38.44 13.74
N LEU C 616 16.72 37.45 13.14
CA LEU C 616 17.11 37.57 11.69
C LEU C 616 15.86 37.49 10.80
N PRO C 617 14.94 36.53 10.98
CA PRO C 617 13.71 36.56 10.19
C PRO C 617 12.93 37.87 10.42
N ASN C 618 12.90 38.39 11.65
CA ASN C 618 12.10 39.62 11.97
C ASN C 618 12.75 40.84 11.29
N MET C 619 14.07 40.92 11.27
CA MET C 619 14.77 42.07 10.65
C MET C 619 14.61 41.98 9.13
N ALA C 620 14.76 40.80 8.54
CA ALA C 620 14.55 40.58 7.09
C ALA C 620 13.12 40.97 6.74
N TRP C 621 12.16 40.51 7.54
CA TRP C 621 10.70 40.80 7.43
C TRP C 621 10.46 42.31 7.46
N ASP C 622 10.95 43.00 8.48
CA ASP C 622 10.71 44.45 8.71
C ASP C 622 11.17 45.23 7.49
N THR C 623 12.37 44.94 6.98
CA THR C 623 12.97 45.62 5.79
C THR C 623 12.05 45.35 4.59
N ILE C 624 11.68 44.10 4.36
CA ILE C 624 10.84 43.72 3.18
C ILE C 624 9.48 44.40 3.29
N VAL C 625 8.82 44.32 4.44
CA VAL C 625 7.47 44.91 4.64
C VAL C 625 7.53 46.42 4.36
N GLU C 626 8.55 47.13 4.87
CA GLU C 626 8.77 48.58 4.61
C GLU C 626 8.96 48.84 3.11
N GLN C 627 9.98 48.21 2.52
CA GLN C 627 10.33 48.37 1.09
C GLN C 627 9.16 47.88 0.23
N SER C 628 8.57 46.74 0.60
CA SER C 628 7.44 46.06 -0.12
C SER C 628 6.20 46.97 -0.16
N THR C 629 5.85 47.65 0.94
CA THR C 629 4.66 48.53 1.04
C THR C 629 4.98 49.87 0.36
N ALA C 630 6.21 50.38 0.56
CA ALA C 630 6.73 51.60 -0.11
C ALA C 630 6.64 51.41 -1.64
N ASN C 631 6.88 50.20 -2.14
CA ASN C 631 6.93 49.87 -3.60
C ASN C 631 6.41 48.45 -3.82
N PRO C 632 5.10 48.25 -4.06
CA PRO C 632 4.52 46.91 -4.24
C PRO C 632 5.11 46.10 -5.41
N THR C 633 5.81 46.81 -6.31
CA THR C 633 6.63 46.27 -7.42
C THR C 633 7.65 45.24 -6.91
N LEU C 634 8.31 45.52 -5.77
CA LEU C 634 9.50 44.75 -5.29
C LEU C 634 9.10 43.28 -5.04
N LEU C 635 7.80 43.02 -4.89
CA LEU C 635 7.20 41.68 -4.68
C LEU C 635 7.24 40.84 -5.97
N LEU C 636 7.43 41.47 -7.14
CA LEU C 636 7.59 40.76 -8.44
C LEU C 636 8.99 40.10 -8.50
N ASP C 637 9.94 40.56 -7.66
CA ASP C 637 11.30 39.97 -7.62
C ASP C 637 11.20 38.55 -7.04
N SER C 638 11.56 37.58 -7.88
CA SER C 638 11.69 36.15 -7.58
C SER C 638 12.45 35.93 -6.27
N GLU C 639 13.58 36.64 -6.07
CA GLU C 639 14.46 36.42 -4.89
C GLU C 639 13.69 36.87 -3.63
N THR C 640 12.96 37.97 -3.69
CA THR C 640 12.22 38.52 -2.52
C THR C 640 11.09 37.56 -2.14
N VAL C 641 10.39 37.01 -3.14
CA VAL C 641 9.28 36.05 -2.90
C VAL C 641 9.87 34.84 -2.15
N LYS C 642 11.06 34.41 -2.53
CA LYS C 642 11.71 33.24 -1.88
C LYS C 642 12.11 33.59 -0.46
N ILE C 643 12.67 34.77 -0.22
CA ILE C 643 13.04 35.23 1.14
C ILE C 643 11.78 35.29 1.99
N ILE C 644 10.70 35.89 1.49
CA ILE C 644 9.43 36.00 2.26
C ILE C 644 8.95 34.58 2.62
N ALA C 645 8.93 33.65 1.66
CA ALA C 645 8.46 32.27 1.89
C ALA C 645 9.30 31.65 3.00
N ASN C 646 10.62 31.85 2.92
CA ASN C 646 11.56 31.29 3.91
C ASN C 646 11.34 31.93 5.30
N ILE C 647 11.04 33.23 5.38
CA ILE C 647 10.72 33.90 6.66
C ILE C 647 9.46 33.24 7.24
N ILE C 648 8.42 33.07 6.41
CA ILE C 648 7.14 32.53 6.91
C ILE C 648 7.39 31.10 7.34
N LYS C 649 8.13 30.32 6.55
CA LYS C 649 8.42 28.91 6.93
C LYS C 649 9.23 28.83 8.23
N THR C 650 10.11 29.80 8.49
CA THR C 650 10.88 29.82 9.76
C THR C 650 9.87 30.04 10.90
N ASN C 651 8.94 30.96 10.72
CA ASN C 651 7.86 31.18 11.72
C ASN C 651 7.06 29.90 11.93
N VAL C 652 6.71 29.20 10.85
CA VAL C 652 5.95 27.91 10.97
C VAL C 652 6.76 26.92 11.82
N ALA C 653 8.03 26.77 11.51
CA ALA C 653 8.95 25.80 12.18
C ALA C 653 8.97 26.08 13.67
N VAL C 654 9.11 27.35 14.03
CA VAL C 654 9.25 27.74 15.46
C VAL C 654 7.87 27.62 16.13
N CYS C 655 6.80 28.00 15.43
CA CYS C 655 5.42 27.85 15.94
C CYS C 655 5.12 26.34 16.17
N THR C 656 5.61 25.48 15.30
CA THR C 656 5.40 24.01 15.42
C THR C 656 5.92 23.51 16.76
N SER C 657 7.09 23.96 17.22
CA SER C 657 7.61 23.45 18.50
C SER C 657 7.13 24.29 19.68
N MET C 658 6.68 25.54 19.50
CA MET C 658 6.36 26.41 20.65
C MET C 658 4.84 26.47 20.90
N GLY C 659 4.01 26.18 19.88
CA GLY C 659 2.54 26.24 20.02
C GLY C 659 2.06 27.53 20.65
N ALA C 660 1.36 27.43 21.79
CA ALA C 660 0.77 28.55 22.54
C ALA C 660 1.79 29.63 22.88
N ASP C 661 3.04 29.24 23.14
CA ASP C 661 4.15 30.15 23.51
C ASP C 661 4.55 31.04 22.31
N PHE C 662 4.08 30.74 21.10
CA PHE C 662 4.54 31.43 19.88
C PHE C 662 3.83 32.78 19.74
N TYR C 663 2.77 32.97 20.51
CA TYR C 663 1.82 34.08 20.30
C TYR C 663 2.50 35.44 20.14
N PRO C 664 3.46 35.83 21.01
CA PRO C 664 4.05 37.17 20.90
C PRO C 664 4.72 37.36 19.55
N GLN C 665 5.34 36.31 19.02
CA GLN C 665 5.99 36.35 17.67
C GLN C 665 4.89 36.47 16.61
N LEU C 666 3.82 35.69 16.72
CA LEU C 666 2.70 35.81 15.75
C LEU C 666 2.19 37.25 15.79
N GLY C 667 2.06 37.83 16.99
CA GLY C 667 1.55 39.18 17.16
C GLY C 667 2.45 40.23 16.53
N HIS C 668 3.77 40.01 16.53
CA HIS C 668 4.74 40.92 15.88
C HIS C 668 4.48 41.00 14.36
N ILE C 669 4.12 39.89 13.70
CA ILE C 669 4.05 39.88 12.19
C ILE C 669 2.60 39.86 11.70
N TYR C 670 1.62 39.68 12.58
CA TYR C 670 0.28 39.19 12.17
C TYR C 670 -0.34 40.13 11.14
N TYR C 671 -0.46 41.41 11.47
CA TYR C 671 -1.24 42.38 10.65
C TYR C 671 -0.54 42.55 9.30
N ASN C 672 0.77 42.71 9.31
CA ASN C 672 1.53 42.89 8.04
C ASN C 672 1.53 41.59 7.24
N MET C 673 1.48 40.43 7.91
CA MET C 673 1.41 39.14 7.23
C MET C 673 0.07 39.05 6.49
N LEU C 674 -1.03 39.51 7.10
CA LEU C 674 -2.34 39.46 6.41
C LEU C 674 -2.38 40.51 5.30
N GLN C 675 -1.66 41.62 5.46
CA GLN C 675 -1.54 42.64 4.39
C GLN C 675 -0.82 42.00 3.22
N LEU C 676 0.26 41.28 3.50
CA LEU C 676 1.06 40.59 2.46
C LEU C 676 0.22 39.54 1.73
N TYR C 677 -0.59 38.78 2.47
CA TYR C 677 -1.55 37.80 1.93
C TYR C 677 -2.44 38.47 0.86
N ARG C 678 -3.01 39.64 1.18
CA ARG C 678 -3.80 40.42 0.20
C ARG C 678 -2.92 40.88 -0.96
N ALA C 679 -1.72 41.41 -0.72
CA ALA C 679 -0.85 41.96 -1.79
C ALA C 679 -0.52 40.82 -2.75
N VAL C 680 -0.07 39.69 -2.22
CA VAL C 680 0.28 38.49 -3.03
C VAL C 680 -0.98 38.00 -3.78
N SER C 681 -2.15 37.95 -3.14
CA SER C 681 -3.42 37.51 -3.77
C SER C 681 -3.72 38.36 -5.01
N SER C 682 -3.58 39.69 -4.91
CA SER C 682 -3.83 40.64 -6.02
C SER C 682 -2.89 40.31 -7.19
N MET C 683 -1.61 40.12 -6.91
CA MET C 683 -0.59 39.75 -7.93
C MET C 683 -0.97 38.44 -8.62
N ILE C 684 -1.37 37.42 -7.88
CA ILE C 684 -1.81 36.14 -8.50
C ILE C 684 -3.02 36.38 -9.43
N SER C 685 -4.09 36.99 -8.92
CA SER C 685 -5.31 37.36 -9.70
C SER C 685 -4.93 38.12 -10.97
N THR C 686 -4.03 39.10 -10.83
CA THR C 686 -3.52 40.00 -11.91
C THR C 686 -2.83 39.14 -12.97
N GLN C 687 -1.92 38.28 -12.53
CA GLN C 687 -1.06 37.44 -13.39
C GLN C 687 -1.93 36.45 -14.15
N VAL C 688 -2.92 35.85 -13.50
CA VAL C 688 -3.82 34.85 -14.12
C VAL C 688 -4.63 35.54 -15.23
N ALA C 689 -5.11 36.75 -14.97
CA ALA C 689 -5.82 37.60 -15.97
C ALA C 689 -4.91 37.93 -17.16
N ALA C 690 -3.66 38.33 -16.90
CA ALA C 690 -2.70 38.80 -17.94
C ALA C 690 -2.15 37.61 -18.74
N GLU C 691 -1.93 36.45 -18.13
CA GLU C 691 -1.16 35.35 -18.75
C GLU C 691 -2.02 34.13 -18.99
N GLY C 692 -3.18 33.99 -18.32
CA GLY C 692 -4.04 32.80 -18.39
C GLY C 692 -3.86 31.85 -17.21
N LEU C 693 -4.70 30.80 -17.17
CA LEU C 693 -4.64 29.72 -16.15
C LEU C 693 -3.22 29.13 -16.09
N ILE C 694 -2.48 29.18 -17.21
CA ILE C 694 -1.08 28.69 -17.23
C ILE C 694 -0.27 29.44 -16.16
N ALA C 695 -0.56 30.71 -15.91
CA ALA C 695 0.14 31.53 -14.90
C ALA C 695 0.31 30.74 -13.60
N THR C 696 -0.67 29.92 -13.24
CA THR C 696 -0.66 29.23 -11.92
C THR C 696 0.45 28.15 -11.92
N LYS C 697 1.02 27.81 -13.08
CA LYS C 697 2.10 26.79 -13.16
C LYS C 697 3.48 27.48 -13.11
N THR C 698 3.55 28.79 -13.31
CA THR C 698 4.82 29.56 -13.40
C THR C 698 5.53 29.56 -12.05
N PRO C 699 6.89 29.53 -12.06
CA PRO C 699 7.67 29.63 -10.83
C PRO C 699 7.28 30.84 -9.98
N LYS C 700 7.01 31.99 -10.59
CA LYS C 700 6.70 33.24 -9.84
C LYS C 700 5.38 33.09 -9.08
N VAL C 701 4.33 32.67 -9.77
CA VAL C 701 2.97 32.52 -9.16
C VAL C 701 3.01 31.38 -8.15
N ARG C 702 3.70 30.27 -8.44
CA ARG C 702 3.82 29.17 -7.47
C ARG C 702 4.51 29.73 -6.21
N GLY C 703 5.57 30.53 -6.37
CA GLY C 703 6.24 31.23 -5.25
C GLY C 703 5.25 32.11 -4.45
N LEU C 704 4.38 32.85 -5.14
CA LEU C 704 3.40 33.73 -4.48
C LEU C 704 2.42 32.86 -3.71
N ARG C 705 1.94 31.79 -4.33
CA ARG C 705 0.97 30.86 -3.72
C ARG C 705 1.63 30.20 -2.53
N THR C 706 2.92 29.89 -2.61
CA THR C 706 3.66 29.31 -1.45
C THR C 706 3.54 30.31 -0.29
N ILE C 707 3.66 31.59 -0.56
CA ILE C 707 3.57 32.60 0.53
C ILE C 707 2.19 32.45 1.18
N LYS C 708 1.11 32.41 0.39
CA LYS C 708 -0.27 32.31 0.95
C LYS C 708 -0.41 31.00 1.73
N LYS C 709 0.09 29.88 1.20
CA LYS C 709 -0.06 28.56 1.86
C LYS C 709 0.70 28.57 3.18
N GLU C 710 1.89 29.14 3.23
CA GLU C 710 2.68 29.14 4.48
C GLU C 710 2.03 30.06 5.53
N ILE C 711 1.49 31.20 5.12
CA ILE C 711 0.73 32.09 6.03
C ILE C 711 -0.43 31.30 6.64
N LEU C 712 -1.22 30.60 5.82
CA LEU C 712 -2.35 29.77 6.28
C LEU C 712 -1.82 28.67 7.20
N LYS C 713 -0.67 28.08 6.87
CA LYS C 713 -0.10 26.98 7.68
C LYS C 713 0.36 27.58 9.01
N LEU C 714 0.86 28.81 9.00
CA LEU C 714 1.32 29.41 10.27
C LEU C 714 0.12 29.65 11.19
N VAL C 715 -0.92 30.26 10.67
CA VAL C 715 -2.15 30.58 11.44
C VAL C 715 -2.80 29.28 11.92
N GLU C 716 -2.92 28.29 11.06
CA GLU C 716 -3.50 26.98 11.41
C GLU C 716 -2.66 26.36 12.52
N THR C 717 -1.34 26.39 12.39
CA THR C 717 -0.43 25.76 13.37
C THR C 717 -0.65 26.43 14.73
N TYR C 718 -0.69 27.76 14.78
CA TYR C 718 -0.79 28.48 16.06
C TYR C 718 -2.17 28.19 16.66
N ILE C 719 -3.22 28.34 15.86
CA ILE C 719 -4.62 28.22 16.39
C ILE C 719 -4.84 26.79 16.91
N SER C 720 -4.34 25.78 16.19
CA SER C 720 -4.46 24.35 16.60
C SER C 720 -3.85 24.13 17.99
N LYS C 721 -2.90 24.96 18.45
CA LYS C 721 -2.20 24.74 19.74
C LYS C 721 -2.49 25.86 20.74
N ALA C 722 -3.32 26.84 20.38
CA ALA C 722 -3.51 28.07 21.20
C ALA C 722 -4.18 27.68 22.52
N ARG C 723 -3.74 28.25 23.62
CA ARG C 723 -4.34 28.09 24.96
C ARG C 723 -5.32 29.21 25.18
N ASN C 724 -4.96 30.43 24.77
CA ASN C 724 -5.80 31.62 25.01
C ASN C 724 -6.72 31.81 23.80
N LEU C 725 -7.96 31.33 23.90
CA LEU C 725 -8.94 31.31 22.79
C LEU C 725 -9.63 32.66 22.70
N ASP C 726 -9.71 33.43 23.80
CA ASP C 726 -10.28 34.81 23.80
C ASP C 726 -9.46 35.65 22.82
N ASP C 727 -8.14 35.58 22.88
CA ASP C 727 -7.20 36.28 21.97
C ASP C 727 -7.39 35.77 20.54
N VAL C 728 -7.53 34.46 20.38
CA VAL C 728 -7.76 33.90 19.01
C VAL C 728 -8.97 34.60 18.43
N VAL C 729 -10.10 34.65 19.16
CA VAL C 729 -11.38 35.20 18.64
C VAL C 729 -11.27 36.72 18.51
N LYS C 730 -10.66 37.40 19.49
CA LYS C 730 -10.75 38.89 19.67
C LYS C 730 -9.71 39.54 18.74
N VAL C 731 -8.60 38.85 18.48
CA VAL C 731 -7.43 39.46 17.81
C VAL C 731 -7.21 38.79 16.45
N LEU C 732 -7.24 37.48 16.35
CA LEU C 732 -6.76 36.74 15.13
C LEU C 732 -7.89 36.55 14.11
N VAL C 733 -9.11 36.18 14.54
CA VAL C 733 -10.09 35.57 13.63
C VAL C 733 -10.59 36.62 12.63
N GLU C 734 -10.99 37.79 13.09
CA GLU C 734 -11.72 38.72 12.21
C GLU C 734 -10.77 39.13 11.09
N PRO C 735 -9.54 39.58 11.38
CA PRO C 735 -8.60 39.91 10.32
C PRO C 735 -8.33 38.72 9.40
N LEU C 736 -8.26 37.50 9.95
CA LEU C 736 -7.99 36.29 9.17
C LEU C 736 -9.12 36.10 8.16
N LEU C 737 -10.37 36.08 8.65
CA LEU C 737 -11.55 35.86 7.77
C LEU C 737 -11.62 36.98 6.74
N ASN C 738 -11.33 38.23 7.11
CA ASN C 738 -11.40 39.38 6.14
C ASN C 738 -10.32 39.19 5.07
N ALA C 739 -9.17 38.67 5.42
CA ALA C 739 -8.05 38.49 4.48
C ALA C 739 -8.29 37.28 3.56
N VAL C 740 -8.91 36.19 4.01
CA VAL C 740 -8.82 34.94 3.21
C VAL C 740 -10.16 34.60 2.54
N LEU C 741 -11.31 34.98 3.07
CA LEU C 741 -12.59 34.34 2.65
C LEU C 741 -13.06 34.89 1.30
N GLU C 742 -13.15 36.21 1.16
CA GLU C 742 -13.58 36.87 -0.08
C GLU C 742 -12.54 36.56 -1.15
N ASP C 743 -11.25 36.57 -0.80
CA ASP C 743 -10.17 36.23 -1.76
C ASP C 743 -10.39 34.80 -2.32
N TYR C 744 -10.79 33.85 -1.49
CA TYR C 744 -11.01 32.45 -1.89
C TYR C 744 -12.21 32.43 -2.84
N MET C 745 -13.33 33.03 -2.41
CA MET C 745 -14.59 33.11 -3.20
C MET C 745 -14.35 33.75 -4.57
N ASN C 746 -13.52 34.79 -4.65
CA ASN C 746 -13.47 35.71 -5.80
C ASN C 746 -12.32 35.33 -6.75
N ASN C 747 -11.60 34.27 -6.46
CA ASN C 747 -10.58 33.72 -7.38
C ASN C 747 -11.29 32.68 -8.26
N VAL C 748 -10.77 32.47 -9.45
CA VAL C 748 -11.24 31.37 -10.33
C VAL C 748 -10.87 30.06 -9.62
N PRO C 749 -11.64 28.98 -9.85
CA PRO C 749 -11.36 27.72 -9.16
C PRO C 749 -9.87 27.32 -9.09
N ASP C 750 -9.12 27.52 -10.18
CA ASP C 750 -7.71 27.04 -10.33
C ASP C 750 -6.77 27.84 -9.44
N ALA C 751 -7.21 29.00 -8.97
CA ALA C 751 -6.40 29.91 -8.13
C ALA C 751 -6.81 29.79 -6.66
N ARG C 752 -7.87 29.07 -6.34
CA ARG C 752 -8.29 28.90 -4.93
C ARG C 752 -7.38 27.90 -4.21
N ASP C 753 -6.85 28.28 -3.05
CA ASP C 753 -6.03 27.38 -2.20
C ASP C 753 -6.94 26.54 -1.30
N ALA C 754 -6.84 25.21 -1.44
CA ALA C 754 -7.51 24.23 -0.57
C ALA C 754 -7.06 24.44 0.88
N GLU C 755 -5.85 24.96 1.10
CA GLU C 755 -5.35 25.28 2.46
C GLU C 755 -6.27 26.27 3.18
N VAL C 756 -7.00 27.13 2.45
CA VAL C 756 -7.99 28.03 3.10
C VAL C 756 -8.99 27.16 3.86
N LEU C 757 -9.51 26.11 3.22
CA LEU C 757 -10.54 25.25 3.81
C LEU C 757 -9.96 24.59 5.06
N ASN C 758 -8.71 24.14 4.92
CA ASN C 758 -7.97 23.43 6.00
C ASN C 758 -7.78 24.40 7.17
N CYS C 759 -7.40 25.64 6.88
CA CYS C 759 -7.22 26.68 7.94
C CYS C 759 -8.56 26.92 8.65
N MET C 760 -9.64 27.05 7.88
CA MET C 760 -10.98 27.31 8.45
C MET C 760 -11.43 26.12 9.30
N THR C 761 -11.09 24.89 8.91
CA THR C 761 -11.42 23.66 9.67
C THR C 761 -10.85 23.83 11.08
N THR C 762 -9.57 24.20 11.17
CA THR C 762 -8.89 24.38 12.47
C THR C 762 -9.60 25.49 13.24
N VAL C 763 -9.90 26.61 12.57
CA VAL C 763 -10.54 27.73 13.25
C VAL C 763 -11.87 27.25 13.83
N VAL C 764 -12.72 26.58 13.03
CA VAL C 764 -14.03 26.14 13.54
C VAL C 764 -13.81 25.11 14.65
N GLU C 765 -12.90 24.16 14.47
CA GLU C 765 -12.57 23.13 15.48
C GLU C 765 -12.27 23.79 16.83
N LYS C 766 -11.41 24.81 16.84
CA LYS C 766 -10.87 25.38 18.11
C LYS C 766 -11.81 26.41 18.71
N VAL C 767 -12.37 27.31 17.91
CA VAL C 767 -13.16 28.44 18.47
C VAL C 767 -14.54 28.58 17.80
N GLY C 768 -14.98 27.59 17.01
CA GLY C 768 -16.25 27.66 16.26
C GLY C 768 -17.43 28.02 17.14
N HIS C 769 -17.51 27.41 18.33
CA HIS C 769 -18.50 27.68 19.39
C HIS C 769 -18.54 29.18 19.72
N MET C 770 -17.41 29.90 19.63
CA MET C 770 -17.36 31.32 20.07
C MET C 770 -17.57 32.29 18.89
N ILE C 771 -17.66 31.84 17.64
CA ILE C 771 -17.77 32.74 16.45
C ILE C 771 -18.91 32.29 15.56
N PRO C 772 -20.15 32.24 16.07
CA PRO C 772 -21.27 31.73 15.27
C PRO C 772 -21.40 32.53 13.97
N GLN C 773 -21.21 33.86 14.03
CA GLN C 773 -21.30 34.75 12.85
C GLN C 773 -20.10 34.51 11.92
N GLY C 774 -18.90 34.33 12.46
CA GLY C 774 -17.73 33.89 11.66
C GLY C 774 -18.00 32.57 10.92
N VAL C 775 -18.65 31.59 11.55
CA VAL C 775 -18.85 30.27 10.91
C VAL C 775 -19.83 30.43 9.74
N ILE C 776 -20.85 31.27 9.90
CA ILE C 776 -21.81 31.63 8.81
C ILE C 776 -21.05 32.26 7.64
N LEU C 777 -20.15 33.21 7.94
CA LEU C 777 -19.31 33.90 6.92
C LEU C 777 -18.46 32.84 6.19
N ILE C 778 -17.88 31.91 6.94
CA ILE C 778 -17.06 30.82 6.35
C ILE C 778 -17.94 30.06 5.36
N LEU C 779 -19.11 29.58 5.76
CA LEU C 779 -20.03 28.85 4.83
C LEU C 779 -20.39 29.69 3.61
N GLN C 780 -20.80 30.94 3.81
CA GLN C 780 -21.23 31.84 2.72
C GLN C 780 -20.09 31.99 1.72
N SER C 781 -18.84 32.01 2.18
CA SER C 781 -17.68 32.28 1.31
C SER C 781 -17.24 31.04 0.55
N VAL C 782 -17.27 29.86 1.15
CA VAL C 782 -16.57 28.67 0.58
C VAL C 782 -17.59 27.61 0.12
N PHE C 783 -18.83 27.61 0.62
CA PHE C 783 -19.73 26.44 0.44
C PHE C 783 -20.13 26.23 -1.02
N GLU C 784 -20.85 27.18 -1.61
CA GLU C 784 -21.41 27.01 -2.96
C GLU C 784 -20.26 26.98 -3.98
N CYS C 785 -19.22 27.80 -3.82
CA CYS C 785 -18.21 27.86 -4.90
C CYS C 785 -17.34 26.61 -4.81
N THR C 786 -17.08 26.08 -3.62
CA THR C 786 -16.32 24.80 -3.53
C THR C 786 -17.21 23.65 -4.04
N LEU C 787 -18.49 23.60 -3.65
CA LEU C 787 -19.36 22.51 -4.12
C LEU C 787 -19.35 22.47 -5.65
N ASP C 788 -19.42 23.63 -6.32
CA ASP C 788 -19.46 23.74 -7.79
C ASP C 788 -18.15 23.24 -8.41
N MET C 789 -17.02 23.38 -7.71
CA MET C 789 -15.74 22.82 -8.19
C MET C 789 -15.77 21.29 -8.17
N ILE C 790 -16.46 20.65 -7.22
CA ILE C 790 -16.20 19.22 -6.91
C ILE C 790 -17.42 18.36 -7.28
N ASN C 791 -18.49 18.95 -7.82
CA ASN C 791 -19.75 18.22 -8.06
C ASN C 791 -19.94 17.87 -9.54
N LYS C 792 -18.90 17.94 -10.38
CA LYS C 792 -19.01 17.60 -11.83
C LYS C 792 -18.47 16.18 -12.06
N ASP C 793 -17.65 15.68 -11.17
CA ASP C 793 -16.97 14.36 -11.30
C ASP C 793 -16.38 14.05 -9.93
N PHE C 794 -15.75 12.89 -9.77
CA PHE C 794 -15.15 12.44 -8.49
C PHE C 794 -13.65 12.78 -8.44
N THR C 795 -13.05 13.35 -9.50
CA THR C 795 -11.56 13.44 -9.62
C THR C 795 -11.06 14.89 -9.51
N GLU C 796 -11.73 15.86 -10.11
CA GLU C 796 -11.24 17.27 -10.12
C GLU C 796 -11.05 17.78 -8.68
N TYR C 797 -9.98 18.56 -8.48
CA TYR C 797 -9.72 19.32 -7.23
C TYR C 797 -9.80 18.39 -6.04
N PRO C 798 -8.92 17.34 -6.04
CA PRO C 798 -8.94 16.32 -4.99
C PRO C 798 -8.71 16.88 -3.58
N GLU C 799 -7.82 17.87 -3.45
CA GLU C 799 -7.50 18.48 -2.13
C GLU C 799 -8.72 19.23 -1.61
N HIS C 800 -9.37 19.99 -2.49
CA HIS C 800 -10.56 20.83 -2.13
C HIS C 800 -11.68 19.91 -1.66
N ARG C 801 -11.90 18.83 -2.41
CA ARG C 801 -12.87 17.74 -2.10
C ARG C 801 -12.69 17.29 -0.66
N VAL C 802 -11.46 16.93 -0.30
CA VAL C 802 -11.14 16.36 1.04
C VAL C 802 -11.33 17.47 2.08
N GLU C 803 -10.76 18.64 1.83
CA GLU C 803 -10.81 19.74 2.85
C GLU C 803 -12.26 20.20 3.01
N PHE C 804 -13.04 20.21 1.94
CA PHE C 804 -14.43 20.69 1.94
C PHE C 804 -15.27 19.85 2.91
N TYR C 805 -15.18 18.52 2.84
CA TYR C 805 -15.98 17.64 3.72
C TYR C 805 -15.42 17.65 5.13
N LYS C 806 -14.12 17.85 5.31
CA LYS C 806 -13.55 18.07 6.67
C LYS C 806 -14.19 19.33 7.28
N LEU C 807 -14.28 20.42 6.51
CA LEU C 807 -14.85 21.67 7.03
C LEU C 807 -16.34 21.50 7.34
N LEU C 808 -17.13 20.92 6.43
CA LEU C 808 -18.57 20.71 6.68
C LEU C 808 -18.73 19.84 7.92
N LYS C 809 -17.89 18.82 8.09
CA LYS C 809 -17.99 17.89 9.24
C LYS C 809 -17.81 18.68 10.55
N VAL C 810 -16.76 19.48 10.65
CA VAL C 810 -16.50 20.23 11.91
C VAL C 810 -17.58 21.31 12.06
N ILE C 811 -18.03 21.96 10.98
CA ILE C 811 -19.12 22.97 11.15
C ILE C 811 -20.37 22.27 11.70
N ASN C 812 -20.66 21.07 11.20
CA ASN C 812 -21.87 20.31 11.58
C ASN C 812 -21.69 19.83 13.03
N GLU C 813 -20.46 19.53 13.46
CA GLU C 813 -20.16 19.11 14.85
C GLU C 813 -20.26 20.30 15.82
N LYS C 814 -19.69 21.46 15.46
CA LYS C 814 -19.43 22.57 16.42
C LYS C 814 -20.44 23.70 16.31
N SER C 815 -20.96 23.97 15.12
CA SER C 815 -21.77 25.19 14.90
C SER C 815 -22.90 24.86 13.93
N PHE C 816 -23.67 23.83 14.27
CA PHE C 816 -24.82 23.34 13.48
C PHE C 816 -25.79 24.50 13.21
N ALA C 817 -25.87 25.49 14.11
CA ALA C 817 -26.67 26.73 13.95
C ALA C 817 -26.40 27.37 12.58
N ALA C 818 -25.16 27.30 12.07
CA ALA C 818 -24.81 27.90 10.75
C ALA C 818 -25.63 27.24 9.62
N PHE C 819 -25.94 25.93 9.72
CA PHE C 819 -26.77 25.22 8.72
C PHE C 819 -28.24 25.62 8.91
N LEU C 820 -28.69 25.82 10.15
CA LEU C 820 -30.06 26.32 10.46
C LEU C 820 -30.30 27.68 9.81
N GLU C 821 -29.26 28.51 9.63
CA GLU C 821 -29.40 29.89 9.09
C GLU C 821 -29.39 29.85 7.57
N LEU C 822 -28.97 28.73 6.95
CA LEU C 822 -28.94 28.64 5.46
C LEU C 822 -30.36 28.82 4.94
N PRO C 823 -30.54 29.52 3.79
CA PRO C 823 -31.82 29.53 3.10
C PRO C 823 -32.18 28.10 2.69
N PRO C 824 -33.48 27.73 2.68
CA PRO C 824 -33.91 26.40 2.22
C PRO C 824 -33.11 25.81 1.05
N ALA C 825 -32.83 26.60 0.00
CA ALA C 825 -32.17 26.14 -1.25
C ALA C 825 -30.73 25.72 -0.95
N ALA C 826 -30.06 26.47 -0.08
CA ALA C 826 -28.67 26.21 0.32
C ALA C 826 -28.66 24.96 1.21
N PHE C 827 -29.66 24.79 2.08
CA PHE C 827 -29.77 23.61 2.96
C PHE C 827 -30.00 22.37 2.11
N LYS C 828 -30.78 22.51 1.03
CA LYS C 828 -30.96 21.42 0.04
C LYS C 828 -29.58 21.10 -0.56
N LEU C 829 -28.79 22.10 -0.95
CA LEU C 829 -27.43 21.86 -1.50
C LEU C 829 -26.58 21.11 -0.46
N PHE C 830 -26.76 21.40 0.83
CA PHE C 830 -25.99 20.77 1.91
C PHE C 830 -26.31 19.27 1.91
N VAL C 831 -27.59 18.90 1.89
CA VAL C 831 -28.00 17.47 1.83
C VAL C 831 -27.44 16.83 0.56
N ASP C 832 -27.56 17.51 -0.58
CA ASP C 832 -27.03 17.05 -1.89
C ASP C 832 -25.51 16.85 -1.75
N ALA C 833 -24.81 17.76 -1.08
CA ALA C 833 -23.36 17.65 -0.88
C ALA C 833 -23.02 16.37 -0.10
N ILE C 834 -23.80 16.08 0.94
CA ILE C 834 -23.50 14.89 1.81
C ILE C 834 -23.66 13.60 1.01
N CYS C 835 -24.78 13.46 0.30
CA CYS C 835 -25.03 12.24 -0.51
C CYS C 835 -23.96 12.13 -1.60
N TRP C 836 -23.53 13.26 -2.15
CA TRP C 836 -22.44 13.26 -3.15
C TRP C 836 -21.19 12.62 -2.54
N ALA C 837 -20.86 12.99 -1.30
CA ALA C 837 -19.70 12.40 -0.61
C ALA C 837 -19.89 10.88 -0.45
N PHE C 838 -21.12 10.45 -0.12
CA PHE C 838 -21.43 9.00 0.02
C PHE C 838 -21.03 8.25 -1.25
N LYS C 839 -21.25 8.85 -2.42
CA LYS C 839 -21.00 8.15 -3.70
C LYS C 839 -19.52 8.20 -4.09
N HIS C 840 -18.69 8.88 -3.30
CA HIS C 840 -17.24 8.94 -3.58
C HIS C 840 -16.59 7.60 -3.26
N ASN C 841 -15.58 7.21 -4.04
CA ASN C 841 -14.81 5.97 -3.75
C ASN C 841 -13.64 6.37 -2.86
N ASN C 842 -13.20 7.62 -2.95
CA ASN C 842 -12.11 8.12 -2.07
C ASN C 842 -12.55 7.93 -0.62
N ARG C 843 -11.82 7.13 0.15
CA ARG C 843 -12.22 6.82 1.55
C ARG C 843 -12.33 8.12 2.36
N ASP C 844 -11.42 9.08 2.13
CA ASP C 844 -11.41 10.31 2.95
C ASP C 844 -12.76 11.00 2.85
N VAL C 845 -13.25 11.25 1.63
CA VAL C 845 -14.54 11.97 1.44
C VAL C 845 -15.71 11.08 1.88
N GLU C 846 -15.69 9.80 1.50
CA GLU C 846 -16.83 8.89 1.79
C GLU C 846 -17.09 8.81 3.30
N VAL C 847 -16.05 8.59 4.10
CA VAL C 847 -16.21 8.43 5.57
C VAL C 847 -16.76 9.73 6.17
N ASN C 848 -16.18 10.87 5.78
CA ASN C 848 -16.65 12.19 6.30
C ASN C 848 -18.12 12.39 5.91
N GLY C 849 -18.48 12.04 4.68
CA GLY C 849 -19.88 12.20 4.21
C GLY C 849 -20.85 11.40 5.06
N LEU C 850 -20.52 10.14 5.33
CA LEU C 850 -21.40 9.27 6.15
C LEU C 850 -21.41 9.80 7.59
N GLN C 851 -20.27 10.30 8.07
CA GLN C 851 -20.17 10.84 9.45
C GLN C 851 -21.02 12.11 9.54
N ILE C 852 -20.89 13.00 8.55
CA ILE C 852 -21.73 14.24 8.50
C ILE C 852 -23.19 13.80 8.56
N ALA C 853 -23.62 12.82 7.74
CA ALA C 853 -25.04 12.40 7.67
C ALA C 853 -25.54 11.98 9.05
N LEU C 854 -24.77 11.13 9.72
CA LEU C 854 -25.06 10.55 11.06
C LEU C 854 -25.17 11.70 12.06
N ASP C 855 -24.17 12.59 12.07
CA ASP C 855 -24.09 13.79 12.95
C ASP C 855 -25.29 14.71 12.68
N LEU C 856 -25.64 14.91 11.40
CA LEU C 856 -26.80 15.75 11.02
C LEU C 856 -28.09 15.13 11.59
N VAL C 857 -28.25 13.82 11.46
CA VAL C 857 -29.46 13.13 11.98
C VAL C 857 -29.51 13.36 13.50
N LYS C 858 -28.38 13.16 14.17
CA LYS C 858 -28.23 13.43 15.63
C LYS C 858 -28.58 14.91 15.88
N ASN C 859 -28.07 15.85 15.08
CA ASN C 859 -28.34 17.31 15.28
C ASN C 859 -29.83 17.59 15.16
N ILE C 860 -30.51 17.01 14.17
CA ILE C 860 -31.98 17.21 13.98
C ILE C 860 -32.73 16.56 15.17
N GLU C 861 -32.35 15.34 15.53
CA GLU C 861 -32.94 14.59 16.67
C GLU C 861 -32.91 15.48 17.92
N ARG C 862 -31.76 16.07 18.25
CA ARG C 862 -31.55 16.94 19.44
C ARG C 862 -32.56 18.09 19.49
N MET C 863 -33.05 18.57 18.35
CA MET C 863 -33.96 19.75 18.28
C MET C 863 -35.34 19.39 18.85
N GLY C 864 -35.66 18.11 18.96
CA GLY C 864 -36.95 17.62 19.48
C GLY C 864 -38.07 17.94 18.52
N ASN C 865 -39.28 18.08 19.04
CA ASN C 865 -40.51 18.18 18.21
C ASN C 865 -40.75 19.64 17.82
N VAL C 866 -39.97 20.18 16.87
CA VAL C 866 -40.11 21.58 16.36
C VAL C 866 -40.23 21.55 14.84
N PRO C 867 -40.74 22.63 14.22
CA PRO C 867 -41.01 22.69 12.79
C PRO C 867 -39.81 22.32 11.90
N PHE C 868 -38.61 22.77 12.25
CA PHE C 868 -37.42 22.60 11.39
C PHE C 868 -37.11 21.11 11.27
N ALA C 869 -37.12 20.40 12.39
CA ALA C 869 -36.87 18.94 12.49
C ALA C 869 -37.96 18.17 11.74
N ASN C 870 -39.21 18.59 11.85
CA ASN C 870 -40.35 17.92 11.18
C ASN C 870 -40.21 18.12 9.66
N GLU C 871 -39.92 19.33 9.21
CA GLU C 871 -39.68 19.70 7.79
C GLU C 871 -38.47 18.90 7.25
N PHE C 872 -37.40 18.83 8.04
CA PHE C 872 -36.17 18.09 7.66
C PHE C 872 -36.54 16.64 7.31
N HIS C 873 -37.28 15.97 8.17
CA HIS C 873 -37.67 14.55 7.97
C HIS C 873 -38.60 14.41 6.76
N LYS C 874 -39.58 15.31 6.63
CA LYS C 874 -40.49 15.31 5.45
C LYS C 874 -39.69 15.51 4.16
N ASN C 875 -38.61 16.29 4.17
CA ASN C 875 -37.89 16.69 2.93
C ASN C 875 -36.78 15.67 2.61
N TYR C 876 -36.19 15.07 3.63
CA TYR C 876 -34.84 14.48 3.49
C TYR C 876 -34.76 13.05 4.02
N PHE C 877 -35.71 12.59 4.84
CA PHE C 877 -35.58 11.26 5.51
C PHE C 877 -35.42 10.18 4.45
N PHE C 878 -36.32 10.18 3.46
CA PHE C 878 -36.31 9.16 2.38
C PHE C 878 -35.12 9.38 1.44
N ILE C 879 -34.73 10.62 1.16
CA ILE C 879 -33.47 10.88 0.42
C ILE C 879 -32.32 10.16 1.14
N PHE C 880 -32.16 10.28 2.46
CA PHE C 880 -31.00 9.66 3.16
C PHE C 880 -31.15 8.14 3.17
N VAL C 881 -32.36 7.65 3.33
CA VAL C 881 -32.55 6.17 3.40
C VAL C 881 -32.17 5.56 2.04
N SER C 882 -32.59 6.19 0.94
CA SER C 882 -32.48 5.63 -0.43
C SER C 882 -31.05 5.85 -0.93
N GLU C 883 -30.46 7.01 -0.66
CA GLU C 883 -29.04 7.26 -1.00
C GLU C 883 -28.15 6.25 -0.26
N THR C 884 -28.47 5.93 1.00
CA THR C 884 -27.67 4.98 1.81
C THR C 884 -27.82 3.56 1.23
N PHE C 885 -29.05 3.12 0.97
CA PHE C 885 -29.30 1.83 0.29
C PHE C 885 -28.53 1.78 -1.03
N PHE C 886 -28.51 2.86 -1.81
CA PHE C 886 -27.84 2.90 -3.13
C PHE C 886 -26.37 2.51 -2.97
N VAL C 887 -25.66 3.15 -2.06
CA VAL C 887 -24.20 2.91 -1.91
C VAL C 887 -23.98 1.56 -1.23
N LEU C 888 -24.92 1.11 -0.39
CA LEU C 888 -24.84 -0.24 0.23
C LEU C 888 -24.90 -1.32 -0.85
N THR C 889 -25.72 -1.15 -1.86
CA THR C 889 -26.13 -2.27 -2.77
C THR C 889 -25.47 -2.19 -4.15
N ASP C 890 -24.74 -1.14 -4.50
CA ASP C 890 -24.31 -0.96 -5.91
C ASP C 890 -22.93 -1.60 -6.11
N SER C 891 -22.33 -2.16 -5.05
CA SER C 891 -21.07 -2.94 -5.08
C SER C 891 -19.85 -2.04 -5.32
N ASP C 892 -20.03 -0.71 -5.43
CA ASP C 892 -18.92 0.21 -5.78
C ASP C 892 -18.43 0.95 -4.53
N HIS C 893 -18.95 0.62 -3.33
CA HIS C 893 -18.70 1.40 -2.08
C HIS C 893 -18.54 0.47 -0.87
N LYS C 894 -17.85 -0.65 -1.05
CA LYS C 894 -17.76 -1.71 -0.02
C LYS C 894 -16.97 -1.21 1.20
N SER C 895 -16.01 -0.31 1.02
CA SER C 895 -15.16 0.20 2.14
C SER C 895 -16.02 1.03 3.11
N GLY C 896 -17.12 1.64 2.63
CA GLY C 896 -18.06 2.43 3.45
C GLY C 896 -19.10 1.59 4.20
N PHE C 897 -19.02 0.26 4.11
CA PHE C 897 -20.11 -0.66 4.54
C PHE C 897 -20.54 -0.36 5.97
N SER C 898 -19.57 -0.31 6.90
CA SER C 898 -19.85 -0.20 8.36
C SER C 898 -20.59 1.09 8.67
N LYS C 899 -20.19 2.20 8.05
CA LYS C 899 -20.80 3.52 8.34
C LYS C 899 -22.12 3.66 7.58
N GLN C 900 -22.24 3.06 6.41
CA GLN C 900 -23.57 2.97 5.74
C GLN C 900 -24.53 2.24 6.67
N ALA C 901 -24.11 1.11 7.23
CA ALA C 901 -24.98 0.25 8.07
C ALA C 901 -25.43 1.04 9.30
N LEU C 902 -24.48 1.77 9.91
CA LEU C 902 -24.71 2.57 11.13
C LEU C 902 -25.76 3.63 10.78
N LEU C 903 -25.59 4.32 9.67
CA LEU C 903 -26.52 5.40 9.24
C LEU C 903 -27.90 4.78 8.96
N LEU C 904 -27.94 3.68 8.23
CA LEU C 904 -29.27 3.09 7.90
C LEU C 904 -29.96 2.67 9.20
N MET C 905 -29.20 2.05 10.12
CA MET C 905 -29.77 1.60 11.42
C MET C 905 -30.31 2.82 12.18
N LYS C 906 -29.61 3.96 12.15
CA LYS C 906 -30.11 5.20 12.82
C LYS C 906 -31.44 5.61 12.22
N LEU C 907 -31.49 5.72 10.89
CA LEU C 907 -32.71 6.14 10.15
C LEU C 907 -33.88 5.19 10.45
N ILE C 908 -33.66 3.87 10.43
CA ILE C 908 -34.77 2.88 10.64
C ILE C 908 -35.19 2.95 12.13
N SER C 909 -34.26 3.03 13.08
CA SER C 909 -34.60 3.11 14.52
C SER C 909 -35.41 4.37 14.82
N LEU C 910 -35.15 5.50 14.15
CA LEU C 910 -36.00 6.72 14.34
C LEU C 910 -37.47 6.38 14.13
N VAL C 911 -37.78 5.63 13.07
CA VAL C 911 -39.18 5.26 12.74
C VAL C 911 -39.66 4.16 13.70
N TYR C 912 -38.84 3.15 14.01
CA TYR C 912 -39.31 2.00 14.82
C TYR C 912 -39.39 2.39 16.30
N ASP C 913 -38.83 3.55 16.70
CA ASP C 913 -39.03 4.15 18.05
C ASP C 913 -40.19 5.14 18.03
N ASN C 914 -40.65 5.56 16.85
CA ASN C 914 -41.67 6.63 16.72
C ASN C 914 -41.08 7.95 17.22
N LYS C 915 -39.81 8.19 16.94
CA LYS C 915 -39.13 9.46 17.28
C LYS C 915 -39.32 10.49 16.16
N ILE C 916 -40.19 10.25 15.18
CA ILE C 916 -40.51 11.26 14.12
C ILE C 916 -41.97 11.65 14.29
N SER C 917 -42.23 12.92 14.55
CA SER C 917 -43.51 13.40 15.13
C SER C 917 -44.57 13.59 14.04
N VAL C 918 -44.20 13.74 12.77
CA VAL C 918 -45.19 13.96 11.67
C VAL C 918 -45.26 12.73 10.78
N PRO C 919 -46.32 12.59 9.95
CA PRO C 919 -46.32 11.60 8.88
C PRO C 919 -45.21 11.91 7.86
N LEU C 920 -44.47 10.89 7.44
CA LEU C 920 -43.43 11.03 6.38
C LEU C 920 -44.09 10.97 5.00
N TYR C 921 -45.33 10.50 4.92
CA TYR C 921 -46.10 10.37 3.66
C TYR C 921 -46.99 11.60 3.48
N GLN C 922 -47.11 12.12 2.26
CA GLN C 922 -47.98 13.31 1.96
C GLN C 922 -49.43 12.81 1.81
N GLU C 923 -50.41 13.63 2.18
CA GLU C 923 -51.84 13.22 2.34
C GLU C 923 -52.38 12.57 1.06
N ALA C 924 -53.22 11.55 1.23
CA ALA C 924 -53.97 10.83 0.17
C ALA C 924 -53.03 9.86 -0.54
N GLU C 925 -51.99 9.40 0.15
CA GLU C 925 -50.98 8.43 -0.36
C GLU C 925 -51.11 7.11 0.42
N VAL C 926 -51.91 7.10 1.47
CA VAL C 926 -52.05 5.99 2.45
C VAL C 926 -53.14 6.42 3.44
N PRO C 927 -53.88 5.48 4.08
CA PRO C 927 -54.88 5.85 5.09
C PRO C 927 -54.27 6.81 6.11
N GLN C 928 -55.02 7.86 6.47
CA GLN C 928 -54.50 9.06 7.19
C GLN C 928 -54.08 8.69 8.62
N GLY C 929 -54.57 7.57 9.17
CA GLY C 929 -54.12 7.04 10.48
C GLY C 929 -52.67 6.51 10.47
N THR C 930 -52.14 6.06 9.32
CA THR C 930 -51.05 5.07 9.17
C THR C 930 -49.74 5.50 9.86
N SER C 931 -49.10 4.58 10.59
CA SER C 931 -47.81 4.77 11.29
C SER C 931 -46.70 4.95 10.24
N ASN C 932 -45.66 5.72 10.58
CA ASN C 932 -44.47 5.86 9.73
C ASN C 932 -43.81 4.48 9.56
N GLN C 933 -43.95 3.58 10.53
CA GLN C 933 -43.43 2.19 10.46
C GLN C 933 -44.00 1.46 9.23
N VAL C 934 -45.32 1.38 9.12
CA VAL C 934 -46.03 0.72 7.99
C VAL C 934 -45.58 1.42 6.69
N TYR C 935 -45.60 2.75 6.64
CA TYR C 935 -45.27 3.49 5.41
C TYR C 935 -43.81 3.25 5.01
N LEU C 936 -42.87 3.20 5.96
CA LEU C 936 -41.43 2.93 5.71
C LEU C 936 -41.26 1.53 5.12
N SER C 937 -41.89 0.52 5.73
CA SER C 937 -41.92 -0.87 5.23
C SER C 937 -42.38 -0.88 3.77
N GLN C 938 -43.43 -0.13 3.50
CA GLN C 938 -44.09 -0.07 2.17
C GLN C 938 -43.16 0.63 1.18
N TYR C 939 -42.57 1.77 1.57
CA TYR C 939 -41.67 2.56 0.72
C TYR C 939 -40.46 1.69 0.37
N LEU C 940 -39.86 1.03 1.37
CA LEU C 940 -38.64 0.22 1.16
C LEU C 940 -38.99 -0.99 0.28
N ALA C 941 -40.12 -1.64 0.52
CA ALA C 941 -40.55 -2.81 -0.27
C ALA C 941 -40.64 -2.36 -1.73
N ASN C 942 -41.28 -1.23 -1.99
CA ASN C 942 -41.47 -0.69 -3.34
C ASN C 942 -40.11 -0.35 -3.95
N MET C 943 -39.25 0.33 -3.20
CA MET C 943 -37.96 0.82 -3.71
C MET C 943 -37.11 -0.41 -4.05
N LEU C 944 -37.06 -1.41 -3.19
CA LEU C 944 -36.17 -2.59 -3.42
C LEU C 944 -36.74 -3.42 -4.58
N SER C 945 -38.04 -3.55 -4.68
CA SER C 945 -38.70 -4.27 -5.78
C SER C 945 -38.30 -3.66 -7.13
N ASN C 946 -38.35 -2.32 -7.23
CA ASN C 946 -37.97 -1.59 -8.46
C ASN C 946 -36.47 -1.73 -8.72
N ALA C 947 -35.63 -1.63 -7.69
CA ALA C 947 -34.18 -1.64 -7.83
C ALA C 947 -33.69 -3.07 -8.12
N PHE C 948 -34.35 -4.09 -7.57
CA PHE C 948 -33.93 -5.50 -7.66
C PHE C 948 -35.12 -6.33 -8.08
N PRO C 949 -35.59 -6.18 -9.34
CA PRO C 949 -36.84 -6.80 -9.77
C PRO C 949 -36.80 -8.33 -9.70
N HIS C 950 -35.61 -8.91 -9.64
CA HIS C 950 -35.48 -10.37 -9.63
C HIS C 950 -35.76 -10.94 -8.24
N LEU C 951 -35.79 -10.11 -7.19
CA LEU C 951 -36.16 -10.60 -5.83
C LEU C 951 -37.65 -10.89 -5.84
N THR C 952 -38.09 -11.90 -5.09
CA THR C 952 -39.53 -12.10 -4.79
C THR C 952 -39.99 -11.07 -3.76
N SER C 953 -41.29 -10.89 -3.68
CA SER C 953 -41.93 -10.05 -2.63
C SER C 953 -41.58 -10.60 -1.25
N GLU C 954 -41.50 -11.93 -1.12
CA GLU C 954 -41.27 -12.66 0.14
C GLU C 954 -39.84 -12.36 0.63
N GLN C 955 -38.84 -12.41 -0.26
CA GLN C 955 -37.43 -12.06 0.07
C GLN C 955 -37.39 -10.64 0.62
N ILE C 956 -37.98 -9.69 -0.09
CA ILE C 956 -37.92 -8.24 0.31
C ILE C 956 -38.63 -8.08 1.66
N ALA C 957 -39.83 -8.62 1.81
CA ALA C 957 -40.63 -8.57 3.06
C ALA C 957 -39.82 -9.18 4.20
N SER C 958 -39.19 -10.35 4.02
CA SER C 958 -38.44 -11.07 5.08
C SER C 958 -37.19 -10.28 5.47
N PHE C 959 -36.50 -9.75 4.45
CA PHE C 959 -35.31 -8.90 4.65
C PHE C 959 -35.66 -7.67 5.50
N LEU C 960 -36.74 -6.98 5.14
CA LEU C 960 -37.16 -5.71 5.79
C LEU C 960 -37.69 -6.00 7.21
N SER C 961 -38.41 -7.11 7.38
CA SER C 961 -38.90 -7.61 8.69
C SER C 961 -37.68 -7.84 9.61
N ALA C 962 -36.63 -8.51 9.12
CA ALA C 962 -35.39 -8.76 9.85
C ALA C 962 -34.70 -7.41 10.17
N LEU C 963 -34.46 -6.58 9.14
CA LEU C 963 -33.79 -5.27 9.28
C LEU C 963 -34.45 -4.45 10.40
N THR C 964 -35.78 -4.31 10.40
CA THR C 964 -36.50 -3.43 11.36
C THR C 964 -36.41 -4.04 12.78
N LYS C 965 -36.44 -5.37 12.92
CA LYS C 965 -36.28 -6.07 14.23
C LYS C 965 -34.87 -5.88 14.78
N GLN C 966 -33.89 -5.65 13.92
CA GLN C 966 -32.47 -5.79 14.30
C GLN C 966 -31.85 -4.39 14.35
N CYS C 967 -32.67 -3.34 14.32
CA CYS C 967 -32.18 -1.96 14.15
C CYS C 967 -31.65 -1.42 15.49
N LYS C 968 -31.60 -2.23 16.55
CA LYS C 968 -30.87 -1.90 17.81
C LYS C 968 -29.68 -2.82 18.00
N ASP C 969 -29.26 -3.57 16.98
CA ASP C 969 -28.13 -4.55 17.12
C ASP C 969 -27.26 -4.54 15.85
N LEU C 970 -26.22 -3.71 15.84
CA LEU C 970 -25.45 -3.37 14.63
C LEU C 970 -24.82 -4.62 14.01
N VAL C 971 -24.23 -5.52 14.81
CA VAL C 971 -23.48 -6.67 14.22
C VAL C 971 -24.48 -7.52 13.43
N VAL C 972 -25.66 -7.70 13.97
CA VAL C 972 -26.71 -8.60 13.43
C VAL C 972 -27.35 -7.90 12.23
N PHE C 973 -27.78 -6.65 12.39
CA PHE C 973 -28.23 -5.71 11.32
C PHE C 973 -27.27 -5.80 10.14
N LYS C 974 -25.98 -5.67 10.40
CA LYS C 974 -24.93 -5.80 9.37
C LYS C 974 -24.96 -7.21 8.76
N GLY C 975 -25.13 -8.26 9.58
CA GLY C 975 -25.27 -9.63 9.04
C GLY C 975 -26.43 -9.68 8.03
N THR C 976 -27.55 -9.05 8.36
CA THR C 976 -28.77 -9.07 7.52
C THR C 976 -28.50 -8.29 6.23
N LEU C 977 -27.79 -7.15 6.33
CA LEU C 977 -27.38 -6.38 5.16
C LEU C 977 -26.47 -7.25 4.27
N ARG C 978 -25.48 -7.95 4.84
CA ARG C 978 -24.56 -8.79 4.02
C ARG C 978 -25.34 -9.93 3.36
N ASP C 979 -26.33 -10.46 4.06
CA ASP C 979 -27.20 -11.55 3.55
C ASP C 979 -27.93 -11.02 2.32
N PHE C 980 -28.45 -9.81 2.41
CA PHE C 980 -29.20 -9.15 1.31
C PHE C 980 -28.22 -8.93 0.13
N LEU C 981 -27.00 -8.51 0.40
CA LEU C 981 -25.97 -8.28 -0.66
C LEU C 981 -25.62 -9.58 -1.36
N VAL C 982 -25.67 -10.72 -0.69
CA VAL C 982 -25.48 -12.04 -1.35
C VAL C 982 -26.70 -12.32 -2.21
N GLN C 983 -27.89 -12.15 -1.66
CA GLN C 983 -29.14 -12.57 -2.33
C GLN C 983 -29.41 -11.73 -3.59
N ILE C 984 -29.02 -10.46 -3.62
CA ILE C 984 -29.29 -9.61 -4.81
C ILE C 984 -28.38 -10.01 -5.97
N LYS C 985 -27.38 -10.86 -5.73
CA LYS C 985 -26.45 -11.29 -6.79
C LYS C 985 -26.97 -12.57 -7.40
N GLU C 986 -28.10 -13.09 -6.94
CA GLU C 986 -28.59 -14.37 -7.46
C GLU C 986 -30.11 -14.32 -7.53
N VAL C 987 -30.65 -15.33 -8.17
CA VAL C 987 -32.11 -15.59 -8.27
C VAL C 987 -32.45 -16.69 -7.26
N GLY C 988 -33.55 -16.51 -6.55
CA GLY C 988 -34.24 -17.58 -5.83
C GLY C 988 -33.61 -17.75 -4.48
N GLY C 989 -33.03 -16.69 -3.92
CA GLY C 989 -32.55 -16.66 -2.53
C GLY C 989 -33.68 -17.01 -1.56
N ASP C 990 -33.38 -17.81 -0.56
CA ASP C 990 -34.36 -18.30 0.45
C ASP C 990 -34.73 -17.15 1.37
N PRO C 991 -36.02 -16.75 1.44
CA PRO C 991 -36.43 -15.67 2.35
C PRO C 991 -36.27 -16.06 3.83
N THR C 992 -36.20 -17.36 4.16
CA THR C 992 -36.02 -17.81 5.57
C THR C 992 -34.59 -17.51 6.05
N ASP C 993 -33.64 -17.26 5.14
CA ASP C 993 -32.26 -16.86 5.48
C ASP C 993 -32.23 -15.69 6.46
N TYR C 994 -33.20 -14.78 6.33
CA TYR C 994 -33.29 -13.55 7.16
C TYR C 994 -33.82 -13.84 8.58
N LEU C 995 -34.23 -15.07 8.91
CA LEU C 995 -34.51 -15.50 10.31
C LEU C 995 -33.24 -16.02 10.98
N PHE C 996 -32.08 -16.01 10.34
CA PHE C 996 -30.84 -16.57 10.92
C PHE C 996 -30.63 -16.03 12.34
N ALA C 997 -30.25 -16.93 13.25
CA ALA C 997 -29.92 -16.53 14.64
C ALA C 997 -28.76 -17.42 15.11
#